data_8T80
# 
_entry.id   8T80 
# 
_audit_conform.dict_name       mmcif_pdbx.dic 
_audit_conform.dict_version    5.383 
_audit_conform.dict_location   http://mmcif.pdb.org/dictionaries/ascii/mmcif_pdbx.dic 
# 
loop_
_database_2.database_id 
_database_2.database_code 
_database_2.pdbx_database_accession 
_database_2.pdbx_DOI 
PDB   8T80         pdb_00008t80 10.2210/pdb8t80/pdb 
WWPDB D_1000275281 ?            ?                   
# 
_pdbx_database_status.status_code                     REL 
_pdbx_database_status.status_code_sf                  REL 
_pdbx_database_status.status_code_mr                  ? 
_pdbx_database_status.entry_id                        8T80 
_pdbx_database_status.recvd_initial_deposition_date   2023-06-21 
_pdbx_database_status.SG_entry                        N 
_pdbx_database_status.deposit_site                    RCSB 
_pdbx_database_status.process_site                    RCSB 
_pdbx_database_status.status_code_cs                  ? 
_pdbx_database_status.status_code_nmr_data            ? 
_pdbx_database_status.methods_development_category    ? 
_pdbx_database_status.pdb_format_compatible           Y 
# 
loop_
_audit_author.name 
_audit_author.pdbx_ordinal 
_audit_author.identifier_ORCID 
'Simmons, C.R.'      1 0000-0002-2290-6132 
'MacCulloch, T.'     2 0000-0001-5875-3361 
'Stephanopoulos, N.' 3 0000-0001-7859-410X 
'Yan, H.'            4 0000-0001-7397-9852 
# 
_citation.abstract                  ? 
_citation.abstract_id_CAS           ? 
_citation.book_id_ISBN              ? 
_citation.book_publisher            ? 
_citation.book_publisher_city       ? 
_citation.book_title                ? 
_citation.coordinate_linkage        ? 
_citation.country                   US 
_citation.database_id_Medline       ? 
_citation.details                   ? 
_citation.id                        primary 
_citation.journal_abbrev            J.Am.Chem.Soc. 
_citation.journal_id_ASTM           JACSAT 
_citation.journal_id_CSD            ? 
_citation.journal_id_ISSN           1520-5126 
_citation.journal_full              ? 
_citation.journal_issue             ? 
_citation.journal_volume            145 
_citation.language                  ? 
_citation.page_first                26075 
_citation.page_last                 26085 
_citation.title                     
;Site-Specific Arrangement and Structure Determination of Minor Groove Binding Molecules in Self-Assembled Three-Dimensional DNA Crystals.
;
_citation.year                      2023 
_citation.database_id_CSD           ? 
_citation.pdbx_database_id_DOI      10.1021/jacs.3c07802 
_citation.pdbx_database_id_PubMed   37987645 
_citation.pdbx_database_id_patent   ? 
_citation.unpublished_flag          ? 
# 
loop_
_citation_author.citation_id 
_citation_author.name 
_citation_author.ordinal 
_citation_author.identifier_ORCID 
primary 'Simmons, C.R.'      1 0000-0002-2290-6132 
primary 'Buchberger, A.'     2 ?                   
primary 'Henry, S.J.W.'      3 0000-0002-5132-3948 
primary 'Novacek, A.'        4 ?                   
primary 'Fahmi, N.E.'        5 ?                   
primary 'MacCulloch, T.'     6 ?                   
primary 'Stephanopoulos, N.' 7 0000-0001-7859-410X 
primary 'Yan, H.'            8 0000-0001-7397-9852 
# 
_cell.angle_alpha                  90.00 
_cell.angle_alpha_esd              ? 
_cell.angle_beta                   90.00 
_cell.angle_beta_esd               ? 
_cell.angle_gamma                  120.00 
_cell.angle_gamma_esd              ? 
_cell.entry_id                     8T80 
_cell.details                      ? 
_cell.formula_units_Z              ? 
_cell.length_a                     68.503 
_cell.length_a_esd                 ? 
_cell.length_b                     68.503 
_cell.length_b_esd                 ? 
_cell.length_c                     59.129 
_cell.length_c_esd                 ? 
_cell.volume                       ? 
_cell.volume_esd                   ? 
_cell.Z_PDB                        3 
_cell.reciprocal_angle_alpha       ? 
_cell.reciprocal_angle_beta        ? 
_cell.reciprocal_angle_gamma       ? 
_cell.reciprocal_angle_alpha_esd   ? 
_cell.reciprocal_angle_beta_esd    ? 
_cell.reciprocal_angle_gamma_esd   ? 
_cell.reciprocal_length_a          ? 
_cell.reciprocal_length_b          ? 
_cell.reciprocal_length_c          ? 
_cell.reciprocal_length_a_esd      ? 
_cell.reciprocal_length_b_esd      ? 
_cell.reciprocal_length_c_esd      ? 
_cell.pdbx_unique_axis             ? 
_cell.pdbx_esd_method              ? 
# 
_symmetry.entry_id                         8T80 
_symmetry.cell_setting                     ? 
_symmetry.Int_Tables_number                145 
_symmetry.space_group_name_Hall            ? 
_symmetry.space_group_name_H-M             'P 32' 
_symmetry.pdbx_full_space_group_name_H-M   ? 
# 
loop_
_entity.id 
_entity.type 
_entity.src_method 
_entity.pdbx_description 
_entity.formula_weight 
_entity.pdbx_number_of_molecules 
_entity.pdbx_ec 
_entity.pdbx_mutation 
_entity.pdbx_fragment 
_entity.details 
1 polymer     syn 
;DNA (5'-D(*GP*AP*GP*AP*AP*TP*TP*CP*CP*TP*GP*AP*CP*GP*AP*CP*AP*AP*TP*TP*A)-3')
;
6455.211 1 ? ? ? ? 
2 polymer     syn 
;DNA (5'-D(P*CP*GP*TP*CP*G)-3')
;
1496.011 1 ? ? ? ? 
3 polymer     syn 
;DNA (5'-D(*TP*CP*TP*AP*AP*TP*TP*GP*T)-3')
;
2720.808 1 ? ? ? ? 
4 polymer     syn 
;DNA (5'-D(P*GP*GP*AP*AP*TP*TP*C)-3')
;
2137.435 1 ? ? ? ? 
5 non-polymer syn 'MAGNESIUM ION'                                                                 24.305   1 ? ? ? ? 
6 non-polymer syn "2'-(4-ETHOXYPHENYL)-5-(4-METHYL-1-PIPERAZINYL)-2,5'-BI-BENZIMIDAZOLE"          452.551  2 ? ? ? ? 
7 water       nat water                                                                           18.015   6 ? ? ? ? 
# 
loop_
_entity_poly.entity_id 
_entity_poly.type 
_entity_poly.nstd_linkage 
_entity_poly.nstd_monomer 
_entity_poly.pdbx_seq_one_letter_code 
_entity_poly.pdbx_seq_one_letter_code_can 
_entity_poly.pdbx_strand_id 
_entity_poly.pdbx_target_identifier 
1 polydeoxyribonucleotide no no 
;(DG)(DA)(DG)(DA)(DA)(DT)(DT)(DC)(DC)(DT)(DG)(DA)(DC)(DG)(DA)(DC)(DA)(DA)(DT)(DT)
(DA)
;
GAGAATTCCTGACGACAATTA A ? 
2 polydeoxyribonucleotide no no '(DC)(DG)(DT)(DC)(DG)'                                                                  CGTCG B ? 
3 polydeoxyribonucleotide no no '(DT)(DC)(DT)(DA)(DA)(DT)(DT)(DG)(DT)'                                                  TCTAATTGT 
C ? 
4 polydeoxyribonucleotide no no '(DG)(DG)(DA)(DA)(DT)(DT)(DC)'                                                          GGAATTC D 
? 
# 
loop_
_entity_poly_seq.entity_id 
_entity_poly_seq.num 
_entity_poly_seq.mon_id 
_entity_poly_seq.hetero 
1 1  DG n 
1 2  DA n 
1 3  DG n 
1 4  DA n 
1 5  DA n 
1 6  DT n 
1 7  DT n 
1 8  DC n 
1 9  DC n 
1 10 DT n 
1 11 DG n 
1 12 DA n 
1 13 DC n 
1 14 DG n 
1 15 DA n 
1 16 DC n 
1 17 DA n 
1 18 DA n 
1 19 DT n 
1 20 DT n 
1 21 DA n 
2 1  DC n 
2 2  DG n 
2 3  DT n 
2 4  DC n 
2 5  DG n 
3 1  DT n 
3 2  DC n 
3 3  DT n 
3 4  DA n 
3 5  DA n 
3 6  DT n 
3 7  DT n 
3 8  DG n 
3 9  DT n 
4 1  DG n 
4 2  DG n 
4 3  DA n 
4 4  DA n 
4 5  DT n 
4 6  DT n 
4 7  DC n 
# 
loop_
_pdbx_entity_src_syn.entity_id 
_pdbx_entity_src_syn.pdbx_src_id 
_pdbx_entity_src_syn.pdbx_alt_source_flag 
_pdbx_entity_src_syn.pdbx_beg_seq_num 
_pdbx_entity_src_syn.pdbx_end_seq_num 
_pdbx_entity_src_syn.organism_scientific 
_pdbx_entity_src_syn.organism_common_name 
_pdbx_entity_src_syn.ncbi_taxonomy_id 
_pdbx_entity_src_syn.details 
1 1 sample 1 21 'synthetic construct' ? 32630 ? 
2 1 sample 1 5  'synthetic construct' ? 32630 ? 
3 1 sample 1 9  'synthetic construct' ? 32630 ? 
4 1 sample 1 7  'synthetic construct' ? 32630 ? 
# 
loop_
_struct_ref.id 
_struct_ref.db_name 
_struct_ref.db_code 
_struct_ref.pdbx_db_accession 
_struct_ref.pdbx_db_isoform 
_struct_ref.entity_id 
_struct_ref.pdbx_seq_one_letter_code 
_struct_ref.pdbx_align_begin 
1 PDB 8T80 8T80 ? 1 ? 1 
2 PDB 8T80 8T80 ? 2 ? 1 
3 PDB 8T80 8T80 ? 3 ? 1 
4 PDB 8T80 8T80 ? 4 ? 1 
# 
loop_
_struct_ref_seq.align_id 
_struct_ref_seq.ref_id 
_struct_ref_seq.pdbx_PDB_id_code 
_struct_ref_seq.pdbx_strand_id 
_struct_ref_seq.seq_align_beg 
_struct_ref_seq.pdbx_seq_align_beg_ins_code 
_struct_ref_seq.seq_align_end 
_struct_ref_seq.pdbx_seq_align_end_ins_code 
_struct_ref_seq.pdbx_db_accession 
_struct_ref_seq.db_align_beg 
_struct_ref_seq.pdbx_db_align_beg_ins_code 
_struct_ref_seq.db_align_end 
_struct_ref_seq.pdbx_db_align_end_ins_code 
_struct_ref_seq.pdbx_auth_seq_align_beg 
_struct_ref_seq.pdbx_auth_seq_align_end 
1 1 8T80 A 1 ? 21 ? 8T80 1  ? 21 ? 1  21 
2 2 8T80 B 1 ? 5  ? 8T80 1  ? 5  ? 1  5  
3 3 8T80 C 1 ? 9  ? 8T80 1  ? 9  ? 1  9  
4 4 8T80 D 1 ? 7  ? 8T80 10 ? 16 ? 10 16 
# 
loop_
_chem_comp.id 
_chem_comp.type 
_chem_comp.mon_nstd_flag 
_chem_comp.name 
_chem_comp.pdbx_synonyms 
_chem_comp.formula 
_chem_comp.formula_weight 
DA  'DNA linking' y "2'-DEOXYADENOSINE-5'-MONOPHOSPHATE"                                   ?               'C10 H14 N5 O6 P' 
331.222 
DC  'DNA linking' y "2'-DEOXYCYTIDINE-5'-MONOPHOSPHATE"                                    ?               'C9 H14 N3 O7 P'  
307.197 
DG  'DNA linking' y "2'-DEOXYGUANOSINE-5'-MONOPHOSPHATE"                                   ?               'C10 H14 N5 O7 P' 
347.221 
DT  'DNA linking' y "THYMIDINE-5'-MONOPHOSPHATE"                                           ?               'C10 H15 N2 O8 P' 
322.208 
HOH non-polymer   . WATER                                                                  ?               'H2 O'            
18.015  
HT1 non-polymer   . "2'-(4-ETHOXYPHENYL)-5-(4-METHYL-1-PIPERAZINYL)-2,5'-BI-BENZIMIDAZOLE" 'HOECHST 33342' 'C27 H28 N6 O'    
452.551 
MG  non-polymer   . 'MAGNESIUM ION'                                                        ?               'Mg 2'            
24.305  
# 
_exptl.absorpt_coefficient_mu     ? 
_exptl.absorpt_correction_T_max   ? 
_exptl.absorpt_correction_T_min   ? 
_exptl.absorpt_correction_type    ? 
_exptl.absorpt_process_details    ? 
_exptl.entry_id                   8T80 
_exptl.crystals_number            1 
_exptl.details                    ? 
_exptl.method                     'X-RAY DIFFRACTION' 
_exptl.method_details             ? 
# 
_exptl_crystal.colour                       ? 
_exptl_crystal.density_diffrn               ? 
_exptl_crystal.density_Matthews             6.25 
_exptl_crystal.density_method               ? 
_exptl_crystal.density_percent_sol          80.33 
_exptl_crystal.description                  ? 
_exptl_crystal.F_000                        ? 
_exptl_crystal.id                           1 
_exptl_crystal.preparation                  ? 
_exptl_crystal.size_max                     ? 
_exptl_crystal.size_mid                     ? 
_exptl_crystal.size_min                     ? 
_exptl_crystal.size_rad                     ? 
_exptl_crystal.colour_lustre                ? 
_exptl_crystal.colour_modifier              ? 
_exptl_crystal.colour_primary               ? 
_exptl_crystal.density_meas                 ? 
_exptl_crystal.density_meas_esd             ? 
_exptl_crystal.density_meas_gt              ? 
_exptl_crystal.density_meas_lt              ? 
_exptl_crystal.density_meas_temp            ? 
_exptl_crystal.density_meas_temp_esd        ? 
_exptl_crystal.density_meas_temp_gt         ? 
_exptl_crystal.density_meas_temp_lt         ? 
_exptl_crystal.pdbx_crystal_image_url       ? 
_exptl_crystal.pdbx_crystal_image_format    ? 
_exptl_crystal.pdbx_mosaicity               ? 
_exptl_crystal.pdbx_mosaicity_esd           ? 
_exptl_crystal.pdbx_mosaic_method           ? 
_exptl_crystal.pdbx_mosaic_block_size       ? 
_exptl_crystal.pdbx_mosaic_block_size_esd   ? 
# 
_exptl_crystal_grow.apparatus       ? 
_exptl_crystal_grow.atmosphere      ? 
_exptl_crystal_grow.crystal_id      1 
_exptl_crystal_grow.details         ? 
_exptl_crystal_grow.method          'VAPOR DIFFUSION, SITTING DROP' 
_exptl_crystal_grow.method_ref      ? 
_exptl_crystal_grow.pH              ? 
_exptl_crystal_grow.pressure        ? 
_exptl_crystal_grow.pressure_esd    ? 
_exptl_crystal_grow.seeding         ? 
_exptl_crystal_grow.seeding_ref     ? 
_exptl_crystal_grow.temp_details    'temperature gradient generated from 60 to 25 C at 0.3 degrees per hour' 
_exptl_crystal_grow.temp_esd        ? 
_exptl_crystal_grow.time            ? 
_exptl_crystal_grow.pdbx_details    
;0.5 mL of 0.05 M Na Cacodylate pH 6.0 with 200 mM MgCl2 and 2.5 M KCl was added to the reservoir with 2 uL added to the drop containing 4 uL of DNA stock.
;
_exptl_crystal_grow.pdbx_pH_range   ? 
_exptl_crystal_grow.temp            298 
# 
_diffrn.ambient_environment              ? 
_diffrn.ambient_temp                     100 
_diffrn.ambient_temp_details             ? 
_diffrn.ambient_temp_esd                 ? 
_diffrn.crystal_id                       1 
_diffrn.crystal_support                  ? 
_diffrn.crystal_treatment                ? 
_diffrn.details                          ? 
_diffrn.id                               1 
_diffrn.ambient_pressure                 ? 
_diffrn.ambient_pressure_esd             ? 
_diffrn.ambient_pressure_gt              ? 
_diffrn.ambient_pressure_lt              ? 
_diffrn.ambient_temp_gt                  ? 
_diffrn.ambient_temp_lt                  ? 
_diffrn.pdbx_serial_crystal_experiment   N 
# 
_diffrn_detector.details                      ? 
_diffrn_detector.detector                     PIXEL 
_diffrn_detector.diffrn_id                    1 
_diffrn_detector.type                         'DECTRIS PILATUS3 6M' 
_diffrn_detector.area_resol_mean              ? 
_diffrn_detector.dtime                        ? 
_diffrn_detector.pdbx_frames_total            ? 
_diffrn_detector.pdbx_collection_time_total   ? 
_diffrn_detector.pdbx_collection_date         2022-09-17 
_diffrn_detector.pdbx_frequency               ? 
_diffrn_detector.id                           ? 
_diffrn_detector.number_of_axes               ? 
# 
_diffrn_radiation.collimation                      ? 
_diffrn_radiation.diffrn_id                        1 
_diffrn_radiation.filter_edge                      ? 
_diffrn_radiation.inhomogeneity                    ? 
_diffrn_radiation.monochromator                    ? 
_diffrn_radiation.polarisn_norm                    ? 
_diffrn_radiation.polarisn_ratio                   ? 
_diffrn_radiation.probe                            ? 
_diffrn_radiation.type                             ? 
_diffrn_radiation.xray_symbol                      ? 
_diffrn_radiation.wavelength_id                    1 
_diffrn_radiation.pdbx_monochromatic_or_laue_m_l   M 
_diffrn_radiation.pdbx_wavelength_list             ? 
_diffrn_radiation.pdbx_wavelength                  ? 
_diffrn_radiation.pdbx_diffrn_protocol             'SINGLE WAVELENGTH' 
_diffrn_radiation.pdbx_analyzer                    ? 
_diffrn_radiation.pdbx_scattering_type             x-ray 
# 
_diffrn_radiation_wavelength.id           1 
_diffrn_radiation_wavelength.wavelength   0.92 
_diffrn_radiation_wavelength.wt           1.0 
# 
_diffrn_source.current                     ? 
_diffrn_source.details                     ? 
_diffrn_source.diffrn_id                   1 
_diffrn_source.power                       ? 
_diffrn_source.size                        ? 
_diffrn_source.source                      SYNCHROTRON 
_diffrn_source.target                      ? 
_diffrn_source.type                        'APS BEAMLINE 19-ID' 
_diffrn_source.voltage                     ? 
_diffrn_source.take-off_angle              ? 
_diffrn_source.pdbx_wavelength_list        0.92 
_diffrn_source.pdbx_wavelength             ? 
_diffrn_source.pdbx_synchrotron_beamline   19-ID 
_diffrn_source.pdbx_synchrotron_site       APS 
# 
_reflns.B_iso_Wilson_estimate                          ? 
_reflns.entry_id                                       8T80 
_reflns.data_reduction_details                         ? 
_reflns.data_reduction_method                          ? 
_reflns.d_resolution_high                              2.90 
_reflns.d_resolution_low                               50.00 
_reflns.details                                        ? 
_reflns.limit_h_max                                    ? 
_reflns.limit_h_min                                    ? 
_reflns.limit_k_max                                    ? 
_reflns.limit_k_min                                    ? 
_reflns.limit_l_max                                    ? 
_reflns.limit_l_min                                    ? 
_reflns.number_all                                     ? 
_reflns.number_obs                                     6418 
_reflns.observed_criterion                             ? 
_reflns.observed_criterion_F_max                       ? 
_reflns.observed_criterion_F_min                       ? 
_reflns.observed_criterion_I_max                       ? 
_reflns.observed_criterion_I_min                       ? 
_reflns.observed_criterion_sigma_F                     ? 
_reflns.observed_criterion_sigma_I                     ? 
_reflns.percent_possible_obs                           94.4 
_reflns.R_free_details                                 ? 
_reflns.Rmerge_F_all                                   ? 
_reflns.Rmerge_F_obs                                   ? 
_reflns.Friedel_coverage                               ? 
_reflns.number_gt                                      ? 
_reflns.threshold_expression                           ? 
_reflns.pdbx_redundancy                                8.2 
_reflns.pdbx_netI_over_av_sigmaI                       ? 
_reflns.pdbx_netI_over_sigmaI                          7.3 
_reflns.pdbx_res_netI_over_av_sigmaI_2                 ? 
_reflns.pdbx_res_netI_over_sigmaI_2                    ? 
_reflns.pdbx_chi_squared                               2.687 
_reflns.pdbx_scaling_rejects                           ? 
_reflns.pdbx_d_res_high_opt                            ? 
_reflns.pdbx_d_res_low_opt                             ? 
_reflns.pdbx_d_res_opt_method                          ? 
_reflns.phase_calculation_details                      ? 
_reflns.pdbx_Rrim_I_all                                0.130 
_reflns.pdbx_Rpim_I_all                                0.045 
_reflns.pdbx_d_opt                                     ? 
_reflns.pdbx_number_measured_all                       52401 
_reflns.pdbx_diffrn_id                                 1 
_reflns.pdbx_ordinal                                   1 
_reflns.pdbx_CC_half                                   0.981 
_reflns.pdbx_CC_star                                   0.995 
_reflns.pdbx_R_split                                   ? 
_reflns.pdbx_Rmerge_I_obs                              0.122 
_reflns.pdbx_Rmerge_I_all                              ? 
_reflns.pdbx_Rsym_value                                ? 
_reflns.pdbx_CC_split_method                           ? 
_reflns.pdbx_aniso_diffraction_limit_axis_1_ortho[1]   ? 
_reflns.pdbx_aniso_diffraction_limit_axis_1_ortho[2]   ? 
_reflns.pdbx_aniso_diffraction_limit_axis_1_ortho[3]   ? 
_reflns.pdbx_aniso_diffraction_limit_axis_2_ortho[1]   ? 
_reflns.pdbx_aniso_diffraction_limit_axis_2_ortho[2]   ? 
_reflns.pdbx_aniso_diffraction_limit_axis_2_ortho[3]   ? 
_reflns.pdbx_aniso_diffraction_limit_axis_3_ortho[1]   ? 
_reflns.pdbx_aniso_diffraction_limit_axis_3_ortho[2]   ? 
_reflns.pdbx_aniso_diffraction_limit_axis_3_ortho[3]   ? 
_reflns.pdbx_aniso_diffraction_limit_1                 ? 
_reflns.pdbx_aniso_diffraction_limit_2                 ? 
_reflns.pdbx_aniso_diffraction_limit_3                 ? 
_reflns.pdbx_aniso_B_tensor_eigenvector_1_ortho[1]     ? 
_reflns.pdbx_aniso_B_tensor_eigenvector_1_ortho[2]     ? 
_reflns.pdbx_aniso_B_tensor_eigenvector_1_ortho[3]     ? 
_reflns.pdbx_aniso_B_tensor_eigenvector_2_ortho[1]     ? 
_reflns.pdbx_aniso_B_tensor_eigenvector_2_ortho[2]     ? 
_reflns.pdbx_aniso_B_tensor_eigenvector_2_ortho[3]     ? 
_reflns.pdbx_aniso_B_tensor_eigenvector_3_ortho[1]     ? 
_reflns.pdbx_aniso_B_tensor_eigenvector_3_ortho[2]     ? 
_reflns.pdbx_aniso_B_tensor_eigenvector_3_ortho[3]     ? 
_reflns.pdbx_aniso_B_tensor_eigenvalue_1               ? 
_reflns.pdbx_aniso_B_tensor_eigenvalue_2               ? 
_reflns.pdbx_aniso_B_tensor_eigenvalue_3               ? 
_reflns.pdbx_orthogonalization_convention              ? 
_reflns.pdbx_percent_possible_ellipsoidal              ? 
_reflns.pdbx_percent_possible_spherical                ? 
_reflns.pdbx_percent_possible_ellipsoidal_anomalous    ? 
_reflns.pdbx_percent_possible_spherical_anomalous      ? 
_reflns.pdbx_redundancy_anomalous                      ? 
_reflns.pdbx_CC_half_anomalous                         ? 
_reflns.pdbx_absDiff_over_sigma_anomalous              ? 
_reflns.pdbx_percent_possible_anomalous                ? 
_reflns.pdbx_observed_signal_threshold                 ? 
_reflns.pdbx_signal_type                               ? 
_reflns.pdbx_signal_details                            ? 
_reflns.pdbx_signal_software_id                        ? 
# 
loop_
_reflns_shell.d_res_high 
_reflns_shell.d_res_low 
_reflns_shell.meanI_over_sigI_all 
_reflns_shell.meanI_over_sigI_obs 
_reflns_shell.number_measured_all 
_reflns_shell.number_measured_obs 
_reflns_shell.number_possible 
_reflns_shell.number_unique_all 
_reflns_shell.number_unique_obs 
_reflns_shell.percent_possible_obs 
_reflns_shell.Rmerge_F_all 
_reflns_shell.Rmerge_F_obs 
_reflns_shell.meanI_over_sigI_gt 
_reflns_shell.meanI_over_uI_all 
_reflns_shell.meanI_over_uI_gt 
_reflns_shell.number_measured_gt 
_reflns_shell.number_unique_gt 
_reflns_shell.percent_possible_gt 
_reflns_shell.Rmerge_F_gt 
_reflns_shell.Rmerge_I_gt 
_reflns_shell.pdbx_redundancy 
_reflns_shell.pdbx_chi_squared 
_reflns_shell.pdbx_netI_over_sigmaI_all 
_reflns_shell.pdbx_netI_over_sigmaI_obs 
_reflns_shell.pdbx_Rrim_I_all 
_reflns_shell.pdbx_Rpim_I_all 
_reflns_shell.pdbx_rejects 
_reflns_shell.pdbx_ordinal 
_reflns_shell.pdbx_diffrn_id 
_reflns_shell.pdbx_CC_half 
_reflns_shell.pdbx_CC_star 
_reflns_shell.pdbx_R_split 
_reflns_shell.percent_possible_all 
_reflns_shell.Rmerge_I_all 
_reflns_shell.Rmerge_I_obs 
_reflns_shell.pdbx_Rsym_value 
_reflns_shell.pdbx_percent_possible_ellipsoidal 
_reflns_shell.pdbx_percent_possible_spherical 
_reflns_shell.pdbx_percent_possible_ellipsoidal_anomalous 
_reflns_shell.pdbx_percent_possible_spherical_anomalous 
_reflns_shell.pdbx_redundancy_anomalous 
_reflns_shell.pdbx_CC_half_anomalous 
_reflns_shell.pdbx_absDiff_over_sigma_anomalous 
_reflns_shell.pdbx_percent_possible_anomalous 
2.90 2.95  ? ? ? ? ? ? 225 ? ? ? ? ? ? ? ? ? ? ? 5.7 0.489  ? ? 1.462 0.553 ? 1  1 0.687 0.903 ? 66.4  ? 1.348 ? ? ? ? ? ? ? ? ? 
2.95 3.00  ? ? ? ? ? ? 264 ? ? ? ? ? ? ? ? ? ? ? 6.1 0.442  ? ? 1.174 0.441 ? 2  1 0.751 0.926 ? 75.2  ? 1.084 ? ? ? ? ? ? ? ? ? 
3.00 3.06  ? ? ? ? ? ? 257 ? ? ? ? ? ? ? ? ? ? ? 6.6 0.506  ? ? 0.697 0.253 ? 3  1 0.922 0.979 ? 77.9  ? 0.647 ? ? ? ? ? ? ? ? ? 
3.06 3.12  ? ? ? ? ? ? 302 ? ? ? ? ? ? ? ? ? ? ? 6.3 0.992  ? ? 0.346 0.126 ? 4  1 0.969 0.992 ? 86.5  ? 0.321 ? ? ? ? ? ? ? ? ? 
3.12 3.19  ? ? ? ? ? ? 277 ? ? ? ? ? ? ? ? ? ? ? 6.7 2.448  ? ? 0.203 0.075 ? 5  1 0.985 0.996 ? 88.8  ? 0.188 ? ? ? ? ? ? ? ? ? 
3.19 3.27  ? ? ? ? ? ? 342 ? ? ? ? ? ? ? ? ? ? ? 6.5 2.421  ? ? 0.170 0.065 ? 6  1 0.990 0.997 ? 95.5  ? 0.157 ? ? ? ? ? ? ? ? ? 
3.27 3.35  ? ? ? ? ? ? 320 ? ? ? ? ? ? ? ? ? ? ? 8.0 1.208  ? ? 0.251 0.087 ? 7  1 0.986 0.996 ? 99.4  ? 0.235 ? ? ? ? ? ? ? ? ? 
3.35 3.44  ? ? ? ? ? ? 353 ? ? ? ? ? ? ? ? ? ? ? 8.3 1.375  ? ? 0.222 0.078 ? 8  1 0.984 0.996 ? 100.0 ? 0.208 ? ? ? ? ? ? ? ? ? 
3.44 3.54  ? ? ? ? ? ? 328 ? ? ? ? ? ? ? ? ? ? ? 8.7 1.822  ? ? 0.203 0.070 ? 9  1 0.986 0.996 ? 100.0 ? 0.190 ? ? ? ? ? ? ? ? ? 
3.54 3.65  ? ? ? ? ? ? 352 ? ? ? ? ? ? ? ? ? ? ? 8.9 1.143  ? ? 0.198 0.067 ? 10 1 0.994 0.999 ? 100.0 ? 0.186 ? ? ? ? ? ? ? ? ? 
3.65 3.78  ? ? ? ? ? ? 358 ? ? ? ? ? ? ? ? ? ? ? 8.7 1.246  ? ? 0.175 0.060 ? 11 1 0.988 0.997 ? 100.0 ? 0.164 ? ? ? ? ? ? ? ? ? 
3.78 3.94  ? ? ? ? ? ? 324 ? ? ? ? ? ? ? ? ? ? ? 8.8 2.357  ? ? 0.159 0.054 ? 12 1 0.979 0.995 ? 100.0 ? 0.149 ? ? ? ? ? ? ? ? ? 
3.94 4.11  ? ? ? ? ? ? 340 ? ? ? ? ? ? ? ? ? ? ? 8.4 1.213  ? ? 0.132 0.047 ? 13 1 0.976 0.994 ? 99.7  ? 0.123 ? ? ? ? ? ? ? ? ? 
4.11 4.33  ? ? ? ? ? ? 329 ? ? ? ? ? ? ? ? ? ? ? 9.3 2.436  ? ? 0.128 0.042 ? 14 1 0.991 0.998 ? 100.0 ? 0.121 ? ? ? ? ? ? ? ? ? 
4.33 4.60  ? ? ? ? ? ? 344 ? ? ? ? ? ? ? ? ? ? ? 9.3 1.169  ? ? 0.100 0.033 ? 15 1 0.992 0.998 ? 100.0 ? 0.095 ? ? ? ? ? ? ? ? ? 
4.60 4.96  ? ? ? ? ? ? 353 ? ? ? ? ? ? ? ? ? ? ? 9.2 1.889  ? ? 0.091 0.030 ? 16 1 0.994 0.998 ? 100.0 ? 0.086 ? ? ? ? ? ? ? ? ? 
4.96 5.46  ? ? ? ? ? ? 321 ? ? ? ? ? ? ? ? ? ? ? 8.3 2.136  ? ? 0.081 0.028 ? 17 1 0.994 0.999 ? 99.1  ? 0.076 ? ? ? ? ? ? ? ? ? 
5.46 6.24  ? ? ? ? ? ? 343 ? ? ? ? ? ? ? ? ? ? ? 9.4 3.407  ? ? 0.081 0.026 ? 18 1 0.991 0.998 ? 100.0 ? 0.076 ? ? ? ? ? ? ? ? ? 
6.24 7.86  ? ? ? ? ? ? 339 ? ? ? ? ? ? ? ? ? ? ? 8.8 2.922  ? ? 0.079 0.028 ? 19 1 0.994 0.998 ? 100.0 ? 0.074 ? ? ? ? ? ? ? ? ? 
7.86 50.00 ? ? ? ? ? ? 347 ? ? ? ? ? ? ? ? ? ? ? 8.9 17.101 ? ? 0.128 0.044 ? 20 1 0.892 0.971 ? 99.7  ? 0.120 ? ? ? ? ? ? ? ? ? 
# 
_refine.aniso_B[1][1]                            -0.22 
_refine.aniso_B[1][2]                            -0.11 
_refine.aniso_B[1][3]                            0.00 
_refine.aniso_B[2][2]                            -0.22 
_refine.aniso_B[2][3]                            0.00 
_refine.aniso_B[3][3]                            0.73 
_refine.B_iso_max                                ? 
_refine.B_iso_mean                               113.191 
_refine.B_iso_min                                ? 
_refine.correlation_coeff_Fo_to_Fc               0.966 
_refine.correlation_coeff_Fo_to_Fc_free          0.973 
_refine.details                                  'HYDROGENS HAVE BEEN ADDED IN THE RIDING POSITIONS' 
_refine.diff_density_max                         ? 
_refine.diff_density_max_esd                     ? 
_refine.diff_density_min                         ? 
_refine.diff_density_min_esd                     ? 
_refine.diff_density_rms                         ? 
_refine.diff_density_rms_esd                     ? 
_refine.entry_id                                 8T80 
_refine.pdbx_refine_id                           'X-RAY DIFFRACTION' 
_refine.ls_abs_structure_details                 ? 
_refine.ls_abs_structure_Flack                   ? 
_refine.ls_abs_structure_Flack_esd               ? 
_refine.ls_abs_structure_Rogers                  ? 
_refine.ls_abs_structure_Rogers_esd              ? 
_refine.ls_d_res_high                            2.91 
_refine.ls_d_res_low                             41.88 
_refine.ls_extinction_coef                       ? 
_refine.ls_extinction_coef_esd                   ? 
_refine.ls_extinction_expression                 ? 
_refine.ls_extinction_method                     ? 
_refine.ls_goodness_of_fit_all                   ? 
_refine.ls_goodness_of_fit_all_esd               ? 
_refine.ls_goodness_of_fit_obs                   ? 
_refine.ls_goodness_of_fit_obs_esd               ? 
_refine.ls_hydrogen_treatment                    ? 
_refine.ls_matrix_type                           ? 
_refine.ls_number_constraints                    ? 
_refine.ls_number_parameters                     ? 
_refine.ls_number_reflns_all                     ? 
_refine.ls_number_reflns_obs                     5931 
_refine.ls_number_reflns_R_free                  305 
_refine.ls_number_reflns_R_work                  ? 
_refine.ls_number_restraints                     ? 
_refine.ls_percent_reflns_obs                    91.92 
_refine.ls_percent_reflns_R_free                 4.9 
_refine.ls_R_factor_all                          ? 
_refine.ls_R_factor_obs                          0.22023 
_refine.ls_R_factor_R_free                       0.23551 
_refine.ls_R_factor_R_free_error                 ? 
_refine.ls_R_factor_R_free_error_details         ? 
_refine.ls_R_factor_R_work                       0.21936 
_refine.ls_R_Fsqd_factor_obs                     ? 
_refine.ls_R_I_factor_obs                        ? 
_refine.ls_redundancy_reflns_all                 ? 
_refine.ls_redundancy_reflns_obs                 ? 
_refine.ls_restrained_S_all                      ? 
_refine.ls_restrained_S_obs                      ? 
_refine.ls_shift_over_esd_max                    ? 
_refine.ls_shift_over_esd_mean                   ? 
_refine.ls_structure_factor_coef                 ? 
_refine.ls_weighting_details                     ? 
_refine.ls_weighting_scheme                      ? 
_refine.ls_wR_factor_all                         ? 
_refine.ls_wR_factor_obs                         ? 
_refine.ls_wR_factor_R_free                      ? 
_refine.ls_wR_factor_R_work                      ? 
_refine.occupancy_max                            ? 
_refine.occupancy_min                            ? 
_refine.solvent_model_details                    MASK 
_refine.solvent_model_param_bsol                 ? 
_refine.solvent_model_param_ksol                 ? 
_refine.pdbx_R_complete                          ? 
_refine.ls_R_factor_gt                           ? 
_refine.ls_goodness_of_fit_gt                    ? 
_refine.ls_goodness_of_fit_ref                   ? 
_refine.ls_shift_over_su_max                     ? 
_refine.ls_shift_over_su_max_lt                  ? 
_refine.ls_shift_over_su_mean                    ? 
_refine.ls_shift_over_su_mean_lt                 ? 
_refine.pdbx_ls_sigma_I                          ? 
_refine.pdbx_ls_sigma_F                          ? 
_refine.pdbx_ls_sigma_Fsqd                       ? 
_refine.pdbx_data_cutoff_high_absF               ? 
_refine.pdbx_data_cutoff_high_rms_absF           ? 
_refine.pdbx_data_cutoff_low_absF                ? 
_refine.pdbx_isotropic_thermal_model             ? 
_refine.pdbx_ls_cross_valid_method               THROUGHOUT 
_refine.pdbx_method_to_determine_struct          'MOLECULAR REPLACEMENT' 
_refine.pdbx_starting_model                      ? 
_refine.pdbx_stereochemistry_target_values       'MAXIMUM LIKELIHOOD' 
_refine.pdbx_R_Free_selection_details            RANDOM 
_refine.pdbx_stereochem_target_val_spec_case     ? 
_refine.pdbx_overall_ESU_R                       0.434 
_refine.pdbx_overall_ESU_R_Free                  0.284 
_refine.pdbx_solvent_vdw_probe_radii             1.20 
_refine.pdbx_solvent_ion_probe_radii             0.80 
_refine.pdbx_solvent_shrinkage_radii             0.80 
_refine.pdbx_real_space_R                        ? 
_refine.pdbx_density_correlation                 ? 
_refine.pdbx_pd_number_of_powder_patterns        ? 
_refine.pdbx_pd_number_of_points                 ? 
_refine.pdbx_pd_meas_number_of_points            ? 
_refine.pdbx_pd_proc_ls_prof_R_factor            ? 
_refine.pdbx_pd_proc_ls_prof_wR_factor           ? 
_refine.pdbx_pd_Marquardt_correlation_coeff      ? 
_refine.pdbx_pd_Fsqrd_R_factor                   ? 
_refine.pdbx_pd_ls_matrix_band_width             ? 
_refine.pdbx_overall_phase_error                 ? 
_refine.pdbx_overall_SU_R_free_Cruickshank_DPI   ? 
_refine.pdbx_overall_SU_R_free_Blow_DPI          ? 
_refine.pdbx_overall_SU_R_Blow_DPI               ? 
_refine.pdbx_TLS_residual_ADP_flag               ? 
_refine.pdbx_diffrn_id                           1 
_refine.overall_SU_B                             16.271 
_refine.overall_SU_ML                            0.290 
_refine.overall_SU_R_Cruickshank_DPI             ? 
_refine.overall_SU_R_free                        ? 
_refine.overall_FOM_free_R_set                   ? 
_refine.overall_FOM_work_R_set                   ? 
_refine.pdbx_average_fsc_overall                 ? 
_refine.pdbx_average_fsc_work                    ? 
_refine.pdbx_average_fsc_free                    ? 
# 
_refine_hist.pdbx_refine_id                   'X-RAY DIFFRACTION' 
_refine_hist.cycle_id                         1 
_refine_hist.details                          ? 
_refine_hist.d_res_high                       2.91 
_refine_hist.d_res_low                        41.88 
_refine_hist.number_atoms_solvent             6 
_refine_hist.number_atoms_total               931 
_refine_hist.number_reflns_all                ? 
_refine_hist.number_reflns_obs                ? 
_refine_hist.number_reflns_R_free             ? 
_refine_hist.number_reflns_R_work             ? 
_refine_hist.R_factor_all                     ? 
_refine_hist.R_factor_obs                     ? 
_refine_hist.R_factor_R_free                  ? 
_refine_hist.R_factor_R_work                  ? 
_refine_hist.pdbx_number_residues_total       ? 
_refine_hist.pdbx_B_iso_mean_ligand           ? 
_refine_hist.pdbx_B_iso_mean_solvent          ? 
_refine_hist.pdbx_number_atoms_protein        0 
_refine_hist.pdbx_number_atoms_nucleic_acid   856 
_refine_hist.pdbx_number_atoms_ligand         69 
_refine_hist.pdbx_number_atoms_lipid          ? 
_refine_hist.pdbx_number_atoms_carb           ? 
_refine_hist.pdbx_pseudo_atom_details         ? 
# 
loop_
_refine_ls_restr.pdbx_refine_id 
_refine_ls_restr.criterion 
_refine_ls_restr.dev_ideal 
_refine_ls_restr.dev_ideal_target 
_refine_ls_restr.number 
_refine_ls_restr.rejects 
_refine_ls_restr.type 
_refine_ls_restr.weight 
_refine_ls_restr.pdbx_restraint_function 
'X-RAY DIFFRACTION' ? 0.006  0.011  1035 ? r_bond_refined_d             ? ? 
'X-RAY DIFFRACTION' ? 0.009  0.017  531  ? r_bond_other_d               ? ? 
'X-RAY DIFFRACTION' ? 1.829  1.781  1581 ? r_angle_refined_deg          ? ? 
'X-RAY DIFFRACTION' ? 0.512  1.537  1253 ? r_angle_other_deg            ? ? 
'X-RAY DIFFRACTION' ? ?      ?      ?    ? r_dihedral_angle_1_deg       ? ? 
'X-RAY DIFFRACTION' ? ?      ?      ?    ? r_dihedral_angle_2_deg       ? ? 
'X-RAY DIFFRACTION' ? ?      ?      ?    ? r_dihedral_angle_3_deg       ? ? 
'X-RAY DIFFRACTION' ? ?      ?      ?    ? r_dihedral_angle_4_deg       ? ? 
'X-RAY DIFFRACTION' ? 0.151  0.200  166  ? r_chiral_restr               ? ? 
'X-RAY DIFFRACTION' ? 0.012  0.020  568  ? r_gen_planes_refined         ? ? 
'X-RAY DIFFRACTION' ? 0.002  0.020  166  ? r_gen_planes_other           ? ? 
'X-RAY DIFFRACTION' ? ?      ?      ?    ? r_nbd_refined                ? ? 
'X-RAY DIFFRACTION' ? ?      ?      ?    ? r_nbd_other                  ? ? 
'X-RAY DIFFRACTION' ? ?      ?      ?    ? r_nbtor_refined              ? ? 
'X-RAY DIFFRACTION' ? ?      ?      ?    ? r_nbtor_other                ? ? 
'X-RAY DIFFRACTION' ? ?      ?      ?    ? r_xyhbond_nbd_refined        ? ? 
'X-RAY DIFFRACTION' ? ?      ?      ?    ? r_xyhbond_nbd_other          ? ? 
'X-RAY DIFFRACTION' ? ?      ?      ?    ? r_metal_ion_refined          ? ? 
'X-RAY DIFFRACTION' ? ?      ?      ?    ? r_metal_ion_other            ? ? 
'X-RAY DIFFRACTION' ? ?      ?      ?    ? r_symmetry_vdw_refined       ? ? 
'X-RAY DIFFRACTION' ? ?      ?      ?    ? r_symmetry_vdw_other         ? ? 
'X-RAY DIFFRACTION' ? ?      ?      ?    ? r_symmetry_hbond_refined     ? ? 
'X-RAY DIFFRACTION' ? ?      ?      ?    ? r_symmetry_hbond_other       ? ? 
'X-RAY DIFFRACTION' ? ?      ?      ?    ? r_symmetry_metal_ion_refined ? ? 
'X-RAY DIFFRACTION' ? ?      ?      ?    ? r_symmetry_metal_ion_other   ? ? 
'X-RAY DIFFRACTION' ? ?      ?      ?    ? r_mcbond_it                  ? ? 
'X-RAY DIFFRACTION' ? ?      ?      ?    ? r_mcbond_other               ? ? 
'X-RAY DIFFRACTION' ? ?      ?      ?    ? r_mcangle_it                 ? ? 
'X-RAY DIFFRACTION' ? ?      ?      ?    ? r_mcangle_other              ? ? 
'X-RAY DIFFRACTION' ? 10.652 11.526 1035 ? r_scbond_it                  ? ? 
'X-RAY DIFFRACTION' ? 10.647 11.526 1036 ? r_scbond_other               ? ? 
'X-RAY DIFFRACTION' ? ?      ?      ?    ? r_scangle_it                 ? ? 
'X-RAY DIFFRACTION' ? 15.347 17.256 1582 ? r_scangle_other              ? ? 
'X-RAY DIFFRACTION' ? 18.143 ?      1582 ? r_long_range_B_refined       ? ? 
'X-RAY DIFFRACTION' ? 18.137 ?      1583 ? r_long_range_B_other         ? ? 
'X-RAY DIFFRACTION' ? ?      ?      ?    ? r_rigid_bond_restr           ? ? 
'X-RAY DIFFRACTION' ? ?      ?      ?    ? r_sphericity_free            ? ? 
'X-RAY DIFFRACTION' ? ?      ?      ?    ? r_sphericity_bonded          ? ? 
# 
_refine_ls_shell.pdbx_refine_id                   'X-RAY DIFFRACTION' 
_refine_ls_shell.d_res_high                       2.914 
_refine_ls_shell.d_res_low                        2.989 
_refine_ls_shell.number_reflns_all                ? 
_refine_ls_shell.number_reflns_obs                ? 
_refine_ls_shell.number_reflns_R_free             19 
_refine_ls_shell.number_reflns_R_work             322 
_refine_ls_shell.percent_reflns_obs               67.66 
_refine_ls_shell.percent_reflns_R_free            ? 
_refine_ls_shell.R_factor_all                     ? 
_refine_ls_shell.R_factor_obs                     ? 
_refine_ls_shell.R_factor_R_free_error            ? 
_refine_ls_shell.R_factor_R_work                  0.591 
_refine_ls_shell.redundancy_reflns_all            ? 
_refine_ls_shell.redundancy_reflns_obs            ? 
_refine_ls_shell.wR_factor_all                    ? 
_refine_ls_shell.wR_factor_obs                    ? 
_refine_ls_shell.wR_factor_R_free                 ? 
_refine_ls_shell.wR_factor_R_work                 ? 
_refine_ls_shell.pdbx_R_complete                  ? 
_refine_ls_shell.pdbx_total_number_of_bins_used   20 
_refine_ls_shell.pdbx_phase_error                 ? 
_refine_ls_shell.pdbx_fsc_work                    ? 
_refine_ls_shell.pdbx_fsc_free                    ? 
_refine_ls_shell.R_factor_R_free                  0.671 
# 
_struct.entry_id                     8T80 
_struct.title                        
;Sequence specific (AATT) orientation of Hoechst molecules at two unique minor groove binding sites within a self-assembled 3D DNA lattice (4x5)
;
_struct.pdbx_model_details           ? 
_struct.pdbx_formula_weight          ? 
_struct.pdbx_formula_weight_method   ? 
_struct.pdbx_model_type_details      ? 
_struct.pdbx_CASP_flag               N 
# 
_struct_keywords.entry_id        8T80 
_struct_keywords.text            
;Self-Assembly, DNA Nanotechnology, DNA Scaffold, Crystal Lattice, DNA, Minor Groove Binders, Netropsin, DAPI, Hoechst, ImPyPy, polyamide, host-guest
;
_struct_keywords.pdbx_keywords   DNA 
# 
loop_
_struct_asym.id 
_struct_asym.pdbx_blank_PDB_chainid_flag 
_struct_asym.pdbx_modified 
_struct_asym.entity_id 
_struct_asym.details 
A N N 1 ? 
B N N 2 ? 
C N N 3 ? 
D N N 4 ? 
E N N 5 ? 
F N N 6 ? 
G N N 6 ? 
H N N 7 ? 
I N N 7 ? 
J N N 7 ? 
K N N 7 ? 
# 
loop_
_struct_conn.id 
_struct_conn.conn_type_id 
_struct_conn.pdbx_leaving_atom_flag 
_struct_conn.pdbx_PDB_id 
_struct_conn.ptnr1_label_asym_id 
_struct_conn.ptnr1_label_comp_id 
_struct_conn.ptnr1_label_seq_id 
_struct_conn.ptnr1_label_atom_id 
_struct_conn.pdbx_ptnr1_label_alt_id 
_struct_conn.pdbx_ptnr1_PDB_ins_code 
_struct_conn.pdbx_ptnr1_standard_comp_id 
_struct_conn.ptnr1_symmetry 
_struct_conn.ptnr2_label_asym_id 
_struct_conn.ptnr2_label_comp_id 
_struct_conn.ptnr2_label_seq_id 
_struct_conn.ptnr2_label_atom_id 
_struct_conn.pdbx_ptnr2_label_alt_id 
_struct_conn.pdbx_ptnr2_PDB_ins_code 
_struct_conn.ptnr1_auth_asym_id 
_struct_conn.ptnr1_auth_comp_id 
_struct_conn.ptnr1_auth_seq_id 
_struct_conn.ptnr2_auth_asym_id 
_struct_conn.ptnr2_auth_comp_id 
_struct_conn.ptnr2_auth_seq_id 
_struct_conn.ptnr2_symmetry 
_struct_conn.pdbx_ptnr3_label_atom_id 
_struct_conn.pdbx_ptnr3_label_seq_id 
_struct_conn.pdbx_ptnr3_label_comp_id 
_struct_conn.pdbx_ptnr3_label_asym_id 
_struct_conn.pdbx_ptnr3_label_alt_id 
_struct_conn.pdbx_ptnr3_PDB_ins_code 
_struct_conn.details 
_struct_conn.pdbx_dist_value 
_struct_conn.pdbx_value_order 
_struct_conn.pdbx_role 
metalc1  metalc ? ? A DT 10 O2 ? ? ? 1_555 E MG . MG ? ? A DT 10 A MG 101 1_555 ? ? ? ? ? ? ?               2.601 ? ? 
hydrog1  hydrog ? ? A DG 3  N1 ? ? ? 1_555 D DC 7 N3 ? ? A DG 3  D DC 16  1_555 ? ? ? ? ? ? WATSON-CRICK    ?     ? ? 
hydrog2  hydrog ? ? A DG 3  N2 ? ? ? 1_555 D DC 7 O2 ? ? A DG 3  D DC 16  1_555 ? ? ? ? ? ? WATSON-CRICK    ?     ? ? 
hydrog3  hydrog ? ? A DG 3  O6 ? ? ? 1_555 D DC 7 N4 ? ? A DG 3  D DC 16  1_555 ? ? ? ? ? ? WATSON-CRICK    ?     ? ? 
hydrog4  hydrog ? ? A DA 4  N1 ? ? ? 1_555 D DT 6 N3 ? ? A DA 4  D DT 15  1_555 ? ? ? ? ? ? WATSON-CRICK    ?     ? ? 
hydrog5  hydrog ? ? A DA 4  N6 ? ? ? 1_555 D DT 6 O4 ? ? A DA 4  D DT 15  1_555 ? ? ? ? ? ? WATSON-CRICK    ?     ? ? 
hydrog6  hydrog ? ? A DA 5  N1 ? ? ? 1_555 D DT 5 N3 ? ? A DA 5  D DT 14  1_555 ? ? ? ? ? ? WATSON-CRICK    ?     ? ? 
hydrog7  hydrog ? ? A DA 5  N6 ? ? ? 1_555 D DT 5 O4 ? ? A DA 5  D DT 14  1_555 ? ? ? ? ? ? WATSON-CRICK    ?     ? ? 
hydrog8  hydrog ? ? A DT 6  N3 ? ? ? 1_555 D DA 4 N1 ? ? A DT 6  D DA 13  1_555 ? ? ? ? ? ? WATSON-CRICK    ?     ? ? 
hydrog9  hydrog ? ? A DT 6  O4 ? ? ? 1_555 D DA 4 N6 ? ? A DT 6  D DA 13  1_555 ? ? ? ? ? ? WATSON-CRICK    ?     ? ? 
hydrog10 hydrog ? ? A DT 7  N3 ? ? ? 1_555 D DA 3 N1 ? ? A DT 7  D DA 12  1_555 ? ? ? ? ? ? WATSON-CRICK    ?     ? ? 
hydrog11 hydrog ? ? A DT 7  O4 ? ? ? 1_555 D DA 3 N6 ? ? A DT 7  D DA 12  1_555 ? ? ? ? ? ? WATSON-CRICK    ?     ? ? 
hydrog12 hydrog ? ? A DC 8  N3 ? ? ? 1_555 D DG 2 N1 ? ? A DC 8  D DG 11  1_555 ? ? ? ? ? ? WATSON-CRICK    ?     ? ? 
hydrog13 hydrog ? ? A DC 8  N4 ? ? ? 1_555 D DG 2 O6 ? ? A DC 8  D DG 11  1_555 ? ? ? ? ? ? WATSON-CRICK    ?     ? ? 
hydrog14 hydrog ? ? A DC 8  O2 ? ? ? 1_555 D DG 2 N2 ? ? A DC 8  D DG 11  1_555 ? ? ? ? ? ? WATSON-CRICK    ?     ? ? 
hydrog15 hydrog ? ? A DC 9  N3 ? ? ? 1_555 D DG 1 N1 ? ? A DC 9  D DG 10  1_555 ? ? ? ? ? ? WATSON-CRICK    ?     ? ? 
hydrog16 hydrog ? ? A DC 9  N4 ? ? ? 1_555 D DG 1 O6 ? ? A DC 9  D DG 10  1_555 ? ? ? ? ? ? WATSON-CRICK    ?     ? ? 
hydrog17 hydrog ? ? A DC 9  O2 ? ? ? 1_555 D DG 1 N2 ? ? A DC 9  D DG 10  1_555 ? ? ? ? ? ? WATSON-CRICK    ?     ? ? 
hydrog18 hydrog ? ? A DT 10 O4 ? ? ? 1_555 B DC 4 N4 ? ? A DT 10 B DC 4   1_555 ? ? ? ? ? ? 'DT-DC MISPAIR' ?     ? ? 
hydrog19 hydrog ? ? A DT 10 O4 ? ? ? 1_555 B DG 5 N1 ? ? A DT 10 B DG 5   1_555 ? ? ? ? ? ? 'DT-DG MISPAIR' ?     ? ? 
hydrog20 hydrog ? ? A DG 11 N1 ? ? ? 1_555 B DC 4 N3 ? ? A DG 11 B DC 4   1_555 ? ? ? ? ? ? WATSON-CRICK    ?     ? ? 
hydrog21 hydrog ? ? A DG 11 N2 ? ? ? 1_555 B DC 4 O2 ? ? A DG 11 B DC 4   1_555 ? ? ? ? ? ? WATSON-CRICK    ?     ? ? 
hydrog22 hydrog ? ? A DG 11 O6 ? ? ? 1_555 B DC 4 N4 ? ? A DG 11 B DC 4   1_555 ? ? ? ? ? ? WATSON-CRICK    ?     ? ? 
hydrog23 hydrog ? ? A DA 12 N1 ? ? ? 1_555 B DT 3 N3 ? ? A DA 12 B DT 3   1_555 ? ? ? ? ? ? WATSON-CRICK    ?     ? ? 
hydrog24 hydrog ? ? A DA 12 N6 ? ? ? 1_555 B DT 3 O4 ? ? A DA 12 B DT 3   1_555 ? ? ? ? ? ? WATSON-CRICK    ?     ? ? 
hydrog25 hydrog ? ? A DC 13 N3 ? ? ? 1_555 B DG 2 N1 ? ? A DC 13 B DG 2   1_555 ? ? ? ? ? ? WATSON-CRICK    ?     ? ? 
hydrog26 hydrog ? ? A DC 13 N4 ? ? ? 1_555 B DG 2 O6 ? ? A DC 13 B DG 2   1_555 ? ? ? ? ? ? WATSON-CRICK    ?     ? ? 
hydrog27 hydrog ? ? A DC 13 O2 ? ? ? 1_555 B DG 2 N2 ? ? A DC 13 B DG 2   1_555 ? ? ? ? ? ? WATSON-CRICK    ?     ? ? 
hydrog28 hydrog ? ? A DG 14 N1 ? ? ? 1_555 B DC 1 N3 ? ? A DG 14 B DC 1   1_555 ? ? ? ? ? ? WATSON-CRICK    ?     ? ? 
hydrog29 hydrog ? ? A DG 14 N2 ? ? ? 1_555 B DC 1 O2 ? ? A DG 14 B DC 1   1_555 ? ? ? ? ? ? WATSON-CRICK    ?     ? ? 
hydrog30 hydrog ? ? A DG 14 O6 ? ? ? 1_555 B DC 1 N4 ? ? A DG 14 B DC 1   1_555 ? ? ? ? ? ? WATSON-CRICK    ?     ? ? 
hydrog31 hydrog ? ? A DA 15 N1 ? ? ? 1_555 C DG 8 N1 ? ? A DA 15 C DG 8   1_555 ? ? ? ? ? ? TYPE_8_PAIR     ?     ? ? 
hydrog32 hydrog ? ? A DA 15 N6 ? ? ? 1_555 C DG 8 O6 ? ? A DA 15 C DG 8   1_555 ? ? ? ? ? ? TYPE_8_PAIR     ?     ? ? 
hydrog33 hydrog ? ? A DA 15 N1 ? ? ? 1_555 C DT 9 N3 ? ? A DA 15 C DT 9   1_555 ? ? ? ? ? ? WATSON-CRICK    ?     ? ? 
hydrog34 hydrog ? ? A DA 15 N6 ? ? ? 1_555 C DT 9 O4 ? ? A DA 15 C DT 9   1_555 ? ? ? ? ? ? WATSON-CRICK    ?     ? ? 
hydrog35 hydrog ? ? A DC 16 N3 ? ? ? 1_555 C DG 8 N1 ? ? A DC 16 C DG 8   1_555 ? ? ? ? ? ? WATSON-CRICK    ?     ? ? 
hydrog36 hydrog ? ? A DC 16 N4 ? ? ? 1_555 C DG 8 O6 ? ? A DC 16 C DG 8   1_555 ? ? ? ? ? ? WATSON-CRICK    ?     ? ? 
hydrog37 hydrog ? ? A DC 16 O2 ? ? ? 1_555 C DG 8 N2 ? ? A DC 16 C DG 8   1_555 ? ? ? ? ? ? WATSON-CRICK    ?     ? ? 
hydrog38 hydrog ? ? A DA 17 N1 ? ? ? 1_555 C DT 7 N3 ? ? A DA 17 C DT 7   1_555 ? ? ? ? ? ? WATSON-CRICK    ?     ? ? 
hydrog39 hydrog ? ? A DA 17 N6 ? ? ? 1_555 C DT 7 O4 ? ? A DA 17 C DT 7   1_555 ? ? ? ? ? ? WATSON-CRICK    ?     ? ? 
hydrog40 hydrog ? ? A DA 18 N1 ? ? ? 1_555 C DT 6 N3 ? ? A DA 18 C DT 6   1_555 ? ? ? ? ? ? WATSON-CRICK    ?     ? ? 
hydrog41 hydrog ? ? A DA 18 N6 ? ? ? 1_555 C DT 6 O4 ? ? A DA 18 C DT 6   1_555 ? ? ? ? ? ? WATSON-CRICK    ?     ? ? 
hydrog42 hydrog ? ? A DT 19 N3 ? ? ? 1_555 C DA 5 N1 ? ? A DT 19 C DA 5   1_555 ? ? ? ? ? ? WATSON-CRICK    ?     ? ? 
hydrog43 hydrog ? ? A DT 19 O4 ? ? ? 1_555 C DA 5 N6 ? ? A DT 19 C DA 5   1_555 ? ? ? ? ? ? WATSON-CRICK    ?     ? ? 
hydrog44 hydrog ? ? A DT 20 N3 ? ? ? 1_555 C DA 4 N1 ? ? A DT 20 C DA 4   1_555 ? ? ? ? ? ? WATSON-CRICK    ?     ? ? 
hydrog45 hydrog ? ? A DT 20 O4 ? ? ? 1_555 C DA 4 N6 ? ? A DT 20 C DA 4   1_555 ? ? ? ? ? ? WATSON-CRICK    ?     ? ? 
hydrog46 hydrog ? ? A DA 21 N1 ? ? ? 1_555 C DT 3 N3 ? ? A DA 21 C DT 3   1_555 ? ? ? ? ? ? WATSON-CRICK    ?     ? ? 
hydrog47 hydrog ? ? A DA 21 N6 ? ? ? 1_555 C DT 3 O4 ? ? A DA 21 C DT 3   1_555 ? ? ? ? ? ? WATSON-CRICK    ?     ? ? 
# 
loop_
_struct_conn_type.id 
_struct_conn_type.criteria 
_struct_conn_type.reference 
metalc ? ? 
hydrog ? ? 
# 
_atom_sites.entry_id                    8T80 
_atom_sites.Cartn_transf_matrix[1][1]   ? 
_atom_sites.Cartn_transf_matrix[1][2]   ? 
_atom_sites.Cartn_transf_matrix[1][3]   ? 
_atom_sites.Cartn_transf_matrix[2][1]   ? 
_atom_sites.Cartn_transf_matrix[2][2]   ? 
_atom_sites.Cartn_transf_matrix[2][3]   ? 
_atom_sites.Cartn_transf_matrix[3][1]   ? 
_atom_sites.Cartn_transf_matrix[3][2]   ? 
_atom_sites.Cartn_transf_matrix[3][3]   ? 
_atom_sites.Cartn_transf_vector[1]      ? 
_atom_sites.Cartn_transf_vector[2]      ? 
_atom_sites.Cartn_transf_vector[3]      ? 
_atom_sites.fract_transf_matrix[1][1]   -0.01332857 
_atom_sites.fract_transf_matrix[1][2]   -0.00998642 
_atom_sites.fract_transf_matrix[1][3]   0.00259874 
_atom_sites.fract_transf_matrix[2][1]   -0.00561364 
_atom_sites.fract_transf_matrix[2][2]   -0.00995698 
_atom_sites.fract_transf_matrix[2][3]   -0.01238832 
_atom_sites.fract_transf_matrix[3][1]   0.01028137 
_atom_sites.fract_transf_matrix[3][2]   -0.01235128 
_atom_sites.fract_transf_matrix[3][3]   0.00526831 
_atom_sites.fract_transf_vector[1]      0.353454 
_atom_sites.fract_transf_vector[2]      -0.260600 
_atom_sites.fract_transf_vector[3]      0.211345 
_atom_sites.solution_primary            ? 
_atom_sites.solution_secondary          ? 
_atom_sites.solution_hydrogens          ? 
_atom_sites.special_details             ? 
# 
loop_
_atom_type.symbol 
C  
MG 
N  
O  
P  
# 
loop_
_atom_site.group_PDB 
_atom_site.id 
_atom_site.type_symbol 
_atom_site.label_atom_id 
_atom_site.label_alt_id 
_atom_site.label_comp_id 
_atom_site.label_asym_id 
_atom_site.label_entity_id 
_atom_site.label_seq_id 
_atom_site.pdbx_PDB_ins_code 
_atom_site.Cartn_x 
_atom_site.Cartn_y 
_atom_site.Cartn_z 
_atom_site.occupancy 
_atom_site.B_iso_or_equiv 
_atom_site.pdbx_formal_charge 
_atom_site.auth_seq_id 
_atom_site.auth_comp_id 
_atom_site.auth_asym_id 
_atom_site.auth_atom_id 
_atom_site.pdbx_PDB_model_num 
ATOM   1   O  "O5'" . DG  A 1 1  ? 29.914  15.548  -14.125 1.00 152.88 ? 1   DG  A "O5'" 1 
ATOM   2   C  "C5'" . DG  A 1 1  ? 28.614  16.198  -14.174 1.00 171.15 ? 1   DG  A "C5'" 1 
ATOM   3   C  "C4'" . DG  A 1 1  ? 28.245  16.458  -15.615 1.00 178.15 ? 1   DG  A "C4'" 1 
ATOM   4   O  "O4'" . DG  A 1 1  ? 28.864  15.461  -16.445 1.00 158.23 ? 1   DG  A "O4'" 1 
ATOM   5   C  "C3'" . DG  A 1 1  ? 26.761  16.357  -15.967 1.00 194.01 ? 1   DG  A "C3'" 1 
ATOM   6   O  "O3'" . DG  A 1 1  ? 26.048  17.566  -15.698 1.00 218.06 ? 1   DG  A "O3'" 1 
ATOM   7   C  "C2'" . DG  A 1 1  ? 26.813  16.127  -17.474 1.00 168.97 ? 1   DG  A "C2'" 1 
ATOM   8   C  "C1'" . DG  A 1 1  ? 28.157  15.433  -17.680 1.00 157.67 ? 1   DG  A "C1'" 1 
ATOM   9   N  N9    . DG  A 1 1  ? 28.038  14.042  -18.098 1.00 144.61 ? 1   DG  A N9    1 
ATOM   10  C  C8    . DG  A 1 1  ? 28.607  12.901  -17.584 1.00 142.69 ? 1   DG  A C8    1 
ATOM   11  N  N7    . DG  A 1 1  ? 28.294  11.821  -18.261 1.00 144.26 ? 1   DG  A N7    1 
ATOM   12  C  C5    . DG  A 1 1  ? 27.471  12.288  -19.281 1.00 145.30 ? 1   DG  A C5    1 
ATOM   13  C  C6    . DG  A 1 1  ? 26.826  11.580  -20.326 1.00 156.38 ? 1   DG  A C6    1 
ATOM   14  O  O6    . DG  A 1 1  ? 26.853  10.359  -20.555 1.00 155.79 ? 1   DG  A O6    1 
ATOM   15  N  N1    . DG  A 1 1  ? 26.091  12.449  -21.143 1.00 159.43 ? 1   DG  A N1    1 
ATOM   16  C  C2    . DG  A 1 1  ? 25.986  13.815  -20.977 1.00 149.29 ? 1   DG  A C2    1 
ATOM   17  N  N2    . DG  A 1 1  ? 25.222  14.480  -21.857 1.00 147.69 ? 1   DG  A N2    1 
ATOM   18  N  N3    . DG  A 1 1  ? 26.592  14.484  -19.996 1.00 134.00 ? 1   DG  A N3    1 
ATOM   19  C  C4    . DG  A 1 1  ? 27.309  13.657  -19.193 1.00 138.77 ? 1   DG  A C4    1 
ATOM   20  P  P     . DA  A 1 2  ? 25.180  17.606  -14.343 1.00 199.03 ? 2   DA  A P     1 
ATOM   21  O  OP1   . DA  A 1 2  ? 25.681  18.724  -13.466 1.00 180.12 ? 2   DA  A OP1   1 
ATOM   22  O  OP2   . DA  A 1 2  ? 25.113  16.229  -13.737 1.00 198.06 ? 2   DA  A OP2   1 
ATOM   23  O  "O5'" . DA  A 1 2  ? 23.713  17.985  -14.884 1.00 179.42 ? 2   DA  A "O5'" 1 
ATOM   24  C  "C5'" . DA  A 1 2  ? 23.552  19.034  -15.870 1.00 157.58 ? 2   DA  A "C5'" 1 
ATOM   25  C  "C4'" . DA  A 1 2  ? 22.891  18.442  -17.089 1.00 162.94 ? 2   DA  A "C4'" 1 
ATOM   26  O  "O4'" . DA  A 1 2  ? 23.570  17.219  -17.451 1.00 151.64 ? 2   DA  A "O4'" 1 
ATOM   27  C  "C3'" . DA  A 1 2  ? 21.412  18.081  -16.890 1.00 169.85 ? 2   DA  A "C3'" 1 
ATOM   28  O  "O3'" . DA  A 1 2  ? 20.581  18.735  -17.855 1.00 181.16 ? 2   DA  A "O3'" 1 
ATOM   29  C  "C2'" . DA  A 1 2  ? 21.388  16.568  -17.094 1.00 164.48 ? 2   DA  A "C2'" 1 
ATOM   30  C  "C1'" . DA  A 1 2  ? 22.585  16.356  -17.997 1.00 151.97 ? 2   DA  A "C1'" 1 
ATOM   31  N  N9    . DA  A 1 2  ? 23.060  14.977  -18.016 1.00 143.86 ? 2   DA  A N9    1 
ATOM   32  C  C8    . DA  A 1 2  ? 23.756  14.270  -17.064 1.00 136.96 ? 2   DA  A C8    1 
ATOM   33  N  N7    . DA  A 1 2  ? 23.968  13.022  -17.410 1.00 138.04 ? 2   DA  A N7    1 
ATOM   34  C  C5    . DA  A 1 2  ? 23.362  12.892  -18.661 1.00 139.45 ? 2   DA  A C5    1 
ATOM   35  C  C6    . DA  A 1 2  ? 23.236  11.809  -19.566 1.00 127.39 ? 2   DA  A C6    1 
ATOM   36  N  N6    . DA  A 1 2  ? 23.737  10.595  -19.359 1.00 122.71 ? 2   DA  A N6    1 
ATOM   37  N  N1    . DA  A 1 2  ? 22.557  12.025  -20.725 1.00 126.93 ? 2   DA  A N1    1 
ATOM   38  C  C2    . DA  A 1 2  ? 22.057  13.249  -20.953 1.00 149.93 ? 2   DA  A C2    1 
ATOM   39  N  N3    . DA  A 1 2  ? 22.113  14.335  -20.183 1.00 152.91 ? 2   DA  A N3    1 
ATOM   40  C  C4    . DA  A 1 2  ? 22.785  14.092  -19.038 1.00 145.26 ? 2   DA  A C4    1 
ATOM   41  P  P     . DG  A 1 3  ? 19.008  18.669  -17.514 1.00 173.33 ? 3   DG  A P     1 
ATOM   42  O  OP1   . DG  A 1 3  ? 18.242  19.746  -18.237 1.00 166.38 ? 3   DG  A OP1   1 
ATOM   43  O  OP2   . DG  A 1 3  ? 18.897  18.668  -16.011 1.00 169.80 ? 3   DG  A OP2   1 
ATOM   44  O  "O5'" . DG  A 1 3  ? 18.562  17.247  -18.132 1.00 144.21 ? 3   DG  A "O5'" 1 
ATOM   45  C  "C5'" . DG  A 1 3  ? 18.819  16.964  -19.538 1.00 147.63 ? 3   DG  A "C5'" 1 
ATOM   46  C  "C4'" . DG  A 1 3  ? 17.937  15.841  -20.035 1.00 152.98 ? 3   DG  A "C4'" 1 
ATOM   47  O  "O4'" . DG  A 1 3  ? 18.627  14.575  -19.910 1.00 153.84 ? 3   DG  A "O4'" 1 
ATOM   48  C  "C3'" . DG  A 1 3  ? 16.615  15.674  -19.291 1.00 166.08 ? 3   DG  A "C3'" 1 
ATOM   49  O  "O3'" . DG  A 1 3  ? 15.605  15.197  -20.176 1.00 175.90 ? 3   DG  A "O3'" 1 
ATOM   50  C  "C2'" . DG  A 1 3  ? 16.961  14.613  -18.254 1.00 162.55 ? 3   DG  A "C2'" 1 
ATOM   51  C  "C1'" . DG  A 1 3  ? 17.886  13.708  -19.052 1.00 155.00 ? 3   DG  A "C1'" 1 
ATOM   52  N  N9    . DG  A 1 3  ? 18.828  12.938  -18.241 1.00 146.30 ? 3   DG  A N9    1 
ATOM   53  C  C8    . DG  A 1 3  ? 19.426  13.264  -17.045 1.00 147.36 ? 3   DG  A C8    1 
ATOM   54  N  N7    . DG  A 1 3  ? 20.223  12.328  -16.584 1.00 131.11 ? 3   DG  A N7    1 
ATOM   55  C  C5    . DG  A 1 3  ? 20.145  11.325  -17.541 1.00 123.41 ? 3   DG  A C5    1 
ATOM   56  C  C6    . DG  A 1 3  ? 20.794  10.070  -17.582 1.00 124.78 ? 3   DG  A C6    1 
ATOM   57  O  O6    . DG  A 1 3  ? 21.589  9.594   -16.754 1.00 133.15 ? 3   DG  A O6    1 
ATOM   58  N  N1    . DG  A 1 3  ? 20.429  9.358   -18.730 1.00 115.13 ? 3   DG  A N1    1 
ATOM   59  C  C2    . DG  A 1 3  ? 19.559  9.799   -19.703 1.00 108.72 ? 3   DG  A C2    1 
ATOM   60  N  N2    . DG  A 1 3  ? 19.324  8.963   -20.720 1.00 105.06 ? 3   DG  A N2    1 
ATOM   61  N  N3    . DG  A 1 3  ? 18.949  10.983  -19.672 1.00 104.88 ? 3   DG  A N3    1 
ATOM   62  C  C4    . DG  A 1 3  ? 19.291  11.688  -18.566 1.00 123.03 ? 3   DG  A C4    1 
ATOM   63  P  P     . DA  A 1 4  ? 14.171  15.647  -19.609 1.00 164.37 ? 4   DA  A P     1 
ATOM   64  O  OP1   . DA  A 1 4  ? 13.657  16.818  -20.399 1.00 166.99 ? 4   DA  A OP1   1 
ATOM   65  O  OP2   . DA  A 1 4  ? 14.299  15.796  -18.115 1.00 141.64 ? 4   DA  A OP2   1 
ATOM   66  O  "O5'" . DA  A 1 4  ? 13.279  14.349  -19.930 1.00 139.99 ? 4   DA  A "O5'" 1 
ATOM   67  C  "C5'" . DA  A 1 4  ? 12.492  14.306  -21.146 1.00 141.87 ? 4   DA  A "C5'" 1 
ATOM   68  C  "C4'" . DA  A 1 4  ? 12.585  12.908  -21.705 1.00 153.55 ? 4   DA  A "C4'" 1 
ATOM   69  O  "O4'" . DA  A 1 4  ? 13.811  12.313  -21.229 1.00 149.44 ? 4   DA  A "O4'" 1 
ATOM   70  C  "C3'" . DA  A 1 4  ? 11.435  11.972  -21.318 1.00 155.52 ? 4   DA  A "C3'" 1 
ATOM   71  O  "O3'" . DA  A 1 4  ? 10.958  11.328  -22.502 1.00 169.00 ? 4   DA  A "O3'" 1 
ATOM   72  C  "C2'" . DA  A 1 4  ? 12.060  10.984  -20.331 1.00 136.27 ? 4   DA  A "C2'" 1 
ATOM   73  C  "C1'" . DA  A 1 4  ? 13.553  11.051  -20.620 1.00 135.24 ? 4   DA  A "C1'" 1 
ATOM   74  N  N9    . DA  A 1 4  ? 14.383  10.969  -19.419 1.00 122.50 ? 4   DA  A N9    1 
ATOM   75  C  C8    . DA  A 1 4  ? 14.583  11.966  -18.493 1.00 120.35 ? 4   DA  A C8    1 
ATOM   76  N  N7    . DA  A 1 4  ? 15.361  11.611  -17.500 1.00 119.49 ? 4   DA  A N7    1 
ATOM   77  C  C5    . DA  A 1 4  ? 15.710  10.299  -17.790 1.00 113.75 ? 4   DA  A C5    1 
ATOM   78  C  C6    . DA  A 1 4  ? 16.524  9.366   -17.110 1.00 110.02 ? 4   DA  A C6    1 
ATOM   79  N  N6    . DA  A 1 4  ? 17.149  9.630   -15.963 1.00 102.08 ? 4   DA  A N6    1 
ATOM   80  N  N1    . DA  A 1 4  ? 16.669  8.139   -17.673 1.00 111.06 ? 4   DA  A N1    1 
ATOM   81  C  C2    . DA  A 1 4  ? 16.026  7.881   -18.827 1.00 117.95 ? 4   DA  A C2    1 
ATOM   82  N  N3    . DA  A 1 4  ? 15.228  8.674   -19.548 1.00 117.76 ? 4   DA  A N3    1 
ATOM   83  C  C4    . DA  A 1 4  ? 15.113  9.889   -18.974 1.00 118.19 ? 4   DA  A C4    1 
ATOM   84  P  P     . DA  A 1 5  ? 9.507   10.643  -22.379 1.00 167.22 ? 5   DA  A P     1 
ATOM   85  O  OP1   . DA  A 1 5  ? 8.908   10.404  -23.739 1.00 163.20 ? 5   DA  A OP1   1 
ATOM   86  O  OP2   . DA  A 1 5  ? 8.682   11.407  -21.377 1.00 173.48 ? 5   DA  A OP2   1 
ATOM   87  O  "O5'" . DA  A 1 5  ? 9.944   9.217   -21.780 1.00 154.23 ? 5   DA  A "O5'" 1 
ATOM   88  C  "C5'" . DA  A 1 5  ? 10.664  8.319   -22.656 1.00 140.70 ? 5   DA  A "C5'" 1 
ATOM   89  C  "C4'" . DA  A 1 5  ? 11.173  7.136   -21.872 1.00 139.82 ? 5   DA  A "C4'" 1 
ATOM   90  O  "O4'" . DA  A 1 5  ? 11.969  7.582   -20.759 1.00 126.15 ? 5   DA  A "O4'" 1 
ATOM   91  C  "C3'" . DA  A 1 5  ? 10.095  6.230   -21.274 1.00 145.60 ? 5   DA  A "C3'" 1 
ATOM   92  O  "O3'" . DA  A 1 5  ? 10.268  4.945   -21.867 1.00 164.84 ? 5   DA  A "O3'" 1 
ATOM   93  C  "C2'" . DA  A 1 5  ? 10.397  6.237   -19.773 1.00 126.20 ? 5   DA  A "C2'" 1 
ATOM   94  C  "C1'" . DA  A 1 5  ? 11.871  6.559   -19.778 1.00 108.75 ? 5   DA  A "C1'" 1 
ATOM   95  N  N9    . DA  A 1 5  ? 12.442  7.079   -18.546 1.00 107.22 ? 5   DA  A N9    1 
ATOM   96  C  C8    . DA  A 1 5  ? 12.309  8.333   -17.990 1.00 107.98 ? 5   DA  A C8    1 
ATOM   97  N  N7    . DA  A 1 5  ? 12.991  8.495   -16.879 1.00 86.83  ? 5   DA  A N7    1 
ATOM   98  C  C5    . DA  A 1 5  ? 13.648  7.283   -16.715 1.00 95.05  ? 5   DA  A C5    1 
ATOM   99  C  C6    . DA  A 1 5  ? 14.553  6.831   -15.735 1.00 104.89 ? 5   DA  A C6    1 
ATOM   100 N  N6    . DA  A 1 5  ? 14.955  7.589   -14.722 1.00 102.09 ? 5   DA  A N6    1 
ATOM   101 N  N1    . DA  A 1 5  ? 15.029  5.564   -15.850 1.00 114.02 ? 5   DA  A N1    1 
ATOM   102 C  C2    . DA  A 1 5  ? 14.614  4.827   -16.893 1.00 124.40 ? 5   DA  A C2    1 
ATOM   103 N  N3    . DA  A 1 5  ? 13.767  5.143   -17.879 1.00 111.80 ? 5   DA  A N3    1 
ATOM   104 C  C4    . DA  A 1 5  ? 13.319  6.402   -17.734 1.00 101.81 ? 5   DA  A C4    1 
ATOM   105 P  P     . DT  A 1 6  ? 9.172   3.841   -21.460 1.00 183.19 ? 6   DT  A P     1 
ATOM   106 O  OP1   . DT  A 1 6  ? 9.150   2.767   -22.514 1.00 171.94 ? 6   DT  A OP1   1 
ATOM   107 O  OP2   . DT  A 1 6  ? 7.876   4.543   -21.138 1.00 190.90 ? 6   DT  A OP2   1 
ATOM   108 O  "O5'" . DT  A 1 6  ? 9.851   3.235   -20.132 1.00 148.30 ? 6   DT  A "O5'" 1 
ATOM   109 C  "C5'" . DT  A 1 6  ? 11.270  3.010   -20.191 1.00 140.90 ? 6   DT  A "C5'" 1 
ATOM   110 C  "C4'" . DT  A 1 6  ? 11.706  2.034   -19.131 1.00 143.32 ? 6   DT  A "C4'" 1 
ATOM   111 O  "O4'" . DT  A 1 6  ? 12.305  2.791   -18.061 1.00 137.59 ? 6   DT  A "O4'" 1 
ATOM   112 C  "C3'" . DT  A 1 6  ? 10.635  1.137   -18.505 1.00 144.44 ? 6   DT  A "C3'" 1 
ATOM   113 O  "O3'" . DT  A 1 6  ? 11.159  -0.195  -18.470 1.00 159.26 ? 6   DT  A "O3'" 1 
ATOM   114 C  "C2'" . DT  A 1 6  ? 10.448  1.722   -17.112 1.00 135.80 ? 6   DT  A "C2'" 1 
ATOM   115 C  "C1'" . DT  A 1 6  ? 11.815  2.321   -16.819 1.00 129.71 ? 6   DT  A "C1'" 1 
ATOM   116 N  N1    . DT  A 1 6  ? 11.800  3.487   -15.921 1.00 122.83 ? 6   DT  A N1    1 
ATOM   117 C  C2    . DT  A 1 6  ? 12.743  3.561   -14.901 1.00 119.99 ? 6   DT  A C2    1 
ATOM   118 O  O2    . DT  A 1 6  ? 13.597  2.703   -14.702 1.00 122.91 ? 6   DT  A O2    1 
ATOM   119 N  N3    . DT  A 1 6  ? 12.654  4.685   -14.113 1.00 101.87 ? 6   DT  A N3    1 
ATOM   120 C  C4    . DT  A 1 6  ? 11.745  5.720   -14.244 1.00 98.43  ? 6   DT  A C4    1 
ATOM   121 O  O4    . DT  A 1 6  ? 11.779  6.673   -13.465 1.00 94.22  ? 6   DT  A O4    1 
ATOM   122 C  C5    . DT  A 1 6  ? 10.803  5.588   -15.336 1.00 101.87 ? 6   DT  A C5    1 
ATOM   123 C  C7    . DT  A 1 6  ? 9.796   6.685   -15.530 1.00 101.43 ? 6   DT  A C7    1 
ATOM   124 C  C6    . DT  A 1 6  ? 10.878  4.499   -16.126 1.00 103.36 ? 6   DT  A C6    1 
ATOM   125 P  P     . DT  A 1 7  ? 10.245  -1.347  -17.816 1.00 157.36 ? 7   DT  A P     1 
ATOM   126 O  OP1   . DT  A 1 7  ? 10.637  -2.695  -18.354 1.00 155.72 ? 7   DT  A OP1   1 
ATOM   127 O  OP2   . DT  A 1 7  ? 8.803   -0.922  -17.927 1.00 162.88 ? 7   DT  A OP2   1 
ATOM   128 O  "O5'" . DT  A 1 7  ? 10.756  -1.274  -16.295 1.00 134.24 ? 7   DT  A "O5'" 1 
ATOM   129 C  "C5'" . DT  A 1 7  ? 12.171  -1.417  -16.059 1.00 140.89 ? 7   DT  A "C5'" 1 
ATOM   130 C  "C4'" . DT  A 1 7  ? 12.470  -1.308  -14.586 1.00 141.96 ? 7   DT  A "C4'" 1 
ATOM   131 O  "O4'" . DT  A 1 7  ? 12.365  0.072   -14.168 1.00 135.34 ? 7   DT  A "O4'" 1 
ATOM   132 C  "C3'" . DT  A 1 7  ? 11.556  -2.115  -13.656 1.00 146.97 ? 7   DT  A "C3'" 1 
ATOM   133 O  "O3'" . DT  A 1 7  ? 12.341  -2.879  -12.738 1.00 158.03 ? 7   DT  A "O3'" 1 
ATOM   134 C  "C2'" . DT  A 1 7  ? 10.784  -1.040  -12.904 1.00 143.23 ? 7   DT  A "C2'" 1 
ATOM   135 C  "C1'" . DT  A 1 7  ? 11.805  0.080   -12.861 1.00 139.19 ? 7   DT  A "C1'" 1 
ATOM   136 N  N1    . DT  A 1 7  ? 11.236  1.418   -12.571 1.00 123.72 ? 7   DT  A N1    1 
ATOM   137 C  C2    . DT  A 1 7  ? 11.884  2.246   -11.659 1.00 116.21 ? 7   DT  A C2    1 
ATOM   138 O  O2    . DT  A 1 7  ? 12.918  1.951   -11.067 1.00 117.08 ? 7   DT  A O2    1 
ATOM   139 N  N3    . DT  A 1 7  ? 11.284  3.464   -11.465 1.00 98.01  ? 7   DT  A N3    1 
ATOM   140 C  C4    . DT  A 1 7  ? 10.124  3.926   -12.062 1.00 98.04  ? 7   DT  A C4    1 
ATOM   141 O  O4    . DT  A 1 7  ? 9.700   5.046   -11.773 1.00 93.28  ? 7   DT  A O4    1 
ATOM   142 C  C5    . DT  A 1 7  ? 9.488   3.011   -12.990 1.00 98.54  ? 7   DT  A C5    1 
ATOM   143 C  C7    . DT  A 1 7  ? 8.216   3.442   -13.666 1.00 92.31  ? 7   DT  A C7    1 
ATOM   144 C  C6    . DT  A 1 7  ? 10.067  1.816   -13.202 1.00 100.27 ? 7   DT  A C6    1 
ATOM   145 P  P     . DC  A 1 8  ? 11.467  -3.672  -11.643 1.00 141.89 ? 8   DC  A P     1 
ATOM   146 O  OP1   . DC  A 1 8  ? 12.001  -5.059  -11.413 1.00 149.84 ? 8   DC  A OP1   1 
ATOM   147 O  OP2   . DC  A 1 8  ? 10.014  -3.512  -12.015 1.00 141.18 ? 8   DC  A OP2   1 
ATOM   148 O  "O5'" . DC  A 1 8  ? 11.822  -2.849  -10.315 1.00 111.35 ? 8   DC  A "O5'" 1 
ATOM   149 C  "C5'" . DC  A 1 8  ? 12.795  -3.427  -9.422  1.00 113.72 ? 8   DC  A "C5'" 1 
ATOM   150 C  "C4'" . DC  A 1 8  ? 13.013  -2.461  -8.293  1.00 120.69 ? 8   DC  A "C4'" 1 
ATOM   151 O  "O4'" . DC  A 1 8  ? 12.610  -1.140  -8.730  1.00 117.20 ? 8   DC  A "O4'" 1 
ATOM   152 C  "C3'" . DC  A 1 8  ? 12.218  -2.776  -7.027  1.00 118.68 ? 8   DC  A "C3'" 1 
ATOM   153 O  "O3'" . DC  A 1 8  ? 13.059  -2.624  -5.892  1.00 126.15 ? 8   DC  A "O3'" 1 
ATOM   154 C  "C2'" . DC  A 1 8  ? 11.125  -1.721  -7.048  1.00 125.27 ? 8   DC  A "C2'" 1 
ATOM   155 C  "C1'" . DC  A 1 8  ? 11.818  -0.550  -7.722  1.00 126.65 ? 8   DC  A "C1'" 1 
ATOM   156 N  N1    . DC  A 1 8  ? 10.875  0.419   -8.337  1.00 127.45 ? 8   DC  A N1    1 
ATOM   157 C  C2    . DC  A 1 8  ? 10.765  1.712   -7.796  1.00 122.37 ? 8   DC  A C2    1 
ATOM   158 O  O2    . DC  A 1 8  ? 11.479  2.042   -6.838  1.00 138.23 ? 8   DC  A O2    1 
ATOM   159 N  N3    . DC  A 1 8  ? 9.877   2.578   -8.332  1.00 104.68 ? 8   DC  A N3    1 
ATOM   160 C  C4    . DC  A 1 8  ? 9.095   2.189   -9.347  1.00 117.00 ? 8   DC  A C4    1 
ATOM   161 N  N4    . DC  A 1 8  ? 8.245   3.076   -9.826  1.00 129.55 ? 8   DC  A N4    1 
ATOM   162 C  C5    . DC  A 1 8  ? 9.169   0.876   -9.900  1.00 118.24 ? 8   DC  A C5    1 
ATOM   163 C  C6    . DC  A 1 8  ? 10.068  0.032   -9.371  1.00 122.99 ? 8   DC  A C6    1 
ATOM   164 P  P     . DC  A 1 9  ? 12.312  -2.759  -4.472  1.00 138.66 ? 9   DC  A P     1 
ATOM   165 O  OP1   . DC  A 1 9  ? 13.286  -3.167  -3.395  1.00 136.40 ? 9   DC  A OP1   1 
ATOM   166 O  OP2   . DC  A 1 9  ? 11.022  -3.517  -4.639  1.00 135.42 ? 9   DC  A OP2   1 
ATOM   167 O  "O5'" . DC  A 1 9  ? 11.997  -1.216  -4.180  1.00 100.15 ? 9   DC  A "O5'" 1 
ATOM   168 C  "C5'" . DC  A 1 9  ? 13.082  -0.453  -3.655  1.00 103.66 ? 9   DC  A "C5'" 1 
ATOM   169 C  "C4'" . DC  A 1 9  ? 12.523  0.746   -2.948  1.00 110.00 ? 9   DC  A "C4'" 1 
ATOM   170 O  "O4'" . DC  A 1 9  ? 11.658  1.472   -3.846  1.00 115.69 ? 9   DC  A "O4'" 1 
ATOM   171 C  "C3'" . DC  A 1 9  ? 11.710  0.436   -1.698  1.00 110.00 ? 9   DC  A "C3'" 1 
ATOM   172 O  "O3'" . DC  A 1 9  ? 12.410  1.054   -0.628  1.00 110.42 ? 9   DC  A "O3'" 1 
ATOM   173 C  "C2'" . DC  A 1 9  ? 10.353  1.074   -1.987  1.00 122.29 ? 9   DC  A "C2'" 1 
ATOM   174 C  "C1'" . DC  A 1 9  ? 10.652  2.089   -3.083  1.00 117.60 ? 9   DC  A "C1'" 1 
ATOM   175 N  N1    . DC  A 1 9  ? 9.519   2.348   -3.997  1.00 114.44 ? 9   DC  A N1    1 
ATOM   176 C  C2    . DC  A 1 9  ? 8.751   3.508   -3.851  1.00 111.20 ? 9   DC  A C2    1 
ATOM   177 O  O2    . DC  A 1 9  ? 9.044   4.326   -2.963  1.00 118.81 ? 9   DC  A O2    1 
ATOM   178 N  N3    . DC  A 1 9  ? 7.694   3.692   -4.676  1.00 106.14 ? 9   DC  A N3    1 
ATOM   179 C  C4    . DC  A 1 9  ? 7.388   2.778   -5.609  1.00 112.63 ? 9   DC  A C4    1 
ATOM   180 N  N4    . DC  A 1 9  ? 6.344   3.002   -6.390  1.00 111.99 ? 9   DC  A N4    1 
ATOM   181 C  C5    . DC  A 1 9  ? 8.149   1.591   -5.761  1.00 122.60 ? 9   DC  A C5    1 
ATOM   182 C  C6    . DC  A 1 9  ? 9.197   1.420   -4.942  1.00 118.89 ? 9   DC  A C6    1 
ATOM   183 P  P     . DT  A 1 10 ? 11.967  0.707   0.877   1.00 129.87 ? 10  DT  A P     1 
ATOM   184 O  OP1   . DT  A 1 10 ? 12.999  1.182   1.868   1.00 130.13 ? 10  DT  A OP1   1 
ATOM   185 O  OP2   . DT  A 1 10 ? 11.559  -0.741  0.915   1.00 138.51 ? 10  DT  A OP2   1 
ATOM   186 O  "O5'" . DT  A 1 10 ? 10.723  1.712   1.042   1.00 111.37 ? 10  DT  A "O5'" 1 
ATOM   187 C  "C5'" . DT  A 1 10 ? 10.922  3.064   0.566   1.00 110.12 ? 10  DT  A "C5'" 1 
ATOM   188 C  "C4'" . DT  A 1 10 ? 9.966   4.021   1.231   1.00 107.79 ? 10  DT  A "C4'" 1 
ATOM   189 O  "O4'" . DT  A 1 10 ? 8.909   4.371   0.301   1.00 106.20 ? 10  DT  A "O4'" 1 
ATOM   190 C  "C3'" . DT  A 1 10 ? 9.285   3.524   2.501   1.00 120.27 ? 10  DT  A "C3'" 1 
ATOM   191 O  "O3'" . DT  A 1 10 ? 9.218   4.634   3.389   1.00 126.54 ? 10  DT  A "O3'" 1 
ATOM   192 C  "C2'" . DT  A 1 10 ? 7.907   3.113   1.995   1.00 128.64 ? 10  DT  A "C2'" 1 
ATOM   193 C  "C1'" . DT  A 1 10 ? 7.651   4.178   0.935   1.00 126.63 ? 10  DT  A "C1'" 1 
ATOM   194 N  N1    . DT  A 1 10 ? 6.658   3.818   -0.105  1.00 114.76 ? 10  DT  A N1    1 
ATOM   195 C  C2    . DT  A 1 10 ? 5.463   4.513   -0.147  1.00 117.22 ? 10  DT  A C2    1 
ATOM   196 O  O2    . DT  A 1 10 ? 5.175   5.414   0.636   1.00 117.26 ? 10  DT  A O2    1 
ATOM   197 N  N3    . DT  A 1 10 ? 4.607   4.118   -1.146  1.00 113.26 ? 10  DT  A N3    1 
ATOM   198 C  C4    . DT  A 1 10 ? 4.820   3.126   -2.083  1.00 112.66 ? 10  DT  A C4    1 
ATOM   199 O  O4    . DT  A 1 10 ? 3.953   2.875   -2.923  1.00 107.87 ? 10  DT  A O4    1 
ATOM   200 C  C5    . DT  A 1 10 ? 6.087   2.440   -1.978  1.00 106.68 ? 10  DT  A C5    1 
ATOM   201 C  C7    . DT  A 1 10 ? 6.387   1.343   -2.956  1.00 99.99  ? 10  DT  A C7    1 
ATOM   202 C  C6    . DT  A 1 10 ? 6.936   2.816   -1.010  1.00 106.22 ? 10  DT  A C6    1 
ATOM   203 P  P     . DG  A 1 11 ? 8.984   4.314   4.945   1.00 140.15 ? 11  DG  A P     1 
ATOM   204 O  OP1   . DG  A 1 11 ? 9.658   5.361   5.790   1.00 144.06 ? 11  DG  A OP1   1 
ATOM   205 O  OP2   . DG  A 1 11 ? 9.273   2.856   5.193   1.00 137.92 ? 11  DG  A OP2   1 
ATOM   206 O  "O5'" . DG  A 1 11 ? 7.417   4.616   5.113   1.00 125.36 ? 11  DG  A "O5'" 1 
ATOM   207 C  "C5'" . DG  A 1 11 ? 7.042   5.921   5.620   1.00 118.92 ? 11  DG  A "C5'" 1 
ATOM   208 C  "C4'" . DG  A 1 11 ? 5.567   6.132   5.398   1.00 122.58 ? 11  DG  A "C4'" 1 
ATOM   209 O  "O4'" . DG  A 1 11 ? 5.160   5.540   4.141   1.00 126.56 ? 11  DG  A "O4'" 1 
ATOM   210 C  "C3'" . DG  A 1 11 ? 4.680   5.496   6.464   1.00 116.54 ? 11  DG  A "C3'" 1 
ATOM   211 O  "O3'" . DG  A 1 11 ? 3.579   6.352   6.678   1.00 124.76 ? 11  DG  A "O3'" 1 
ATOM   212 C  "C2'" . DG  A 1 11 ? 4.216   4.215   5.789   1.00 102.97 ? 11  DG  A "C2'" 1 
ATOM   213 C  "C1'" . DG  A 1 11 ? 4.009   4.743   4.388   1.00 90.85  ? 11  DG  A "C1'" 1 
ATOM   214 N  N9    . DG  A 1 11 ? 3.890   3.711   3.374   1.00 84.08  ? 11  DG  A N9    1 
ATOM   215 C  C8    . DG  A 1 11 ? 4.424   2.448   3.360   1.00 88.61  ? 11  DG  A C8    1 
ATOM   216 N  N7    . DG  A 1 11 ? 4.060   1.741   2.313   1.00 88.77  ? 11  DG  A N7    1 
ATOM   217 C  C5    . DG  A 1 11 ? 3.231   2.597   1.604   1.00 82.22  ? 11  DG  A C5    1 
ATOM   218 C  C6    . DG  A 1 11 ? 2.547   2.376   0.392   1.00 94.20  ? 11  DG  A C6    1 
ATOM   219 O  O6    . DG  A 1 11 ? 2.544   1.350   -0.305  1.00 108.19 ? 11  DG  A O6    1 
ATOM   220 N  N1    . DG  A 1 11 ? 1.819   3.505   0.018   1.00 94.01  ? 11  DG  A N1    1 
ATOM   221 C  C2    . DG  A 1 11 ? 1.754   4.683   0.723   1.00 89.13  ? 11  DG  A C2    1 
ATOM   222 N  N2    . DG  A 1 11 ? 0.993   5.648   0.190   1.00 86.85  ? 11  DG  A N2    1 
ATOM   223 N  N3    . DG  A 1 11 ? 2.397   4.897   1.870   1.00 79.31  ? 11  DG  A N3    1 
ATOM   224 C  C4    . DG  A 1 11 ? 3.111   3.810   2.248   1.00 84.10  ? 11  DG  A C4    1 
ATOM   225 P  P     . DA  A 1 12 ? 3.299   6.473   8.251   1.00 128.64 ? 12  DA  A P     1 
ATOM   226 O  OP1   . DA  A 1 12 ? 4.011   7.684   8.793   1.00 132.69 ? 12  DA  A OP1   1 
ATOM   227 O  OP2   . DA  A 1 12 ? 3.507   5.114   8.871   1.00 114.18 ? 12  DA  A OP2   1 
ATOM   228 O  "O5'" . DA  A 1 12 ? 1.744   6.869   8.183   1.00 133.36 ? 12  DA  A "O5'" 1 
ATOM   229 C  "C5'" . DA  A 1 12 ? 1.416   8.207   7.712   1.00 125.30 ? 12  DA  A "C5'" 1 
ATOM   230 C  "C4'" . DA  A 1 12 ? 0.359   8.147   6.630   1.00 107.92 ? 12  DA  A "C4'" 1 
ATOM   231 O  "O4'" . DA  A 1 12 ? 0.665   7.121   5.663   1.00 84.87  ? 12  DA  A "O4'" 1 
ATOM   232 C  "C3'" . DA  A 1 12 ? -1.043  7.862   7.161   1.00 103.34 ? 12  DA  A "C3'" 1 
ATOM   233 O  "O3'" . DA  A 1 12 ? -1.893  8.886   6.678   1.00 103.75 ? 12  DA  A "O3'" 1 
ATOM   234 C  "C2'" . DA  A 1 12 ? -1.371  6.483   6.595   1.00 99.72  ? 12  DA  A "C2'" 1 
ATOM   235 C  "C1'" . DA  A 1 12 ? -0.539  6.446   5.328   1.00 88.27  ? 12  DA  A "C1'" 1 
ATOM   236 N  N9    . DA  A 1 12 ? -0.191  5.104   4.863   1.00 80.76  ? 12  DA  A N9    1 
ATOM   237 C  C8    . DA  A 1 12 ? 0.617   4.170   5.475   1.00 78.39  ? 12  DA  A C8    1 
ATOM   238 N  N7    . DA  A 1 12 ? 0.735   3.049   4.796   1.00 64.73  ? 12  DA  A N7    1 
ATOM   239 C  C5    . DA  A 1 12 ? 0.010   3.287   3.640   1.00 63.55  ? 12  DA  A C5    1 
ATOM   240 C  C6    . DA  A 1 12 ? -0.230  2.488   2.516   1.00 68.21  ? 12  DA  A C6    1 
ATOM   241 N  N6    . DA  A 1 12 ? 0.247   1.252   2.400   1.00 72.81  ? 12  DA  A N6    1 
ATOM   242 N  N1    . DA  A 1 12 ? -1.061  2.983   1.563   1.00 69.45  ? 12  DA  A N1    1 
ATOM   243 C  C2    . DA  A 1 12 ? -1.566  4.215   1.728   1.00 78.11  ? 12  DA  A C2    1 
ATOM   244 N  N3    . DA  A 1 12 ? -1.378  5.074   2.732   1.00 74.87  ? 12  DA  A N3    1 
ATOM   245 C  C4    . DA  A 1 12 ? -0.586  4.536   3.674   1.00 69.03  ? 12  DA  A C4    1 
ATOM   246 P  P     . DC  A 1 13 ? -3.376  8.718   7.270   1.00 119.24 ? 13  DC  A P     1 
ATOM   247 O  OP1   . DC  A 1 13 ? -4.088  10.021  7.012   1.00 102.29 ? 13  DC  A OP1   1 
ATOM   248 O  OP2   . DC  A 1 13 ? -3.339  8.027   8.609   1.00 105.64 ? 13  DC  A OP2   1 
ATOM   249 O  "O5'" . DC  A 1 13 ? -3.928  7.657   6.204   1.00 104.09 ? 13  DC  A "O5'" 1 
ATOM   250 C  "C5'" . DC  A 1 13 ? -3.916  8.086   4.836   1.00 105.64 ? 13  DC  A "C5'" 1 
ATOM   251 C  "C4'" . DC  A 1 13 ? -4.855  7.227   4.042   1.00 101.63 ? 13  DC  A "C4'" 1 
ATOM   252 O  "O4'" . DC  A 1 13 ? -4.148  6.025   3.668   1.00 100.83 ? 13  DC  A "O4'" 1 
ATOM   253 C  "C3'" . DC  A 1 13 ? -6.123  6.798   4.784   1.00 89.19  ? 13  DC  A "C3'" 1 
ATOM   254 O  "O3'" . DC  A 1 13 ? -7.231  6.805   3.889   1.00 92.87  ? 13  DC  A "O3'" 1 
ATOM   255 C  "C2'" . DC  A 1 13 ? -5.749  5.395   5.216   1.00 79.63  ? 13  DC  A "C2'" 1 
ATOM   256 C  "C1'" . DC  A 1 13 ? -4.956  4.930   4.012   1.00 75.60  ? 13  DC  A "C1'" 1 
ATOM   257 N  N1    . DC  A 1 13 ? -4.085  3.778   4.292   1.00 62.89  ? 13  DC  A N1    1 
ATOM   258 C  C2    . DC  A 1 13 ? -4.124  2.685   3.423   1.00 70.94  ? 13  DC  A C2    1 
ATOM   259 O  O2    . DC  A 1 13 ? -4.896  2.748   2.455   1.00 90.54  ? 13  DC  A O2    1 
ATOM   260 N  N3    . DC  A 1 13 ? -3.352  1.596   3.685   1.00 57.51  ? 13  DC  A N3    1 
ATOM   261 C  C4    . DC  A 1 13 ? -2.574  1.601   4.775   1.00 55.68  ? 13  DC  A C4    1 
ATOM   262 N  N4    . DC  A 1 13 ? -1.869  0.517   5.031   1.00 67.03  ? 13  DC  A N4    1 
ATOM   263 C  C5    . DC  A 1 13 ? -2.505  2.716   5.648   1.00 51.40  ? 13  DC  A C5    1 
ATOM   264 C  C6    . DC  A 1 13 ? -3.277  3.776   5.373   1.00 53.52  ? 13  DC  A C6    1 
ATOM   265 P  P     . DG  A 1 14 ? -8.622  6.270   4.488   1.00 119.20 ? 14  DG  A P     1 
ATOM   266 O  OP1   . DG  A 1 14 ? -9.664  7.294   4.125   1.00 116.96 ? 14  DG  A OP1   1 
ATOM   267 O  OP2   . DG  A 1 14 ? -8.498  5.790   5.911   1.00 102.99 ? 14  DG  A OP2   1 
ATOM   268 O  "O5'" . DG  A 1 14 ? -8.814  4.966   3.570   1.00 97.57  ? 14  DG  A "O5'" 1 
ATOM   269 C  "C5'" . DG  A 1 14 ? -8.384  5.063   2.203   1.00 96.88  ? 14  DG  A "C5'" 1 
ATOM   270 C  "C4'" . DG  A 1 14 ? -9.065  4.003   1.377   1.00 102.88 ? 14  DG  A "C4'" 1 
ATOM   271 O  "O4'" . DG  A 1 14 ? -8.313  2.778   1.473   1.00 106.81 ? 14  DG  A "O4'" 1 
ATOM   272 C  "C3'" . DG  A 1 14 ? -10.476 3.624   1.790   1.00 98.05  ? 14  DG  A "C3'" 1 
ATOM   273 O  "O3'" . DG  A 1 14 ? -11.123 2.992   0.682   1.00 101.82 ? 14  DG  A "O3'" 1 
ATOM   274 C  "C2'" . DG  A 1 14 ? -10.175 2.663   2.933   1.00 103.99 ? 14  DG  A "C2'" 1 
ATOM   275 C  "C1'" . DG  A 1 14 ? -8.935  1.932   2.430   1.00 97.04  ? 14  DG  A "C1'" 1 
ATOM   276 N  N9    . DG  A 1 14 ? -7.957  1.608   3.468   1.00 82.08  ? 14  DG  A N9    1 
ATOM   277 C  C8    . DG  A 1 14 ? -7.632  2.309   4.605   1.00 90.88  ? 14  DG  A C8    1 
ATOM   278 N  N7    . DG  A 1 14 ? -6.725  1.710   5.346   1.00 90.95  ? 14  DG  A N7    1 
ATOM   279 C  C5    . DG  A 1 14 ? -6.455  0.532   4.656   1.00 77.68  ? 14  DG  A C5    1 
ATOM   280 C  C6    . DG  A 1 14 ? -5.561  -0.516  4.994   1.00 83.10  ? 14  DG  A C6    1 
ATOM   281 O  O6    . DG  A 1 14 ? -4.832  -0.581  6.004   1.00 82.60  ? 14  DG  A O6    1 
ATOM   282 N  N1    . DG  A 1 14 ? -5.603  -1.537  4.035   1.00 71.67  ? 14  DG  A N1    1 
ATOM   283 C  C2    . DG  A 1 14 ? -6.405  -1.527  2.912   1.00 83.49  ? 14  DG  A C2    1 
ATOM   284 N  N2    . DG  A 1 14 ? -6.308  -2.575  2.089   1.00 93.36  ? 14  DG  A N2    1 
ATOM   285 N  N3    . DG  A 1 14 ? -7.244  -0.543  2.590   1.00 75.43  ? 14  DG  A N3    1 
ATOM   286 C  C4    . DG  A 1 14 ? -7.208  0.456   3.503   1.00 69.86  ? 14  DG  A C4    1 
ATOM   287 P  P     . DA  A 1 15 ? -12.589 2.362   0.925   1.00 118.67 ? 15  DA  A P     1 
ATOM   288 O  OP1   . DA  A 1 15 ? -13.278 2.251   -0.414  1.00 97.47  ? 15  DA  A OP1   1 
ATOM   289 O  OP2   . DA  A 1 15 ? -13.184 3.009   2.159   1.00 84.54  ? 15  DA  A OP2   1 
ATOM   290 O  "O5'" . DA  A 1 15 ? -12.212 0.828   1.200   1.00 93.91  ? 15  DA  A "O5'" 1 
ATOM   291 C  "C5'" . DA  A 1 15 ? -11.187 0.298   0.336   1.00 103.60 ? 15  DA  A "C5'" 1 
ATOM   292 C  "C4'" . DA  A 1 15 ? -11.654 -0.976  -0.307  1.00 102.28 ? 15  DA  A "C4'" 1 
ATOM   293 O  "O4'" . DA  A 1 15 ? -10.914 -2.059  0.285   1.00 116.25 ? 15  DA  A "O4'" 1 
ATOM   294 C  "C3'" . DA  A 1 15 ? -13.092 -1.375  -0.052  1.00 103.81 ? 15  DA  A "C3'" 1 
ATOM   295 O  "O3'" . DA  A 1 15 ? -13.322 -2.485  -0.924  1.00 111.70 ? 15  DA  A "O3'" 1 
ATOM   296 C  "C2'" . DA  A 1 15 ? -12.987 -1.756  1.421   1.00 104.29 ? 15  DA  A "C2'" 1 
ATOM   297 C  "C1'" . DA  A 1 15 ? -11.629 -2.471  1.451   1.00 111.81 ? 15  DA  A "C1'" 1 
ATOM   298 N  N9    . DA  A 1 15 ? -10.798 -2.202  2.631   1.00 101.88 ? 15  DA  A N9    1 
ATOM   299 C  C8    . DA  A 1 15 ? -10.750 -1.096  3.444   1.00 102.61 ? 15  DA  A C8    1 
ATOM   300 N  N7    . DA  A 1 15 ? -9.918  -1.220  4.447   1.00 91.80  ? 15  DA  A N7    1 
ATOM   301 C  C5    . DA  A 1 15 ? -9.378  -2.482  4.281   1.00 86.12  ? 15  DA  A C5    1 
ATOM   302 C  C6    . DA  A 1 15 ? -8.427  -3.197  5.026   1.00 93.78  ? 15  DA  A C6    1 
ATOM   303 N  N6    . DA  A 1 15 ? -7.845  -2.711  6.118   1.00 92.63  ? 15  DA  A N6    1 
ATOM   304 N  N1    . DA  A 1 15 ? -8.107  -4.441  4.599   1.00 91.72  ? 15  DA  A N1    1 
ATOM   305 C  C2    . DA  A 1 15 ? -8.719  -4.917  3.508   1.00 95.24  ? 15  DA  A C2    1 
ATOM   306 N  N3    . DA  A 1 15 ? -9.631  -4.338  2.732   1.00 93.52  ? 15  DA  A N3    1 
ATOM   307 C  C4    . DA  A 1 15 ? -9.912  -3.102  3.171   1.00 86.13  ? 15  DA  A C4    1 
ATOM   308 P  P     . DC  A 1 16 ? -14.636 -3.366  -0.644  1.00 110.80 ? 16  DC  A P     1 
ATOM   309 O  OP1   . DC  A 1 16 ? -14.859 -4.291  -1.823  1.00 90.93  ? 16  DC  A OP1   1 
ATOM   310 O  OP2   . DC  A 1 16 ? -15.661 -2.390  -0.101  1.00 88.63  ? 16  DC  A OP2   1 
ATOM   311 O  "O5'" . DC  A 1 16 ? -14.128 -4.370  0.503   1.00 105.07 ? 16  DC  A "O5'" 1 
ATOM   312 C  "C5'" . DC  A 1 16 ? -13.369 -5.536  0.077   1.00 113.12 ? 16  DC  A "C5'" 1 
ATOM   313 C  "C4'" . DC  A 1 16 ? -13.178 -6.481  1.238   1.00 123.68 ? 16  DC  A "C4'" 1 
ATOM   314 O  "O4'" . DC  A 1 16 ? -12.388 -5.877  2.295   1.00 123.34 ? 16  DC  A "O4'" 1 
ATOM   315 C  "C3'" . DC  A 1 16 ? -14.475 -6.945  1.899   1.00 116.99 ? 16  DC  A "C3'" 1 
ATOM   316 O  "O3'" . DC  A 1 16 ? -14.326 -8.335  2.114   1.00 132.21 ? 16  DC  A "O3'" 1 
ATOM   317 C  "C2'" . DC  A 1 16 ? -14.468 -6.187  3.216   1.00 106.55 ? 16  DC  A "C2'" 1 
ATOM   318 C  "C1'" . DC  A 1 16 ? -12.982 -6.241  3.522   1.00 97.74  ? 16  DC  A "C1'" 1 
ATOM   319 N  N1    . DC  A 1 16 ? -12.522 -5.334  4.596   1.00 83.39  ? 16  DC  A N1    1 
ATOM   320 C  C2    . DC  A 1 16 ? -11.444 -5.725  5.418   1.00 88.95  ? 16  DC  A C2    1 
ATOM   321 O  O2    . DC  A 1 16 ? -10.859 -6.794  5.191   1.00 80.82  ? 16  DC  A O2    1 
ATOM   322 N  N3    . DC  A 1 16 ? -11.042 -4.911  6.429   1.00 88.53  ? 16  DC  A N3    1 
ATOM   323 C  C4    . DC  A 1 16 ? -11.673 -3.741  6.627   1.00 91.64  ? 16  DC  A C4    1 
ATOM   324 N  N4    . DC  A 1 16 ? -11.264 -2.980  7.632   1.00 87.22  ? 16  DC  A N4    1 
ATOM   325 C  C5    . DC  A 1 16 ? -12.774 -3.333  5.806   1.00 82.51  ? 16  DC  A C5    1 
ATOM   326 C  C6    . DC  A 1 16 ? -13.166 -4.156  4.817   1.00 75.01  ? 16  DC  A C6    1 
ATOM   327 P  P     . DA  A 1 17 ? -15.721 -9.114  2.196   1.00 136.05 ? 17  DA  A P     1 
ATOM   328 O  OP1   . DA  A 1 17 ? -16.109 -9.511  0.797   1.00 122.55 ? 17  DA  A OP1   1 
ATOM   329 O  OP2   . DA  A 1 17 ? -16.625 -8.311  3.098   1.00 132.80 ? 17  DA  A OP2   1 
ATOM   330 O  "O5'" . DA  A 1 17 ? -15.235 -10.427 2.988   1.00 122.71 ? 17  DA  A "O5'" 1 
ATOM   331 C  "C5'" . DA  A 1 17 ? -13.969 -11.048 2.632   1.00 109.35 ? 17  DA  A "C5'" 1 
ATOM   332 C  "C4'" . DA  A 1 17 ? -13.191 -11.322 3.898   1.00 120.55 ? 17  DA  A "C4'" 1 
ATOM   333 O  "O4'" . DA  A 1 17 ? -12.896 -10.085 4.587   1.00 116.64 ? 17  DA  A "O4'" 1 
ATOM   334 C  "C3'" . DA  A 1 17 ? -13.925 -12.195 4.915   1.00 127.34 ? 17  DA  A "C3'" 1 
ATOM   335 O  "O3'" . DA  A 1 17 ? -13.006 -13.107 5.511   1.00 143.47 ? 17  DA  A "O3'" 1 
ATOM   336 C  "C2'" . DA  A 1 17 ? -14.405 -11.182 5.946   1.00 113.06 ? 17  DA  A "C2'" 1 
ATOM   337 C  "C1'" . DA  A 1 17 ? -13.212 -10.258 5.961   1.00 96.63  ? 17  DA  A "C1'" 1 
ATOM   338 N  N9    . DA  A 1 17 ? -13.456 -8.951  6.534   1.00 89.94  ? 17  DA  A N9    1 
ATOM   339 C  C8    . DA  A 1 17 ? -14.433 -8.018  6.278   1.00 99.52  ? 17  DA  A C8    1 
ATOM   340 N  N7    . DA  A 1 17 ? -14.314 -6.931  7.009   1.00 93.89  ? 17  DA  A N7    1 
ATOM   341 C  C5    . DA  A 1 17 ? -13.186 -7.167  7.783   1.00 93.24  ? 17  DA  A C5    1 
ATOM   342 C  C6    . DA  A 1 17 ? -12.533 -6.408  8.766   1.00 95.71  ? 17  DA  A C6    1 
ATOM   343 N  N6    . DA  A 1 17 ? -12.946 -5.215  9.157   1.00 106.89 ? 17  DA  A N6    1 
ATOM   344 N  N1    . DA  A 1 17 ? -11.439 -6.934  9.357   1.00 95.11  ? 17  DA  A N1    1 
ATOM   345 C  C2    . DA  A 1 17 ? -11.042 -8.152  8.981   1.00 98.19  ? 17  DA  A C2    1 
ATOM   346 N  N3    . DA  A 1 17 ? -11.570 -8.959  8.065   1.00 101.22 ? 17  DA  A N3    1 
ATOM   347 C  C4    . DA  A 1 17 ? -12.647 -8.403  7.495   1.00 92.83  ? 17  DA  A C4    1 
ATOM   348 P  P     . DA  A 1 18 ? -13.799 -14.378 6.087   1.00 143.26 ? 18  DA  A P     1 
ATOM   349 O  OP1   . DA  A 1 18 ? -13.211 -15.617 5.465   1.00 142.61 ? 18  DA  A OP1   1 
ATOM   350 O  OP2   . DA  A 1 18 ? -15.279 -14.090 6.143   1.00 134.17 ? 18  DA  A OP2   1 
ATOM   351 O  "O5'" . DA  A 1 18 ? -13.338 -14.343 7.613   1.00 117.60 ? 18  DA  A "O5'" 1 
ATOM   352 C  "C5'" . DA  A 1 18 ? -11.967 -14.614 7.894   1.00 107.46 ? 18  DA  A "C5'" 1 
ATOM   353 C  "C4'" . DA  A 1 18 ? -11.652 -13.868 9.158   1.00 113.44 ? 18  DA  A "C4'" 1 
ATOM   354 O  "O4'" . DA  A 1 18 ? -12.162 -12.519 9.071   1.00 103.56 ? 18  DA  A "O4'" 1 
ATOM   355 C  "C3'" . DA  A 1 18 ? -12.285 -14.476 10.406  1.00 111.15 ? 18  DA  A "C3'" 1 
ATOM   356 O  "O3'" . DA  A 1 18 ? -11.285 -14.625 11.387  1.00 108.09 ? 18  DA  A "O3'" 1 
ATOM   357 C  "C2'" . DA  A 1 18 ? -13.278 -13.415 10.867  1.00 110.41 ? 18  DA  A "C2'" 1 
ATOM   358 C  "C1'" . DA  A 1 18 ? -12.567 -12.167 10.387  1.00 99.52  ? 18  DA  A "C1'" 1 
ATOM   359 N  N9    . DA  A 1 18 ? -13.359 -10.945 10.327  1.00 87.03  ? 18  DA  A N9    1 
ATOM   360 C  C8    . DA  A 1 18 ? -14.339 -10.600 9.430   1.00 82.06  ? 18  DA  A C8    1 
ATOM   361 N  N7    . DA  A 1 18 ? -14.831 -9.403  9.645   1.00 71.88  ? 18  DA  A N7    1 
ATOM   362 C  C5    . DA  A 1 18 ? -14.129 -8.933  10.739  1.00 63.87  ? 18  DA  A C5    1 
ATOM   363 C  C6    . DA  A 1 18 ? -14.179 -7.716  11.437  1.00 65.91  ? 18  DA  A C6    1 
ATOM   364 N  N6    . DA  A 1 18 ? -14.994 -6.738  11.097  1.00 70.75  ? 18  DA  A N6    1 
ATOM   365 N  N1    . DA  A 1 18 ? -13.348 -7.533  12.491  1.00 64.28  ? 18  DA  A N1    1 
ATOM   366 C  C2    . DA  A 1 18 ? -12.510 -8.537  12.791  1.00 83.25  ? 18  DA  A C2    1 
ATOM   367 N  N3    . DA  A 1 18 ? -12.355 -9.723  12.192  1.00 81.57  ? 18  DA  A N3    1 
ATOM   368 C  C4    . DA  A 1 18 ? -13.212 -9.867  11.168  1.00 72.78  ? 18  DA  A C4    1 
ATOM   369 P  P     . DT  A 1 19 ? -11.544 -16.010 12.134  1.00 114.28 ? 19  DT  A P     1 
ATOM   370 O  OP1   . DT  A 1 19 ? -10.761 -17.089 11.436  1.00 104.66 ? 19  DT  A OP1   1 
ATOM   371 O  OP2   . DT  A 1 19 ? -13.026 -16.200 12.311  1.00 130.53 ? 19  DT  A OP2   1 
ATOM   372 O  "O5'" . DT  A 1 19 ? -10.916 -15.578 13.544  1.00 106.45 ? 19  DT  A "O5'" 1 
ATOM   373 C  "C5'" . DT  A 1 19 ? -11.823 -15.376 14.645  1.00 104.24 ? 19  DT  A "C5'" 1 
ATOM   374 C  "C4'" . DT  A 1 19 ? -11.859 -13.905 14.940  1.00 102.81 ? 19  DT  A "C4'" 1 
ATOM   375 O  "O4'" . DT  A 1 19 ? -12.828 -13.217 14.125  1.00 94.89  ? 19  DT  A "O4'" 1 
ATOM   376 C  "C3'" . DT  A 1 19 ? -12.270 -13.535 16.359  1.00 105.28 ? 19  DT  A "C3'" 1 
ATOM   377 O  "O3'" . DT  A 1 19 ? -11.160 -13.678 17.240  1.00 113.13 ? 19  DT  A "O3'" 1 
ATOM   378 C  "C2'" . DT  A 1 19 ? -12.673 -12.071 16.204  1.00 93.07  ? 19  DT  A "C2'" 1 
ATOM   379 C  "C1'" . DT  A 1 19 ? -12.880 -11.909 14.694  1.00 97.28  ? 19  DT  A "C1'" 1 
ATOM   380 N  N1    . DT  A 1 19 ? -14.136 -11.220 14.307  1.00 89.71  ? 19  DT  A N1    1 
ATOM   381 C  C2    . DT  A 1 19 ? -14.396 -9.996  14.900  1.00 95.89  ? 19  DT  A C2    1 
ATOM   382 O  O2    . DT  A 1 19 ? -13.669 -9.501  15.757  1.00 97.35  ? 19  DT  A O2    1 
ATOM   383 N  N3    . DT  A 1 19 ? -15.544 -9.374  14.466  1.00 90.61  ? 19  DT  A N3    1 
ATOM   384 C  C4    . DT  A 1 19 ? -16.422 -9.831  13.495  1.00 95.77  ? 19  DT  A C4    1 
ATOM   385 O  O4    . DT  A 1 19 ? -17.418 -9.164  13.183  1.00 87.28  ? 19  DT  A O4    1 
ATOM   386 C  C5    . DT  A 1 19 ? -16.090 -11.114 12.915  1.00 88.52  ? 19  DT  A C5    1 
ATOM   387 C  C7    . DT  A 1 19 ? -17.015 -11.669 11.869  1.00 86.58  ? 19  DT  A C7    1 
ATOM   388 C  C6    . DT  A 1 19 ? -14.969 -11.734 13.330  1.00 83.91  ? 19  DT  A C6    1 
ATOM   389 P  P     . DT  A 1 20 ? -11.358 -14.709 18.458  1.00 119.83 ? 20  DT  A P     1 
ATOM   390 O  OP1   . DT  A 1 20 ? -10.102 -14.789 19.292  1.00 102.50 ? 20  DT  A OP1   1 
ATOM   391 O  OP2   . DT  A 1 20 ? -11.984 -15.970 17.902  1.00 110.92 ? 20  DT  A OP2   1 
ATOM   392 O  "O5'" . DT  A 1 20 ? -12.332 -13.824 19.381  1.00 102.20 ? 20  DT  A "O5'" 1 
ATOM   393 C  "C5'" . DT  A 1 20 ? -11.703 -12.994 20.391  1.00 94.56  ? 20  DT  A "C5'" 1 
ATOM   394 C  "C4'" . DT  A 1 20 ? -12.382 -11.658 20.348  1.00 108.55 ? 20  DT  A "C4'" 1 
ATOM   395 O  "O4'" . DT  A 1 20 ? -13.244 -11.626 19.201  1.00 110.65 ? 20  DT  A "O4'" 1 
ATOM   396 C  "C3'" . DT  A 1 20 ? -13.332 -11.346 21.493  1.00 129.07 ? 20  DT  A "C3'" 1 
ATOM   397 O  "O3'" . DT  A 1 20 ? -12.610 -10.769 22.585  1.00 152.59 ? 20  DT  A "O3'" 1 
ATOM   398 C  "C2'" . DT  A 1 20 ? -14.308 -10.352 20.865  1.00 119.85 ? 20  DT  A "C2'" 1 
ATOM   399 C  "C1'" . DT  A 1 20 ? -14.066 -10.486 19.366  1.00 114.19 ? 20  DT  A "C1'" 1 
ATOM   400 N  N1    . DT  A 1 20 ? -15.265 -10.679 18.530  1.00 106.27 ? 20  DT  A N1    1 
ATOM   401 C  C2    . DT  A 1 20 ? -16.068 -9.581  18.286  1.00 114.14 ? 20  DT  A C2    1 
ATOM   402 O  O2    . DT  A 1 20 ? -15.863 -8.481  18.786  1.00 127.38 ? 20  DT  A O2    1 
ATOM   403 N  N3    . DT  A 1 20 ? -17.135 -9.816  17.455  1.00 105.97 ? 20  DT  A N3    1 
ATOM   404 C  C4    . DT  A 1 20 ? -17.462 -11.011 16.840  1.00 105.52 ? 20  DT  A C4    1 
ATOM   405 O  O4    . DT  A 1 20 ? -18.466 -11.074 16.117  1.00 102.86 ? 20  DT  A O4    1 
ATOM   406 C  C5    . DT  A 1 20 ? -16.561 -12.112 17.114  1.00 104.76 ? 20  DT  A C5    1 
ATOM   407 C  C7    . DT  A 1 20 ? -16.833 -13.446 16.478  1.00 101.05 ? 20  DT  A C7    1 
ATOM   408 C  C6    . DT  A 1 20 ? -15.516 -11.897 17.934  1.00 97.96  ? 20  DT  A C6    1 
ATOM   409 P  P     . DA  A 1 21 ? -12.820 -11.538 23.985  1.00 152.69 ? 21  DA  A P     1 
ATOM   410 O  OP1   . DA  A 1 21 ? -11.631 -11.411 24.902  1.00 132.76 ? 21  DA  A OP1   1 
ATOM   411 O  OP2   . DA  A 1 21 ? -13.350 -12.922 23.705  1.00 145.12 ? 21  DA  A OP2   1 
ATOM   412 O  "O5'" . DA  A 1 21 ? -13.987 -10.633 24.618  1.00 133.64 ? 21  DA  A "O5'" 1 
ATOM   413 C  "C5'" . DA  A 1 21 ? -13.652 -9.332  25.171  1.00 131.10 ? 21  DA  A "C5'" 1 
ATOM   414 C  "C4'" . DA  A 1 21 ? -14.636 -8.329  24.622  1.00 139.04 ? 21  DA  A "C4'" 1 
ATOM   415 O  "O4'" . DA  A 1 21 ? -15.299 -8.920  23.484  1.00 138.21 ? 21  DA  A "O4'" 1 
ATOM   416 C  "C3'" . DA  A 1 21 ? -15.758 -7.893  25.568  1.00 144.61 ? 21  DA  A "C3'" 1 
ATOM   417 O  "O3'" . DA  A 1 21 ? -16.008 -6.504  25.367  1.00 139.83 ? 21  DA  A "O3'" 1 
ATOM   418 C  "C2'" . DA  A 1 21 ? -16.942 -8.744  25.108  1.00 136.04 ? 21  DA  A "C2'" 1 
ATOM   419 C  "C1'" . DA  A 1 21 ? -16.705 -8.720  23.615  1.00 136.43 ? 21  DA  A "C1'" 1 
ATOM   420 N  N9    . DA  A 1 21 ? -17.371 -9.744  22.816  1.00 138.84 ? 21  DA  A N9    1 
ATOM   421 C  C8    . DA  A 1 21 ? -17.263 -11.111 22.921  1.00 143.58 ? 21  DA  A C8    1 
ATOM   422 N  N7    . DA  A 1 21 ? -17.944 -11.757 22.005  1.00 143.45 ? 21  DA  A N7    1 
ATOM   423 C  C5    . DA  A 1 21 ? -18.519 -10.754 21.235  1.00 134.61 ? 21  DA  A C5    1 
ATOM   424 C  C6    . DA  A 1 21 ? -19.360 -10.799 20.106  1.00 134.43 ? 21  DA  A C6    1 
ATOM   425 N  N6    . DA  A 1 21 ? -19.779 -11.939 19.558  1.00 130.51 ? 21  DA  A N6    1 
ATOM   426 N  N1    . DA  A 1 21 ? -19.758 -9.612  19.575  1.00 132.17 ? 21  DA  A N1    1 
ATOM   427 C  C2    . DA  A 1 21 ? -19.335 -8.472  20.144  1.00 124.66 ? 21  DA  A C2    1 
ATOM   428 N  N3    . DA  A 1 21 ? -18.548 -8.309  21.207  1.00 119.88 ? 21  DA  A N3    1 
ATOM   429 C  C4    . DA  A 1 21 ? -18.167 -9.502  21.713  1.00 134.63 ? 21  DA  A C4    1 
ATOM   430 P  P     . DC  B 2 1  ? 1.005   -8.971  1.803   1.00 101.52 ? 1   DC  B P     1 
ATOM   431 O  OP1   . DC  B 2 1  ? 1.515   -10.320 2.379   1.00 69.63  ? 1   DC  B OP1   1 
ATOM   432 O  OP2   . DC  B 2 1  ? 1.562   -7.735  2.538   1.00 98.65  ? 1   DC  B OP2   1 
ATOM   433 O  "O5'" . DC  B 2 1  ? -0.551  -8.953  2.188   1.00 84.83  ? 1   DC  B "O5'" 1 
ATOM   434 C  "C5'" . DC  B 2 1  ? -1.421  -9.754  1.356   1.00 91.72  ? 1   DC  B "C5'" 1 
ATOM   435 C  "C4'" . DC  B 2 1  ? -2.719  -9.027  1.172   1.00 77.77  ? 1   DC  B "C4'" 1 
ATOM   436 O  "O4'" . DC  B 2 1  ? -2.941  -8.240  2.348   1.00 72.28  ? 1   DC  B "O4'" 1 
ATOM   437 C  "C3'" . DC  B 2 1  ? -2.724  -8.008  0.052   1.00 76.87  ? 1   DC  B "C3'" 1 
ATOM   438 O  "O3'" . DC  B 2 1  ? -3.029  -8.623  -1.188  1.00 89.49  ? 1   DC  B "O3'" 1 
ATOM   439 C  "C2'" . DC  B 2 1  ? -3.788  -7.023  0.498   1.00 65.19  ? 1   DC  B "C2'" 1 
ATOM   440 C  "C1'" . DC  B 2 1  ? -3.831  -7.209  2.007   1.00 65.28  ? 1   DC  B "C1'" 1 
ATOM   441 N  N1    . DC  B 2 1  ? -3.426  -6.057  2.824   1.00 57.21  ? 1   DC  B N1    1 
ATOM   442 C  C2    . DC  B 2 1  ? -4.097  -4.849  2.637   1.00 69.62  ? 1   DC  B C2    1 
ATOM   443 O  O2    . DC  B 2 1  ? -4.942  -4.779  1.735   1.00 85.69  ? 1   DC  B O2    1 
ATOM   444 N  N3    . DC  B 2 1  ? -3.795  -3.795  3.427   1.00 65.87  ? 1   DC  B N3    1 
ATOM   445 C  C4    . DC  B 2 1  ? -2.878  -3.934  4.389   1.00 65.36  ? 1   DC  B C4    1 
ATOM   446 N  N4    . DC  B 2 1  ? -2.613  -2.866  5.124   1.00 76.07  ? 1   DC  B N4    1 
ATOM   447 C  C5    . DC  B 2 1  ? -2.204  -5.169  4.618   1.00 53.88  ? 1   DC  B C5    1 
ATOM   448 C  C6    . DC  B 2 1  ? -2.499  -6.194  3.806   1.00 52.11  ? 1   DC  B C6    1 
ATOM   449 P  P     . DG  B 2 2  ? -1.947  -8.161  -2.298  1.00 111.05 ? 2   DG  B P     1 
ATOM   450 O  OP1   . DG  B 2 2  ? -2.031  -9.185  -3.398  1.00 103.61 ? 2   DG  B OP1   1 
ATOM   451 O  OP2   . DG  B 2 2  ? -0.578  -7.822  -1.752  1.00 88.87  ? 2   DG  B OP2   1 
ATOM   452 O  "O5'" . DG  B 2 2  ? -2.650  -6.804  -2.787  1.00 85.90  ? 2   DG  B "O5'" 1 
ATOM   453 C  "C5'" . DG  B 2 2  ? -4.034  -6.923  -3.199  1.00 91.94  ? 2   DG  B "C5'" 1 
ATOM   454 C  "C4'" . DG  B 2 2  ? -4.652  -5.556  -3.160  1.00 101.35 ? 2   DG  B "C4'" 1 
ATOM   455 O  "O4'" . DG  B 2 2  ? -4.476  -5.006  -1.838  1.00 95.07  ? 2   DG  B "O4'" 1 
ATOM   456 C  "C3'" . DG  B 2 2  ? -4.000  -4.593  -4.143  1.00 109.00 ? 2   DG  B "C3'" 1 
ATOM   457 O  "O3'" . DG  B 2 2  ? -4.970  -3.804  -4.807  1.00 128.45 ? 2   DG  B "O3'" 1 
ATOM   458 C  "C2'" . DG  B 2 2  ? -3.117  -3.737  -3.245  1.00 104.75 ? 2   DG  B "C2'" 1 
ATOM   459 C  "C1'" . DG  B 2 2  ? -3.881  -3.722  -1.946  1.00 86.23  ? 2   DG  B "C1'" 1 
ATOM   460 N  N9    . DG  B 2 2  ? -2.994  -3.498  -0.818  1.00 77.67  ? 2   DG  B N9    1 
ATOM   461 C  C8    . DG  B 2 2  ? -1.893  -4.223  -0.434  1.00 79.72  ? 2   DG  B C8    1 
ATOM   462 N  N7    . DG  B 2 2  ? -1.294  -3.726  0.631   1.00 81.06  ? 2   DG  B N7    1 
ATOM   463 C  C5    . DG  B 2 2  ? -2.041  -2.595  0.938   1.00 71.62  ? 2   DG  B C5    1 
ATOM   464 C  C6    . DG  B 2 2  ? -1.859  -1.638  1.959   1.00 77.61  ? 2   DG  B C6    1 
ATOM   465 O  O6    . DG  B 2 2  ? -0.965  -1.603  2.811   1.00 90.30  ? 2   DG  B O6    1 
ATOM   466 N  N1    . DG  B 2 2  ? -2.827  -0.639  1.917   1.00 74.38  ? 2   DG  B N1    1 
ATOM   467 C  C2    . DG  B 2 2  ? -3.837  -0.578  0.994   1.00 76.21  ? 2   DG  B C2    1 
ATOM   468 N  N2    . DG  B 2 2  ? -4.698  0.435   1.119   1.00 76.73  ? 2   DG  B N2    1 
ATOM   469 N  N3    . DG  B 2 2  ? -4.008  -1.464  0.018   1.00 73.61  ? 2   DG  B N3    1 
ATOM   470 C  C4    . DG  B 2 2  ? -3.072  -2.434  0.044   1.00 70.57  ? 2   DG  B C4    1 
ATOM   471 P  P     . DT  B 2 3  ? -4.328  -3.026  -6.063  1.00 144.63 ? 3   DT  B P     1 
ATOM   472 O  OP1   . DT  B 2 3  ? -4.955  -3.633  -7.293  1.00 129.19 ? 3   DT  B OP1   1 
ATOM   473 O  OP2   . DT  B 2 3  ? -2.824  -2.843  -5.991  1.00 115.77 ? 3   DT  B OP2   1 
ATOM   474 O  "O5'" . DT  B 2 3  ? -4.943  -1.569  -5.789  1.00 120.81 ? 3   DT  B "O5'" 1 
ATOM   475 C  "C5'" . DT  B 2 3  ? -5.132  -1.167  -4.418  1.00 114.98 ? 3   DT  B "C5'" 1 
ATOM   476 C  "C4'" . DT  B 2 3  ? -5.570  0.270   -4.393  1.00 112.50 ? 3   DT  B "C4'" 1 
ATOM   477 O  "O4'" . DT  B 2 3  ? -5.075  0.870   -3.180  1.00 115.95 ? 3   DT  B "O4'" 1 
ATOM   478 C  "C3'" . DT  B 2 3  ? -5.024  1.159   -5.500  1.00 102.56 ? 3   DT  B "C3'" 1 
ATOM   479 O  "O3'" . DT  B 2 3  ? -5.776  2.363   -5.497  1.00 102.89 ? 3   DT  B "O3'" 1 
ATOM   480 C  "C2'" . DT  B 2 3  ? -3.618  1.385   -4.977  1.00 109.30 ? 3   DT  B "C2'" 1 
ATOM   481 C  "C1'" . DT  B 2 3  ? -3.891  1.589   -3.485  1.00 105.63 ? 3   DT  B "C1'" 1 
ATOM   482 N  N1    . DT  B 2 3  ? -2.845  1.090   -2.582  1.00 91.40  ? 3   DT  B N1    1 
ATOM   483 C  C2    . DT  B 2 3  ? -2.686  1.743   -1.382  1.00 89.23  ? 3   DT  B C2    1 
ATOM   484 O  O2    . DT  B 2 3  ? -3.380  2.700   -1.051  1.00 92.32  ? 3   DT  B O2    1 
ATOM   485 N  N3    . DT  B 2 3  ? -1.675  1.249   -0.599  1.00 88.90  ? 3   DT  B N3    1 
ATOM   486 C  C4    . DT  B 2 3  ? -0.831  0.193   -0.896  1.00 89.15  ? 3   DT  B C4    1 
ATOM   487 O  O4    . DT  B 2 3  ? 0.058   -0.140  -0.102  1.00 88.77  ? 3   DT  B O4    1 
ATOM   488 C  C5    . DT  B 2 3  ? -1.069  -0.443  -2.170  1.00 79.85  ? 3   DT  B C5    1 
ATOM   489 C  C7    . DT  B 2 3  ? -0.214  -1.612  -2.561  1.00 74.67  ? 3   DT  B C7    1 
ATOM   490 C  C6    . DT  B 2 3  ? -2.043  0.031   -2.946  1.00 78.65  ? 3   DT  B C6    1 
ATOM   491 P  P     . DC  B 2 4  ? -5.435  3.431   -6.644  1.00 97.67  ? 4   DC  B P     1 
ATOM   492 O  OP1   . DC  B 2 4  ? -6.641  3.355   -7.542  1.00 104.04 ? 4   DC  B OP1   1 
ATOM   493 O  OP2   . DC  B 2 4  ? -4.006  3.252   -7.104  1.00 106.58 ? 4   DC  B OP2   1 
ATOM   494 O  "O5'" . DC  B 2 4  ? -5.487  4.861   -5.913  1.00 90.42  ? 4   DC  B "O5'" 1 
ATOM   495 C  "C5'" . DC  B 2 4  ? -5.683  4.893   -4.499  1.00 90.52  ? 4   DC  B "C5'" 1 
ATOM   496 C  "C4'" . DC  B 2 4  ? -5.022  6.105   -3.897  1.00 84.39  ? 4   DC  B "C4'" 1 
ATOM   497 O  "O4'" . DC  B 2 4  ? -3.856  5.678   -3.165  1.00 88.48  ? 4   DC  B "O4'" 1 
ATOM   498 C  "C3'" . DC  B 2 4  ? -4.538  7.201   -4.834  1.00 81.40  ? 4   DC  B "C3'" 1 
ATOM   499 O  "O3'" . DC  B 2 4  ? -4.732  8.422   -4.143  1.00 82.64  ? 4   DC  B "O3'" 1 
ATOM   500 C  "C2'" . DC  B 2 4  ? -3.056  6.893   -4.983  1.00 80.77  ? 4   DC  B "C2'" 1 
ATOM   501 C  "C1'" . DC  B 2 4  ? -2.703  6.355   -3.610  1.00 72.97  ? 4   DC  B "C1'" 1 
ATOM   502 N  N1    . DC  B 2 4  ? -1.688  5.296   -3.515  1.00 67.11  ? 4   DC  B N1    1 
ATOM   503 C  C2    . DC  B 2 4  ? -0.780  5.340   -2.453  1.00 72.95  ? 4   DC  B C2    1 
ATOM   504 O  O2    . DC  B 2 4  ? -0.751  6.344   -1.719  1.00 82.02  ? 4   DC  B O2    1 
ATOM   505 N  N3    . DC  B 2 4  ? 0.087   4.316   -2.299  1.00 74.84  ? 4   DC  B N3    1 
ATOM   506 C  C4    . DC  B 2 4  ? 0.017   3.252   -3.109  1.00 88.75  ? 4   DC  B C4    1 
ATOM   507 N  N4    . DC  B 2 4  ? 0.905   2.286   -2.933  1.00 106.77 ? 4   DC  B N4    1 
ATOM   508 C  C5    . DC  B 2 4  ? -0.935  3.173   -4.161  1.00 81.27  ? 4   DC  B C5    1 
ATOM   509 C  C6    . DC  B 2 4  ? -1.786  4.196   -4.304  1.00 72.26  ? 4   DC  B C6    1 
ATOM   510 P  P     . DG  B 2 5  ? -4.792  9.732   -5.056  1.00 95.17  ? 5   DG  B P     1 
ATOM   511 O  OP1   . DG  B 2 5  ? -6.092  10.457  -4.831  1.00 80.88  ? 5   DG  B OP1   1 
ATOM   512 O  OP2   . DG  B 2 5  ? -4.370  9.378   -6.463  1.00 95.67  ? 5   DG  B OP2   1 
ATOM   513 O  "O5'" . DG  B 2 5  ? -3.653  10.615  -4.345  1.00 81.92  ? 5   DG  B "O5'" 1 
ATOM   514 C  "C5'" . DG  B 2 5  ? -2.666  9.988   -3.488  1.00 84.95  ? 5   DG  B "C5'" 1 
ATOM   515 C  "C4'" . DG  B 2 5  ? -1.543  10.978  -3.297  1.00 86.24  ? 5   DG  B "C4'" 1 
ATOM   516 O  "O4'" . DG  B 2 5  ? -0.267  10.291  -3.253  1.00 82.28  ? 5   DG  B "O4'" 1 
ATOM   517 C  "C3'" . DG  B 2 5  ? -1.435  11.919  -4.482  1.00 77.26  ? 5   DG  B "C3'" 1 
ATOM   518 O  "O3'" . DG  B 2 5  ? -0.597  13.030  -4.235  1.00 60.29  ? 5   DG  B "O3'" 1 
ATOM   519 C  "C2'" . DG  B 2 5  ? -0.780  10.957  -5.465  1.00 83.73  ? 5   DG  B "C2'" 1 
ATOM   520 C  "C1'" . DG  B 2 5  ? 0.237   10.226  -4.580  1.00 73.24  ? 5   DG  B "C1'" 1 
ATOM   521 N  N9    . DG  B 2 5  ? 0.466   8.832   -4.970  1.00 65.58  ? 5   DG  B N9    1 
ATOM   522 C  C8    . DG  B 2 5  ? -0.096  8.237   -6.082  1.00 75.99  ? 5   DG  B C8    1 
ATOM   523 N  N7    . DG  B 2 5  ? 0.281   6.992   -6.281  1.00 70.07  ? 5   DG  B N7    1 
ATOM   524 C  C5    . DG  B 2 5  ? 1.151   6.752   -5.227  1.00 69.54  ? 5   DG  B C5    1 
ATOM   525 C  C6    . DG  B 2 5  ? 1.868   5.576   -4.924  1.00 74.25  ? 5   DG  B C6    1 
ATOM   526 O  O6    . DG  B 2 5  ? 1.853   4.501   -5.537  1.00 83.17  ? 5   DG  B O6    1 
ATOM   527 N  N1    . DG  B 2 5  ? 2.655   5.746   -3.795  1.00 70.41  ? 5   DG  B N1    1 
ATOM   528 C  C2    . DG  B 2 5  ? 2.702   6.890   -3.047  1.00 78.52  ? 5   DG  B C2    1 
ATOM   529 N  N2    . DG  B 2 5  ? 3.507   6.856   -1.980  1.00 109.22 ? 5   DG  B N2    1 
ATOM   530 N  N3    . DG  B 2 5  ? 2.039   8.010   -3.335  1.00 59.75  ? 5   DG  B N3    1 
ATOM   531 C  C4    . DG  B 2 5  ? 1.286   7.872   -4.432  1.00 57.68  ? 5   DG  B C4    1 
ATOM   532 O  "O5'" . DT  C 3 1  ? -28.317 -18.661 15.362  1.00 164.67 ? 1   DT  C "O5'" 1 
ATOM   533 C  "C5'" . DT  C 3 1  ? -29.594 -18.469 14.703  1.00 170.18 ? 1   DT  C "C5'" 1 
ATOM   534 C  "C4'" . DT  C 3 1  ? -29.851 -16.992 14.542  1.00 174.57 ? 1   DT  C "C4'" 1 
ATOM   535 O  "O4'" . DT  C 3 1  ? -29.695 -16.346 15.825  1.00 169.34 ? 1   DT  C "O4'" 1 
ATOM   536 C  "C3'" . DT  C 3 1  ? -28.899 -16.270 13.583  1.00 185.49 ? 1   DT  C "C3'" 1 
ATOM   537 O  "O3'" . DT  C 3 1  ? -29.527 -15.176 12.915  1.00 204.91 ? 1   DT  C "O3'" 1 
ATOM   538 C  "C2'" . DT  C 3 1  ? -27.856 -15.713 14.533  1.00 177.91 ? 1   DT  C "C2'" 1 
ATOM   539 C  "C1'" . DT  C 3 1  ? -28.734 -15.310 15.696  1.00 159.75 ? 1   DT  C "C1'" 1 
ATOM   540 N  N1    . DT  C 3 1  ? -27.980 -15.194 16.944  1.00 148.50 ? 1   DT  C N1    1 
ATOM   541 C  C2    . DT  C 3 1  ? -27.954 -13.959 17.564  1.00 150.02 ? 1   DT  C C2    1 
ATOM   542 O  O2    . DT  C 3 1  ? -28.572 -12.988 17.139  1.00 146.75 ? 1   DT  C O2    1 
ATOM   543 N  N3    . DT  C 3 1  ? -27.196 -13.913 18.711  1.00 144.45 ? 1   DT  C N3    1 
ATOM   544 C  C4    . DT  C 3 1  ? -26.464 -14.950 19.272  1.00 140.54 ? 1   DT  C C4    1 
ATOM   545 O  O4    . DT  C 3 1  ? -25.823 -14.751 20.314  1.00 117.87 ? 1   DT  C O4    1 
ATOM   546 C  C5    . DT  C 3 1  ? -26.520 -16.211 18.549  1.00 137.90 ? 1   DT  C C5    1 
ATOM   547 C  C7    . DT  C 3 1  ? -25.767 -17.396 19.085  1.00 131.80 ? 1   DT  C C7    1 
ATOM   548 C  C6    . DT  C 3 1  ? -27.262 -16.270 17.429  1.00 133.11 ? 1   DT  C C6    1 
ATOM   549 P  P     . DC  C 3 2  ? -28.539 -14.322 11.971  1.00 193.90 ? 2   DC  C P     1 
ATOM   550 O  OP1   . DC  C 3 2  ? -29.178 -14.136 10.623  1.00 205.60 ? 2   DC  C OP1   1 
ATOM   551 O  OP2   . DC  C 3 2  ? -27.131 -14.860 12.031  1.00 180.94 ? 2   DC  C OP2   1 
ATOM   552 O  "O5'" . DC  C 3 2  ? -28.560 -12.906 12.724  1.00 167.01 ? 2   DC  C "O5'" 1 
ATOM   553 C  "C5'" . DC  C 3 2  ? -29.613 -11.977 12.383  1.00 167.27 ? 2   DC  C "C5'" 1 
ATOM   554 C  "C4'" . DC  C 3 2  ? -29.350 -10.702 13.132  1.00 168.51 ? 2   DC  C "C4'" 1 
ATOM   555 O  "O4'" . DC  C 3 2  ? -28.800 -11.057 14.426  1.00 165.96 ? 2   DC  C "O4'" 1 
ATOM   556 C  "C3'" . DC  C 3 2  ? -28.331 -9.783  12.451  1.00 176.70 ? 2   DC  C "C3'" 1 
ATOM   557 O  "O3'" . DC  C 3 2  ? -28.628 -8.402  12.689  1.00 190.60 ? 2   DC  C "O3'" 1 
ATOM   558 C  "C2'" . DC  C 3 2  ? -27.060 -10.218 13.158  1.00 182.56 ? 2   DC  C "C2'" 1 
ATOM   559 C  "C1'" . DC  C 3 2  ? -27.578 -10.372 14.577  1.00 174.15 ? 2   DC  C "C1'" 1 
ATOM   560 N  N1    . DC  C 3 2  ? -26.650 -11.115 15.462  1.00 168.22 ? 2   DC  C N1    1 
ATOM   561 C  C2    . DC  C 3 2  ? -26.217 -10.506 16.651  1.00 156.25 ? 2   DC  C C2    1 
ATOM   562 O  O2    . DC  C 3 2  ? -26.696 -9.405  16.983  1.00 137.24 ? 2   DC  C O2    1 
ATOM   563 N  N3    . DC  C 3 2  ? -25.305 -11.155 17.422  1.00 145.46 ? 2   DC  C N3    1 
ATOM   564 C  C4    . DC  C 3 2  ? -24.812 -12.343 17.036  1.00 150.43 ? 2   DC  C C4    1 
ATOM   565 N  N4    . DC  C 3 2  ? -23.924 -12.931 17.824  1.00 147.95 ? 2   DC  C N4    1 
ATOM   566 C  C5    . DC  C 3 2  ? -25.223 -12.960 15.816  1.00 154.56 ? 2   DC  C C5    1 
ATOM   567 C  C6    . DC  C 3 2  ? -26.125 -12.311 15.063  1.00 159.95 ? 2   DC  C C6    1 
ATOM   568 P  P     . DT  C 3 3  ? -27.409 -7.355  12.553  1.00 191.12 ? 3   DT  C P     1 
ATOM   569 O  OP1   . DT  C 3 3  ? -27.954 -5.991  12.221  1.00 179.11 ? 3   DT  C OP1   1 
ATOM   570 O  OP2   . DT  C 3 3  ? -26.341 -7.925  11.657  1.00 180.07 ? 3   DT  C OP2   1 
ATOM   571 O  "O5'" . DT  C 3 3  ? -26.767 -7.340  14.030  1.00 182.97 ? 3   DT  C "O5'" 1 
ATOM   572 C  "C5'" . DT  C 3 3  ? -27.350 -6.503  15.067  1.00 186.25 ? 3   DT  C "C5'" 1 
ATOM   573 C  "C4'" . DT  C 3 3  ? -26.341 -5.469  15.509  1.00 180.54 ? 3   DT  C "C4'" 1 
ATOM   574 O  "O4'" . DT  C 3 3  ? -25.374 -6.079  16.400  1.00 172.99 ? 3   DT  C "O4'" 1 
ATOM   575 C  "C3'" . DT  C 3 3  ? -25.526 -4.845  14.379  1.00 172.42 ? 3   DT  C "C3'" 1 
ATOM   576 O  "O3'" . DT  C 3 3  ? -25.098 -3.526  14.725  1.00 175.17 ? 3   DT  C "O3'" 1 
ATOM   577 C  "C2'" . DT  C 3 3  ? -24.345 -5.797  14.312  1.00 167.07 ? 3   DT  C "C2'" 1 
ATOM   578 C  "C1'" . DT  C 3 3  ? -24.087 -6.039  15.795  1.00 162.02 ? 3   DT  C "C1'" 1 
ATOM   579 N  N1    . DT  C 3 3  ? -23.355 -7.293  16.125  1.00 143.96 ? 3   DT  C N1    1 
ATOM   580 C  C2    . DT  C 3 3  ? -22.670 -7.344  17.331  1.00 143.78 ? 3   DT  C C2    1 
ATOM   581 O  O2    . DT  C 3 3  ? -22.675 -6.427  18.150  1.00 145.80 ? 3   DT  C O2    1 
ATOM   582 N  N3    . DT  C 3 3  ? -21.991 -8.516  17.559  1.00 140.82 ? 3   DT  C N3    1 
ATOM   583 C  C4    . DT  C 3 3  ? -21.920 -9.618  16.721  1.00 136.17 ? 3   DT  C C4    1 
ATOM   584 O  O4    . DT  C 3 3  ? -21.276 -10.613 17.063  1.00 150.39 ? 3   DT  C O4    1 
ATOM   585 C  C5    . DT  C 3 3  ? -22.640 -9.498  15.472  1.00 122.85 ? 3   DT  C C5    1 
ATOM   586 C  C7    . DT  C 3 3  ? -22.599 -10.653 14.511  1.00 115.01 ? 3   DT  C C7    1 
ATOM   587 C  C6    . DT  C 3 3  ? -23.316 -8.358  15.235  1.00 123.10 ? 3   DT  C C6    1 
ATOM   588 P  P     . DA  C 3 4  ? -24.676 -2.660  13.435  1.00 182.67 ? 4   DA  C P     1 
ATOM   589 O  OP1   . DA  C 3 4  ? -25.812 -1.777  12.989  1.00 191.58 ? 4   DA  C OP1   1 
ATOM   590 O  OP2   . DA  C 3 4  ? -24.006 -3.546  12.416  1.00 161.82 ? 4   DA  C OP2   1 
ATOM   591 O  "O5'" . DA  C 3 4  ? -23.550 -1.706  14.069  1.00 151.00 ? 4   DA  C "O5'" 1 
ATOM   592 C  "C5'" . DA  C 3 4  ? -23.896 -0.867  15.198  1.00 136.62 ? 4   DA  C "C5'" 1 
ATOM   593 C  "C4'" . DA  C 3 4  ? -22.805 -0.989  16.229  1.00 134.00 ? 4   DA  C "C4'" 1 
ATOM   594 O  "O4'" . DA  C 3 4  ? -22.441 -2.382  16.363  1.00 135.65 ? 4   DA  C "O4'" 1 
ATOM   595 C  "C3'" . DA  C 3 4  ? -21.519 -0.241  15.886  1.00 133.60 ? 4   DA  C "C3'" 1 
ATOM   596 O  "O3'" . DA  C 3 4  ? -20.971 0.309   17.087  1.00 134.19 ? 4   DA  C "O3'" 1 
ATOM   597 C  "C2'" . DA  C 3 4  ? -20.661 -1.348  15.278  1.00 127.45 ? 4   DA  C "C2'" 1 
ATOM   598 C  "C1'" . DA  C 3 4  ? -21.039 -2.528  16.152  1.00 121.36 ? 4   DA  C "C1'" 1 
ATOM   599 N  N9    . DA  C 3 4  ? -20.795 -3.853  15.577  1.00 111.98 ? 4   DA  C N9    1 
ATOM   600 C  C8    . DA  C 3 4  ? -21.296 -4.335  14.390  1.00 111.74 ? 4   DA  C C8    1 
ATOM   601 N  N7    . DA  C 3 4  ? -20.936 -5.572  14.131  1.00 101.27 ? 4   DA  C N7    1 
ATOM   602 C  C5    . DA  C 3 4  ? -20.153 -5.931  15.220  1.00 94.80  ? 4   DA  C C5    1 
ATOM   603 C  C6    . DA  C 3 4  ? -19.490 -7.129  15.539  1.00 92.54  ? 4   DA  C C6    1 
ATOM   604 N  N6    . DA  C 3 4  ? -19.517 -8.196  14.751  1.00 97.55  ? 4   DA  C N6    1 
ATOM   605 N  N1    . DA  C 3 4  ? -18.798 -7.176  16.702  1.00 100.55 ? 4   DA  C N1    1 
ATOM   606 C  C2    . DA  C 3 4  ? -18.796 -6.087  17.483  1.00 114.19 ? 4   DA  C C2    1 
ATOM   607 N  N3    . DA  C 3 4  ? -19.385 -4.907  17.287  1.00 120.46 ? 4   DA  C N3    1 
ATOM   608 C  C4    . DA  C 3 4  ? -20.058 -4.887  16.121  1.00 104.48 ? 4   DA  C C4    1 
ATOM   609 P  P     . DA  C 3 5  ? -19.612 1.142   16.869  1.00 144.11 ? 5   DA  C P     1 
ATOM   610 O  OP1   . DA  C 3 5  ? -19.288 2.034   18.042  1.00 120.76 ? 5   DA  C OP1   1 
ATOM   611 O  OP2   . DA  C 3 5  ? -19.648 1.746   15.485  1.00 138.99 ? 5   DA  C OP2   1 
ATOM   612 O  "O5'" . DA  C 3 5  ? -18.579 -0.090  16.917  1.00 135.88 ? 5   DA  C "O5'" 1 
ATOM   613 C  "C5'" . DA  C 3 5  ? -18.713 -1.057  17.986  1.00 135.76 ? 5   DA  C "C5'" 1 
ATOM   614 C  "C4'" . DA  C 3 5  ? -17.381 -1.258  18.664  1.00 146.12 ? 5   DA  C "C4'" 1 
ATOM   615 O  "O4'" . DA  C 3 5  ? -16.868 -2.553  18.293  1.00 134.78 ? 5   DA  C "O4'" 1 
ATOM   616 C  "C3'" . DA  C 3 5  ? -16.277 -0.266  18.306  1.00 134.99 ? 5   DA  C "C3'" 1 
ATOM   617 O  "O3'" . DA  C 3 5  ? -15.353 -0.201  19.403  1.00 142.92 ? 5   DA  C "O3'" 1 
ATOM   618 C  "C2'" . DA  C 3 5  ? -15.713 -0.892  17.031  1.00 114.63 ? 5   DA  C "C2'" 1 
ATOM   619 C  "C1'" . DA  C 3 5  ? -15.944 -2.387  17.226  1.00 108.46 ? 5   DA  C "C1'" 1 
ATOM   620 N  N9    . DA  C 3 5  ? -16.508 -3.055  16.061  1.00 98.43  ? 5   DA  C N9    1 
ATOM   621 C  C8    . DA  C 3 5  ? -17.318 -2.557  15.068  1.00 104.98 ? 5   DA  C C8    1 
ATOM   622 N  N7    . DA  C 3 5  ? -17.619 -3.435  14.142  1.00 90.95  ? 5   DA  C N7    1 
ATOM   623 C  C5    . DA  C 3 5  ? -16.964 -4.583  14.551  1.00 83.27  ? 5   DA  C C5    1 
ATOM   624 C  C6    . DA  C 3 5  ? -16.902 -5.872  13.996  1.00 87.66  ? 5   DA  C C6    1 
ATOM   625 N  N6    . DA  C 3 5  ? -17.528 -6.195  12.867  1.00 87.89  ? 5   DA  C N6    1 
ATOM   626 N  N1    . DA  C 3 5  ? -16.178 -6.814  14.659  1.00 79.73  ? 5   DA  C N1    1 
ATOM   627 C  C2    . DA  C 3 5  ? -15.557 -6.452  15.793  1.00 91.74  ? 5   DA  C C2    1 
ATOM   628 N  N3    . DA  C 3 5  ? -15.541 -5.266  16.407  1.00 94.72  ? 5   DA  C N3    1 
ATOM   629 C  C4    . DA  C 3 5  ? -16.274 -4.366  15.729  1.00 90.61  ? 5   DA  C C4    1 
ATOM   630 P  P     . DT  C 3 6  ? -13.846 0.252   19.067  1.00 145.08 ? 6   DT  C P     1 
ATOM   631 O  OP1   . DT  C 3 6  ? -13.059 0.649   20.290  1.00 123.07 ? 6   DT  C OP1   1 
ATOM   632 O  OP2   . DT  C 3 6  ? -13.923 1.266   17.953  1.00 151.29 ? 6   DT  C OP2   1 
ATOM   633 O  "O5'" . DT  C 3 6  ? -13.277 -1.166  18.562  1.00 114.01 ? 6   DT  C "O5'" 1 
ATOM   634 C  "C5'" . DT  C 3 6  ? -12.384 -1.865  19.454  1.00 105.68 ? 6   DT  C "C5'" 1 
ATOM   635 C  "C4'" . DT  C 3 6  ? -11.845 -3.097  18.774  1.00 108.73 ? 6   DT  C "C4'" 1 
ATOM   636 O  "O4'" . DT  C 3 6  ? -12.658 -3.468  17.646  1.00 105.60 ? 6   DT  C "O4'" 1 
ATOM   637 C  "C3'" . DT  C 3 6  ? -10.422 -2.980  18.228  1.00 106.08 ? 6   DT  C "C3'" 1 
ATOM   638 O  "O3'" . DT  C 3 6  ? -9.623  -3.757  19.112  1.00 120.43 ? 6   DT  C "O3'" 1 
ATOM   639 C  "C2'" . DT  C 3 6  ? -10.485 -3.576  16.823  1.00 97.34  ? 6   DT  C "C2'" 1 
ATOM   640 C  "C1'" . DT  C 3 6  ? -11.841 -4.253  16.789  1.00 89.01  ? 6   DT  C "C1'" 1 
ATOM   641 N  N1    . DT  C 3 6  ? -12.509 -4.259  15.481  1.00 75.47  ? 6   DT  C N1    1 
ATOM   642 C  C2    . DT  C 3 6  ? -12.666 -5.457  14.809  1.00 76.36  ? 6   DT  C C2    1 
ATOM   643 O  O2    . DT  C 3 6  ? -12.225 -6.520  15.231  1.00 77.40  ? 6   DT  C O2    1 
ATOM   644 N  N3    . DT  C 3 6  ? -13.353 -5.364  13.616  1.00 67.55  ? 6   DT  C N3    1 
ATOM   645 C  C4    . DT  C 3 6  ? -13.887 -4.214  13.043  1.00 75.10  ? 6   DT  C C4    1 
ATOM   646 O  O4    . DT  C 3 6  ? -14.473 -4.262  11.933  1.00 62.31  ? 6   DT  C O4    1 
ATOM   647 C  C5    . DT  C 3 6  ? -13.688 -2.998  13.810  1.00 72.09  ? 6   DT  C C5    1 
ATOM   648 C  C7    . DT  C 3 6  ? -14.236 -1.708  13.263  1.00 71.04  ? 6   DT  C C7    1 
ATOM   649 C  C6    . DT  C 3 6  ? -13.015 -3.080  14.973  1.00 73.22  ? 6   DT  C C6    1 
ATOM   650 P  P     . DT  C 3 7  ? -8.031  -3.644  18.944  1.00 119.46 ? 7   DT  C P     1 
ATOM   651 O  OP1   . DT  C 3 7  ? -7.281  -4.321  20.063  1.00 110.47 ? 7   DT  C OP1   1 
ATOM   652 O  OP2   . DT  C 3 7  ? -7.667  -2.225  18.588  1.00 127.47 ? 7   DT  C OP2   1 
ATOM   653 O  "O5'" . DT  C 3 7  ? -7.942  -4.629  17.687  1.00 91.60  ? 7   DT  C "O5'" 1 
ATOM   654 C  "C5'" . DT  C 3 7  ? -7.533  -5.974  17.942  1.00 84.83  ? 7   DT  C "C5'" 1 
ATOM   655 C  "C4'" . DT  C 3 7  ? -7.615  -6.709  16.636  1.00 92.76  ? 7   DT  C "C4'" 1 
ATOM   656 O  "O4'" . DT  C 3 7  ? -8.554  -6.056  15.758  1.00 89.58  ? 7   DT  C "O4'" 1 
ATOM   657 C  "C3'" . DT  C 3 7  ? -6.311  -6.775  15.845  1.00 90.32  ? 7   DT  C "C3'" 1 
ATOM   658 O  "O3'" . DT  C 3 7  ? -5.723  -8.058  16.058  1.00 90.40  ? 7   DT  C "O3'" 1 
ATOM   659 C  "C2'" . DT  C 3 7  ? -6.743  -6.570  14.393  1.00 96.76  ? 7   DT  C "C2'" 1 
ATOM   660 C  "C1'" . DT  C 3 7  ? -8.267  -6.577  14.470  1.00 88.93  ? 7   DT  C "C1'" 1 
ATOM   661 N  N1    . DT  C 3 7  ? -8.997  -5.793  13.431  1.00 72.24  ? 7   DT  C N1    1 
ATOM   662 C  C2    . DT  C 3 7  ? -9.451  -6.491  12.334  1.00 71.13  ? 7   DT  C C2    1 
ATOM   663 O  O2    . DT  C 3 7  ? -9.238  -7.685  12.183  1.00 87.83  ? 7   DT  C O2    1 
ATOM   664 N  N3    . DT  C 3 7  ? -10.161 -5.756  11.422  1.00 69.59  ? 7   DT  C N3    1 
ATOM   665 C  C4    . DT  C 3 7  ? -10.466 -4.413  11.493  1.00 73.07  ? 7   DT  C C4    1 
ATOM   666 O  O4    . DT  C 3 7  ? -11.110 -3.865  10.588  1.00 70.72  ? 7   DT  C O4    1 
ATOM   667 C  C5    . DT  C 3 7  ? -9.969  -3.737  12.666  1.00 71.17  ? 7   DT  C C5    1 
ATOM   668 C  C7    . DT  C 3 7  ? -10.260 -2.268  12.783  1.00 74.89  ? 7   DT  C C7    1 
ATOM   669 C  C6    . DT  C 3 7  ? -9.264  -4.445  13.568  1.00 68.14  ? 7   DT  C C6    1 
ATOM   670 P  P     . DG  C 3 8  ? -4.218  -8.088  15.499  1.00 100.95 ? 8   DG  C P     1 
ATOM   671 O  OP1   . DG  C 3 8  ? -3.389  -9.194  16.105  1.00 92.48  ? 8   DG  C OP1   1 
ATOM   672 O  OP2   . DG  C 3 8  ? -3.697  -6.672  15.454  1.00 88.07  ? 8   DG  C OP2   1 
ATOM   673 O  "O5'" . DG  C 3 8  ? -4.550  -8.604  14.020  1.00 77.31  ? 8   DG  C "O5'" 1 
ATOM   674 C  "C5'" . DG  C 3 8  ? -4.454  -10.012 13.820  1.00 73.50  ? 8   DG  C "C5'" 1 
ATOM   675 C  "C4'" . DG  C 3 8  ? -4.940  -10.269 12.427  1.00 84.87  ? 8   DG  C "C4'" 1 
ATOM   676 O  "O4'" . DG  C 3 8  ? -5.781  -9.165  12.029  1.00 82.79  ? 8   DG  C "O4'" 1 
ATOM   677 C  "C3'" . DG  C 3 8  ? -3.829  -10.370 11.387  1.00 84.07  ? 8   DG  C "C3'" 1 
ATOM   678 O  "O3'" . DG  C 3 8  ? -4.041  -11.569 10.676  1.00 78.64  ? 8   DG  C "O3'" 1 
ATOM   679 C  "C2'" . DG  C 3 8  ? -4.021  -9.116  10.534  1.00 80.27  ? 8   DG  C "C2'" 1 
ATOM   680 C  "C1'" . DG  C 3 8  ? -5.515  -8.895  10.654  1.00 75.28  ? 8   DG  C "C1'" 1 
ATOM   681 N  N9    . DG  C 3 8  ? -6.045  -7.557  10.383  1.00 65.66  ? 8   DG  C N9    1 
ATOM   682 C  C8    . DG  C 3 8  ? -5.963  -6.424  11.170  1.00 68.07  ? 8   DG  C C8    1 
ATOM   683 N  N7    . DG  C 3 8  ? -6.623  -5.394  10.679  1.00 63.54  ? 8   DG  C N7    1 
ATOM   684 C  C5    . DG  C 3 8  ? -7.174  -5.899  9.506   1.00 58.87  ? 8   DG  C C5    1 
ATOM   685 C  C6    . DG  C 3 8  ? -7.999  -5.255  8.565   1.00 64.29  ? 8   DG  C C6    1 
ATOM   686 O  O6    . DG  C 3 8  ? -8.373  -4.078  8.610   1.00 77.86  ? 8   DG  C O6    1 
ATOM   687 N  N1    . DG  C 3 8  ? -8.368  -6.105  7.517   1.00 61.79  ? 8   DG  C N1    1 
ATOM   688 C  C2    . DG  C 3 8  ? -7.956  -7.416  7.395   1.00 73.13  ? 8   DG  C C2    1 
ATOM   689 N  N2    . DG  C 3 8  ? -8.388  -8.110  6.325   1.00 69.40  ? 8   DG  C N2    1 
ATOM   690 N  N3    . DG  C 3 8  ? -7.172  -8.026  8.289   1.00 67.05  ? 8   DG  C N3    1 
ATOM   691 C  C4    . DG  C 3 8  ? -6.832  -7.215  9.312   1.00 55.58  ? 8   DG  C C4    1 
ATOM   692 P  P     . DT  C 3 9  ? -2.691  -11.971 9.912   1.00 94.87  ? 9   DT  C P     1 
ATOM   693 O  OP1   . DT  C 3 9  ? -2.232  -13.395 10.190  1.00 83.14  ? 9   DT  C OP1   1 
ATOM   694 O  OP2   . DT  C 3 9  ? -1.716  -10.845 10.171  1.00 68.32  ? 9   DT  C OP2   1 
ATOM   695 O  "O5'" . DT  C 3 9  ? -3.325  -11.938 8.429   1.00 66.00  ? 9   DT  C "O5'" 1 
ATOM   696 C  "C5'" . DT  C 3 9  ? -4.009  -10.751 8.045   1.00 63.96  ? 9   DT  C "C5'" 1 
ATOM   697 C  "C4'" . DT  C 3 9  ? -4.489  -10.933 6.639   1.00 70.63  ? 9   DT  C "C4'" 1 
ATOM   698 O  "O4'" . DT  C 3 9  ? -5.254  -9.770  6.257   1.00 70.40  ? 9   DT  C "O4'" 1 
ATOM   699 C  "C3'" . DT  C 3 9  ? -3.381  -11.051 5.609   1.00 70.84  ? 9   DT  C "C3'" 1 
ATOM   700 O  "O3'" . DT  C 3 9  ? -3.810  -11.725 4.427   1.00 69.51  ? 9   DT  C "O3'" 1 
ATOM   701 C  "C2'" . DT  C 3 9  ? -3.127  -9.588  5.303   1.00 70.31  ? 9   DT  C "C2'" 1 
ATOM   702 C  "C1'" . DT  C 3 9  ? -4.519  -8.993  5.339   1.00 53.59  ? 9   DT  C "C1'" 1 
ATOM   703 N  N1    . DT  C 3 9  ? -4.620  -7.655  5.884   1.00 50.71  ? 9   DT  C N1    1 
ATOM   704 C  C2    . DT  C 3 9  ? -5.413  -6.752  5.214   1.00 59.20  ? 9   DT  C C2    1 
ATOM   705 O  O2    . DT  C 3 9  ? -5.969  -7.046  4.163   1.00 73.36  ? 9   DT  C O2    1 
ATOM   706 N  N3    . DT  C 3 9  ? -5.514  -5.503  5.793   1.00 56.84  ? 9   DT  C N3    1 
ATOM   707 C  C4    . DT  C 3 9  ? -4.906  -5.098  6.971   1.00 58.73  ? 9   DT  C C4    1 
ATOM   708 O  O4    . DT  C 3 9  ? -5.036  -3.934  7.405   1.00 57.64  ? 9   DT  C O4    1 
ATOM   709 C  C5    . DT  C 3 9  ? -4.063  -6.095  7.592   1.00 53.12  ? 9   DT  C C5    1 
ATOM   710 C  C7    . DT  C 3 9  ? -3.351  -5.699  8.849   1.00 53.22  ? 9   DT  C C7    1 
ATOM   711 C  C6    . DT  C 3 9  ? -3.969  -7.317  7.045   1.00 50.25  ? 9   DT  C C6    1 
ATOM   712 P  P     . DG  D 4 1  ? 3.248   12.577  -8.917  1.00 112.41 ? 10  DG  D P     1 
ATOM   713 O  OP1   . DG  D 4 1  ? 3.176   14.105  -8.860  1.00 70.95  ? 10  DG  D OP1   1 
ATOM   714 O  OP2   . DG  D 4 1  ? 2.244   11.866  -9.889  1.00 75.85  ? 10  DG  D OP2   1 
ATOM   715 O  "O5'" . DG  D 4 1  ? 2.770   12.229  -7.445  1.00 91.64  ? 10  DG  D "O5'" 1 
ATOM   716 C  "C5'" . DG  D 4 1  ? 2.906   13.271  -6.466  1.00 92.96  ? 10  DG  D "C5'" 1 
ATOM   717 C  "C4'" . DG  D 4 1  ? 3.601   12.698  -5.262  1.00 91.53  ? 10  DG  D "C4'" 1 
ATOM   718 O  "O4'" . DG  D 4 1  ? 3.101   11.375  -5.031  1.00 93.76  ? 10  DG  D "O4'" 1 
ATOM   719 C  "C3'" . DG  D 4 1  ? 5.096   12.529  -5.409  1.00 96.77  ? 10  DG  D "C3'" 1 
ATOM   720 O  "O3'" . DG  D 4 1  ? 5.642   13.767  -4.979  1.00 112.81 ? 10  DG  D "O3'" 1 
ATOM   721 C  "C2'" . DG  D 4 1  ? 5.387   11.371  -4.456  1.00 86.30  ? 10  DG  D "C2'" 1 
ATOM   722 C  "C1'" . DG  D 4 1  ? 4.116   10.552  -4.481  1.00 71.85  ? 10  DG  D "C1'" 1 
ATOM   723 N  N9    . DG  D 4 1  ? 4.172   9.374   -5.320  1.00 64.06  ? 10  DG  D N9    1 
ATOM   724 C  C8    . DG  D 4 1  ? 3.540   9.114   -6.514  1.00 69.89  ? 10  DG  D C8    1 
ATOM   725 N  N7    . DG  D 4 1  ? 3.838   7.940   -7.023  1.00 65.38  ? 10  DG  D N7    1 
ATOM   726 C  C5    . DG  D 4 1  ? 4.701   7.398   -6.088  1.00 66.92  ? 10  DG  D C5    1 
ATOM   727 C  C6    . DG  D 4 1  ? 5.362   6.159   -6.113  1.00 72.96  ? 10  DG  D C6    1 
ATOM   728 O  O6    . DG  D 4 1  ? 5.286   5.290   -6.989  1.00 83.01  ? 10  DG  D O6    1 
ATOM   729 N  N1    . DG  D 4 1  ? 6.173   6.002   -4.987  1.00 75.66  ? 10  DG  D N1    1 
ATOM   730 C  C2    . DG  D 4 1  ? 6.326   6.925   -3.973  1.00 87.64  ? 10  DG  D C2    1 
ATOM   731 N  N2    . DG  D 4 1  ? 7.132   6.562   -2.961  1.00 94.82  ? 10  DG  D N2    1 
ATOM   732 N  N3    . DG  D 4 1  ? 5.716   8.120   -3.950  1.00 66.68  ? 10  DG  D N3    1 
ATOM   733 C  C4    . DG  D 4 1  ? 4.921   8.270   -5.038  1.00 67.30  ? 10  DG  D C4    1 
ATOM   734 P  P     . DG  D 4 2  ? 7.177   14.018  -5.368  1.00 112.05 ? 11  DG  D P     1 
ATOM   735 O  OP1   . DG  D 4 2  ? 7.581   15.166  -4.475  1.00 99.56  ? 11  DG  D OP1   1 
ATOM   736 O  OP2   . DG  D 4 2  ? 7.230   14.083  -6.873  1.00 103.94 ? 11  DG  D OP2   1 
ATOM   737 O  "O5'" . DG  D 4 2  ? 7.951   12.695  -4.877  1.00 87.17  ? 11  DG  D "O5'" 1 
ATOM   738 C  "C5'" . DG  D 4 2  ? 8.489   12.676  -3.517  1.00 91.87  ? 11  DG  D "C5'" 1 
ATOM   739 C  "C4'" . DG  D 4 2  ? 9.295   11.417  -3.323  1.00 103.05 ? 11  DG  D "C4'" 1 
ATOM   740 O  "O4'" . DG  D 4 2  ? 8.577   10.321  -3.910  1.00 106.85 ? 11  DG  D "O4'" 1 
ATOM   741 C  "C3'" . DG  D 4 2  ? 10.658  11.430  -4.004  1.00 121.42 ? 11  DG  D "C3'" 1 
ATOM   742 O  "O3'" . DG  D 4 2  ? 11.619  11.765  -3.006  1.00 139.57 ? 11  DG  D "O3'" 1 
ATOM   743 C  "C2'" . DG  D 4 2  ? 10.849  10.007  -4.529  1.00 116.91 ? 11  DG  D "C2'" 1 
ATOM   744 C  "C1'" . DG  D 4 2  ? 9.491   9.337   -4.367  1.00 101.22 ? 11  DG  D "C1'" 1 
ATOM   745 N  N9    . DG  D 4 2  ? 8.933   8.789   -5.598  1.00 88.71  ? 11  DG  D N9    1 
ATOM   746 C  C8    . DG  D 4 2  ? 7.993   9.340   -6.437  1.00 89.02  ? 11  DG  D C8    1 
ATOM   747 N  N7    . DG  D 4 2  ? 7.694   8.573   -7.454  1.00 88.70  ? 11  DG  D N7    1 
ATOM   748 C  C5    . DG  D 4 2  ? 8.486   7.451   -7.263  1.00 89.83  ? 11  DG  D C5    1 
ATOM   749 C  C6    . DG  D 4 2  ? 8.587   6.283   -8.050  1.00 107.53 ? 11  DG  D C6    1 
ATOM   750 O  O6    . DG  D 4 2  ? 7.979   6.034   -9.104  1.00 111.15 ? 11  DG  D O6    1 
ATOM   751 N  N1    . DG  D 4 2  ? 9.508   5.376   -7.498  1.00 95.05  ? 11  DG  D N1    1 
ATOM   752 C  C2    . DG  D 4 2  ? 10.219  5.573   -6.332  1.00 99.47  ? 11  DG  D C2    1 
ATOM   753 N  N2    . DG  D 4 2  ? 11.040  4.581   -5.956  1.00 107.80 ? 11  DG  D N2    1 
ATOM   754 N  N3    . DG  D 4 2  ? 10.138  6.685   -5.595  1.00 86.13  ? 11  DG  D N3    1 
ATOM   755 C  C4    . DG  D 4 2  ? 9.253   7.568   -6.122  1.00 83.43  ? 11  DG  D C4    1 
ATOM   756 P  P     . DA  D 4 3  ? 13.045  12.218  -3.590  1.00 137.11 ? 12  DA  D P     1 
ATOM   757 O  OP1   . DA  D 4 3  ? 13.790  12.796  -2.416  1.00 121.45 ? 12  DA  D OP1   1 
ATOM   758 O  OP2   . DA  D 4 3  ? 12.873  13.061  -4.824  1.00 136.45 ? 12  DA  D OP2   1 
ATOM   759 O  "O5'" . DA  D 4 3  ? 13.659  10.811  -4.069  1.00 115.56 ? 12  DA  D "O5'" 1 
ATOM   760 C  "C5'" . DA  D 4 3  ? 14.434  10.038  -3.115  1.00 117.94 ? 12  DA  D "C5'" 1 
ATOM   761 C  "C4'" . DA  D 4 3  ? 14.745  8.695   -3.727  1.00 133.07 ? 12  DA  D "C4'" 1 
ATOM   762 O  "O4'" . DA  D 4 3  ? 13.705  8.380   -4.678  1.00 121.87 ? 12  DA  D "O4'" 1 
ATOM   763 C  "C3'" . DA  D 4 3  ? 16.079  8.602   -4.485  1.00 140.33 ? 12  DA  D "C3'" 1 
ATOM   764 O  "O3'" . DA  D 4 3  ? 16.882  7.501   -4.047  1.00 152.09 ? 12  DA  D "O3'" 1 
ATOM   765 C  "C2'" . DA  D 4 3  ? 15.657  8.349   -5.928  1.00 123.27 ? 12  DA  D "C2'" 1 
ATOM   766 C  "C1'" . DA  D 4 3  ? 14.307  7.694   -5.761  1.00 103.11 ? 12  DA  D "C1'" 1 
ATOM   767 N  N9    . DA  D 4 3  ? 13.454  7.852   -6.916  1.00 89.62  ? 12  DA  D N9    1 
ATOM   768 C  C8    . DA  D 4 3  ? 12.794  8.983   -7.331  1.00 91.23  ? 12  DA  D C8    1 
ATOM   769 N  N7    . DA  D 4 3  ? 12.104  8.799   -8.433  1.00 84.02  ? 12  DA  D N7    1 
ATOM   770 C  C5    . DA  D 4 3  ? 12.346  7.470   -8.771  1.00 80.19  ? 12  DA  D C5    1 
ATOM   771 C  C6    . DA  D 4 3  ? 11.910  6.668   -9.847  1.00 83.29  ? 12  DA  D C6    1 
ATOM   772 N  N6    . DA  D 4 3  ? 11.111  7.125   -10.804 1.00 85.43  ? 12  DA  D N6    1 
ATOM   773 N  N1    . DA  D 4 3  ? 12.340  5.379   -9.903  1.00 84.41  ? 12  DA  D N1    1 
ATOM   774 C  C2    . DA  D 4 3  ? 13.147  4.940   -8.926  1.00 96.07  ? 12  DA  D C2    1 
ATOM   775 N  N3    . DA  D 4 3  ? 13.626  5.604   -7.866  1.00 96.68  ? 12  DA  D N3    1 
ATOM   776 C  C4    . DA  D 4 3  ? 13.189  6.879   -7.848  1.00 84.31  ? 12  DA  D C4    1 
ATOM   777 P  P     . DA  D 4 4  ? 18.421  7.806   -4.391  1.00 129.95 ? 13  DA  D P     1 
ATOM   778 O  OP1   . DA  D 4 4  ? 18.923  8.699   -3.283  1.00 130.59 ? 13  DA  D OP1   1 
ATOM   779 O  OP2   . DA  D 4 4  ? 18.487  8.146   -5.857  1.00 129.11 ? 13  DA  D OP2   1 
ATOM   780 O  "O5'" . DA  D 4 4  ? 19.198  6.405   -4.316  1.00 122.78 ? 13  DA  D "O5'" 1 
ATOM   781 C  "C5'" . DA  D 4 4  ? 18.435  5.189   -4.346  1.00 125.89 ? 13  DA  D "C5'" 1 
ATOM   782 C  "C4'" . DA  D 4 4  ? 18.220  4.710   -5.761  1.00 124.89 ? 13  DA  D "C4'" 1 
ATOM   783 O  "O4'" . DA  D 4 4  ? 17.403  5.603   -6.534  1.00 101.39 ? 13  DA  D "O4'" 1 
ATOM   784 C  "C3'" . DA  D 4 4  ? 19.461  4.515   -6.632  1.00 138.50 ? 13  DA  D "C3'" 1 
ATOM   785 O  "O3'" . DA  D 4 4  ? 19.786  3.136   -6.546  1.00 156.30 ? 13  DA  D "O3'" 1 
ATOM   786 C  "C2'" . DA  D 4 4  ? 18.988  4.905   -8.038  1.00 127.36 ? 13  DA  D "C2'" 1 
ATOM   787 C  "C1'" . DA  D 4 4  ? 17.497  5.026   -7.833  1.00 107.15 ? 13  DA  D "C1'" 1 
ATOM   788 N  N9    . DA  D 4 4  ? 16.787  5.866   -8.779  1.00 99.42  ? 13  DA  D N9    1 
ATOM   789 C  C8    . DA  D 4 4  ? 16.586  7.222   -8.689  1.00 105.57 ? 13  DA  D C8    1 
ATOM   790 N  N7    . DA  D 4 4  ? 15.866  7.710   -9.670  1.00 95.76  ? 13  DA  D N7    1 
ATOM   791 C  C5    . DA  D 4 4  ? 15.562  6.605   -10.451 1.00 81.58  ? 13  DA  D C5    1 
ATOM   792 C  C6    . DA  D 4 4  ? 14.811  6.485   -11.637 1.00 81.71  ? 13  DA  D C6    1 
ATOM   793 N  N6    . DA  D 4 4  ? 14.231  7.520   -12.243 1.00 84.28  ? 13  DA  D N6    1 
ATOM   794 N  N1    . DA  D 4 4  ? 14.688  5.248   -12.171 1.00 75.72  ? 13  DA  D N1    1 
ATOM   795 C  C2    . DA  D 4 4  ? 15.281  4.229   -11.524 1.00 97.32  ? 13  DA  D C2    1 
ATOM   796 N  N3    . DA  D 4 4  ? 16.024  4.219   -10.407 1.00 83.64  ? 13  DA  D N3    1 
ATOM   797 C  C4    . DA  D 4 4  ? 16.128  5.459   -9.914  1.00 82.33  ? 13  DA  D C4    1 
ATOM   798 P  P     . DT  D 4 5  ? 20.925  2.722   -7.596  1.00 147.20 ? 14  DT  D P     1 
ATOM   799 O  OP1   . DT  D 4 5  ? 21.693  1.582   -6.982  1.00 135.12 ? 14  DT  D OP1   1 
ATOM   800 O  OP2   . DT  D 4 5  ? 21.640  3.957   -8.072  1.00 175.34 ? 14  DT  D OP2   1 
ATOM   801 O  "O5'" . DT  D 4 5  ? 20.063  2.196   -8.844  1.00 118.39 ? 14  DT  D "O5'" 1 
ATOM   802 C  "C5'" . DT  D 4 5  ? 20.445  0.943   -9.428  1.00 113.26 ? 14  DT  D "C5'" 1 
ATOM   803 C  "C4'" . DT  D 4 5  ? 19.724  0.791   -10.738 1.00 133.56 ? 14  DT  D "C4'" 1 
ATOM   804 O  "O4'" . DT  D 4 5  ? 18.907  1.953   -11.003 1.00 131.35 ? 14  DT  D "O4'" 1 
ATOM   805 C  "C3'" . DT  D 4 5  ? 20.642  0.615   -11.946 1.00 153.37 ? 14  DT  D "C3'" 1 
ATOM   806 O  "O3'" . DT  D 4 5  ? 20.203  -0.568  -12.604 1.00 175.73 ? 14  DT  D "O3'" 1 
ATOM   807 C  "C2'" . DT  D 4 5  ? 20.412  1.877   -12.770 1.00 144.74 ? 14  DT  D "C2'" 1 
ATOM   808 C  "C1'" . DT  D 4 5  ? 18.984  2.234   -12.393 1.00 128.73 ? 14  DT  D "C1'" 1 
ATOM   809 N  N1    . DT  D 4 5  ? 18.621  3.654   -12.592 1.00 112.52 ? 14  DT  D N1    1 
ATOM   810 C  C2    . DT  D 4 5  ? 17.721  3.983   -13.598 1.00 113.18 ? 14  DT  D C2    1 
ATOM   811 O  O2    . DT  D 4 5  ? 17.223  3.158   -14.368 1.00 107.20 ? 14  DT  D O2    1 
ATOM   812 N  N3    . DT  D 4 5  ? 17.431  5.328   -13.688 1.00 93.06  ? 14  DT  D N3    1 
ATOM   813 C  C4    . DT  D 4 5  ? 17.928  6.351   -12.891 1.00 95.86  ? 14  DT  D C4    1 
ATOM   814 O  O4    . DT  D 4 5  ? 17.576  7.527   -13.112 1.00 89.71  ? 14  DT  D O4    1 
ATOM   815 C  C5    . DT  D 4 5  ? 18.866  5.932   -11.857 1.00 99.27  ? 14  DT  D C5    1 
ATOM   816 C  C7    . DT  D 4 5  ? 19.459  6.970   -10.938 1.00 91.76  ? 14  DT  D C7    1 
ATOM   817 C  C6    . DT  D 4 5  ? 19.165  4.621   -11.764 1.00 98.69  ? 14  DT  D C6    1 
ATOM   818 P  P     . DT  D 4 6  ? 21.256  -1.202  -13.638 1.00 198.60 ? 15  DT  D P     1 
ATOM   819 O  OP1   . DT  D 4 6  ? 21.741  -2.529  -13.119 1.00 188.68 ? 15  DT  D OP1   1 
ATOM   820 O  OP2   . DT  D 4 6  ? 22.268  -0.146  -14.000 1.00 208.43 ? 15  DT  D OP2   1 
ATOM   821 O  "O5'" . DT  D 4 6  ? 20.295  -1.431  -14.913 1.00 186.10 ? 15  DT  D "O5'" 1 
ATOM   822 C  "C5'" . DT  D 4 6  ? 19.162  -0.537  -15.122 1.00 182.87 ? 15  DT  D "C5'" 1 
ATOM   823 C  "C4'" . DT  D 4 6  ? 19.362  0.264   -16.387 1.00 184.09 ? 15  DT  D "C4'" 1 
ATOM   824 O  "O4'" . DT  D 4 6  ? 18.964  1.636   -16.183 1.00 180.22 ? 15  DT  D "O4'" 1 
ATOM   825 C  "C3'" . DT  D 4 6  ? 20.800  0.358   -16.902 1.00 186.11 ? 15  DT  D "C3'" 1 
ATOM   826 O  "O3'" . DT  D 4 6  ? 21.107  -0.688  -17.838 1.00 204.37 ? 15  DT  D "O3'" 1 
ATOM   827 C  "C2'" . DT  D 4 6  ? 20.874  1.739   -17.548 1.00 179.41 ? 15  DT  D "C2'" 1 
ATOM   828 C  "C1'" . DT  D 4 6  ? 19.516  2.374   -17.264 1.00 164.77 ? 15  DT  D "C1'" 1 
ATOM   829 N  N1    . DT  D 4 6  ? 19.577  3.809   -16.899 1.00 147.16 ? 15  DT  D N1    1 
ATOM   830 C  C2    . DT  D 4 6  ? 18.704  4.673   -17.533 1.00 137.76 ? 15  DT  D C2    1 
ATOM   831 O  O2    . DT  D 4 6  ? 17.880  4.304   -18.360 1.00 123.05 ? 15  DT  D O2    1 
ATOM   832 N  N3    . DT  D 4 6  ? 18.820  5.988   -17.157 1.00 141.74 ? 15  DT  D N3    1 
ATOM   833 C  C4    . DT  D 4 6  ? 19.711  6.523   -16.240 1.00 144.28 ? 15  DT  D C4    1 
ATOM   834 O  O4    . DT  D 4 6  ? 19.694  7.732   -16.000 1.00 158.17 ? 15  DT  D O4    1 
ATOM   835 C  C5    . DT  D 4 6  ? 20.605  5.570   -15.619 1.00 138.74 ? 15  DT  D C5    1 
ATOM   836 C  C7    . DT  D 4 6  ? 21.588  6.077   -14.601 1.00 128.45 ? 15  DT  D C7    1 
ATOM   837 C  C6    . DT  D 4 6  ? 20.501  4.274   -15.975 1.00 137.69 ? 15  DT  D C6    1 
ATOM   838 P  P     . DC  D 4 7  ? 20.453  -0.671  -19.311 1.00 206.31 ? 16  DC  D P     1 
ATOM   839 O  OP1   . DC  D 4 7  ? 19.120  0.026   -19.316 1.00 208.99 ? 16  DC  D OP1   1 
ATOM   840 O  OP2   . DC  D 4 7  ? 20.517  -2.068  -19.871 1.00 200.32 ? 16  DC  D OP2   1 
ATOM   841 O  "O5'" . DC  D 4 7  ? 21.496  0.208   -20.160 1.00 175.19 ? 16  DC  D "O5'" 1 
ATOM   842 C  "C5'" . DC  D 4 7  ? 21.377  0.221   -21.608 1.00 166.34 ? 16  DC  D "C5'" 1 
ATOM   843 C  "C4'" . DC  D 4 7  ? 20.190  1.059   -22.019 1.00 157.81 ? 16  DC  D "C4'" 1 
ATOM   844 O  "O4'" . DC  D 4 7  ? 19.974  2.110   -21.046 1.00 163.27 ? 16  DC  D "O4'" 1 
ATOM   845 C  "C3'" . DC  D 4 7  ? 20.332  1.750   -23.374 1.00 153.81 ? 16  DC  D "C3'" 1 
ATOM   846 O  "O3'" . DC  D 4 7  ? 19.096  1.720   -24.079 1.00 141.19 ? 16  DC  D "O3'" 1 
ATOM   847 C  "C2'" . DC  D 4 7  ? 20.711  3.180   -23.002 1.00 160.99 ? 16  DC  D "C2'" 1 
ATOM   848 C  "C1'" . DC  D 4 7  ? 20.000  3.380   -21.672 1.00 156.75 ? 16  DC  D "C1'" 1 
ATOM   849 N  N1    . DC  D 4 7  ? 20.655  4.329   -20.732 1.00 146.49 ? 16  DC  D N1    1 
ATOM   850 C  C2    . DC  D 4 7  ? 20.220  5.663   -20.687 1.00 145.81 ? 16  DC  D C2    1 
ATOM   851 O  O2    . DC  D 4 7  ? 19.316  6.030   -21.459 1.00 130.44 ? 16  DC  D O2    1 
ATOM   852 N  N3    . DC  D 4 7  ? 20.814  6.520   -19.812 1.00 139.06 ? 16  DC  D N3    1 
ATOM   853 C  C4    . DC  D 4 7  ? 21.798  6.099   -19.002 1.00 142.69 ? 16  DC  D C4    1 
ATOM   854 N  N4    . DC  D 4 7  ? 22.345  6.977   -18.170 1.00 133.07 ? 16  DC  D N4    1 
ATOM   855 C  C5    . DC  D 4 7  ? 22.241  4.745   -19.031 1.00 148.65 ? 16  DC  D C5    1 
ATOM   856 C  C6    . DC  D 4 7  ? 21.647  3.906   -19.898 1.00 141.84 ? 16  DC  D C6    1 
HETATM 857 MG MG    . MG  E 5 .  ? 4.096   7.474   1.803   1.00 104.69 ? 101 MG  A MG    1 
HETATM 858 C  C1    . HT1 F 6 .  ? -15.825 -4.152  21.684  1.00 160.66 ? 102 HT1 A C1    1 
HETATM 859 O  O1    . HT1 F 6 .  ? -16.763 -3.296  22.201  1.00 166.09 ? 102 HT1 A O1    1 
HETATM 860 C  C2    . HT1 F 6 .  ? -14.634 -4.394  22.359  1.00 151.58 ? 102 HT1 A C2    1 
HETATM 861 C  C3    . HT1 F 6 .  ? -13.693 -5.241  21.810  1.00 149.07 ? 102 HT1 A C3    1 
HETATM 862 C  C4    . HT1 F 6 .  ? -13.923 -5.873  20.591  1.00 149.91 ? 102 HT1 A C4    1 
HETATM 863 C  C5    . HT1 F 6 .  ? -15.112 -5.602  19.919  1.00 152.01 ? 102 HT1 A C5    1 
HETATM 864 C  C6    . HT1 F 6 .  ? -16.060 -4.757  20.457  1.00 158.49 ? 102 HT1 A C6    1 
HETATM 865 C  C7    . HT1 F 6 .  ? -12.913 -6.753  19.991  1.00 151.82 ? 102 HT1 A C7    1 
HETATM 866 N  N1    . HT1 F 6 .  ? -12.937 -7.084  18.673  1.00 156.31 ? 102 HT1 A N1    1 
HETATM 867 C  C8    . HT1 F 6 .  ? -11.843 -7.883  18.433  1.00 138.56 ? 102 HT1 A C8    1 
HETATM 868 C  C9    . HT1 F 6 .  ? -11.179 -8.002  19.655  1.00 139.11 ? 102 HT1 A C9    1 
HETATM 869 N  N2    . HT1 F 6 .  ? -11.864 -7.274  20.626  1.00 137.51 ? 102 HT1 A N2    1 
HETATM 870 C  C10   . HT1 F 6 .  ? -10.010 -8.760  19.737  1.00 129.70 ? 102 HT1 A C10   1 
HETATM 871 C  C11   . HT1 F 6 .  ? -9.546  -9.389  18.603  1.00 115.94 ? 102 HT1 A C11   1 
HETATM 872 C  C12   . HT1 F 6 .  ? -10.219 -9.274  17.383  1.00 112.65 ? 102 HT1 A C12   1 
HETATM 873 C  C13   . HT1 F 6 .  ? -11.381 -8.519  17.298  1.00 118.10 ? 102 HT1 A C13   1 
HETATM 874 C  C14   . HT1 F 6 .  ? -9.718  -9.953  16.190  1.00 115.70 ? 102 HT1 A C14   1 
HETATM 875 N  N3    . HT1 F 6 .  ? -9.987  -9.577  14.906  1.00 116.95 ? 102 HT1 A N3    1 
HETATM 876 C  C15   . HT1 F 6 .  ? -9.355  -10.479 14.075  1.00 98.64  ? 102 HT1 A C15   1 
HETATM 877 C  C16   . HT1 F 6 .  ? -8.729  -11.384 14.933  1.00 103.99 ? 102 HT1 A C16   1 
HETATM 878 N  N4    . HT1 F 6 .  ? -8.968  -11.040 16.259  1.00 98.37  ? 102 HT1 A N4    1 
HETATM 879 C  C17   . HT1 F 6 .  ? -7.990  -12.436 14.411  1.00 94.42  ? 102 HT1 A C17   1 
HETATM 880 C  C18   . HT1 F 6 .  ? -7.888  -12.557 13.056  1.00 93.42  ? 102 HT1 A C18   1 
HETATM 881 C  C19   . HT1 F 6 .  ? -8.522  -11.669 12.180  1.00 92.26  ? 102 HT1 A C19   1 
HETATM 882 C  C20   . HT1 F 6 .  ? -9.267  -10.609 12.697  1.00 83.70  ? 102 HT1 A C20   1 
HETATM 883 N  N5    . HT1 F 6 .  ? -8.357  -11.879 10.798  1.00 98.87  ? 102 HT1 A N5    1 
HETATM 884 C  C21   . HT1 F 6 .  ? -8.774  -10.871 9.807   1.00 112.83 ? 102 HT1 A C21   1 
HETATM 885 C  C22   . HT1 F 6 .  ? -8.936  -11.393 8.389   1.00 121.99 ? 102 HT1 A C22   1 
HETATM 886 N  N6    . HT1 F 6 .  ? -7.886  -12.332 7.994   1.00 110.87 ? 102 HT1 A N6    1 
HETATM 887 C  C23   . HT1 F 6 .  ? -7.938  -13.484 8.890   1.00 102.05 ? 102 HT1 A C23   1 
HETATM 888 C  C24   . HT1 F 6 .  ? -7.638  -13.080 10.317  1.00 98.82  ? 102 HT1 A C24   1 
HETATM 889 C  C25   . HT1 F 6 .  ? -8.076  -12.769 6.613   1.00 103.28 ? 102 HT1 A C25   1 
HETATM 890 C  C26   . HT1 F 6 .  ? -16.398 -1.915  22.352  1.00 162.74 ? 102 HT1 A C26   1 
HETATM 891 C  C27   . HT1 F 6 .  ? -17.650 -1.084  22.331  1.00 159.56 ? 102 HT1 A C27   1 
HETATM 892 C  C1    . HT1 G 6 .  ? 15.472  2.004   -5.770  1.00 118.06 ? 101 HT1 D C1    1 
HETATM 893 O  O1    . HT1 G 6 .  ? 15.363  2.421   -4.469  1.00 100.42 ? 101 HT1 D O1    1 
HETATM 894 C  C2    . HT1 G 6 .  ? 16.641  1.401   -6.212  1.00 134.06 ? 101 HT1 D C2    1 
HETATM 895 C  C3    . HT1 G 6 .  ? 16.737  0.959   -7.517  1.00 142.69 ? 101 HT1 D C3    1 
HETATM 896 C  C4    . HT1 G 6 .  ? 15.671  1.097   -8.397  1.00 141.30 ? 101 HT1 D C4    1 
HETATM 897 C  C5    . HT1 G 6 .  ? 14.508  1.701   -7.940  1.00 130.92 ? 101 HT1 D C5    1 
HETATM 898 C  C6    . HT1 G 6 .  ? 14.404  2.147   -6.641  1.00 119.79 ? 101 HT1 D C6    1 
HETATM 899 C  C7    . HT1 G 6 .  ? 15.744  0.611   -9.774  1.00 146.33 ? 101 HT1 D C7    1 
HETATM 900 N  N1    . HT1 G 6 .  ? 15.660  1.445   -10.829 1.00 146.23 ? 101 HT1 D N1    1 
HETATM 901 C  C8    . HT1 G 6 .  ? 15.707  0.676   -11.968 1.00 140.29 ? 101 HT1 D C8    1 
HETATM 902 C  C9    . HT1 G 6 .  ? 15.804  -0.641  -11.526 1.00 136.76 ? 101 HT1 D C9    1 
HETATM 903 N  N2    . HT1 G 6 .  ? 15.815  -0.666  -10.136 1.00 140.44 ? 101 HT1 D N2    1 
HETATM 904 C  C10   . HT1 G 6 .  ? 15.877  -1.673  -12.456 1.00 146.79 ? 101 HT1 D C10   1 
HETATM 905 C  C11   . HT1 G 6 .  ? 15.851  -1.367  -13.798 1.00 150.45 ? 101 HT1 D C11   1 
HETATM 906 C  C12   . HT1 G 6 .  ? 15.768  -0.046  -14.244 1.00 155.31 ? 101 HT1 D C12   1 
HETATM 907 C  C13   . HT1 G 6 .  ? 15.675  0.984   -13.314 1.00 151.87 ? 101 HT1 D C13   1 
HETATM 908 C  C14   . HT1 G 6 .  ? 15.701  0.236   -15.682 1.00 155.18 ? 101 HT1 D C14   1 
HETATM 909 N  N3    . HT1 G 6 .  ? 15.852  1.464   -16.244 1.00 148.99 ? 101 HT1 D N3    1 
HETATM 910 C  C15   . HT1 G 6 .  ? 15.671  1.309   -17.603 1.00 156.61 ? 101 HT1 D C15   1 
HETATM 911 C  C16   . HT1 G 6 .  ? 15.395  -0.043  -17.805 1.00 151.01 ? 101 HT1 D C16   1 
HETATM 912 N  N4    . HT1 G 6 .  ? 15.408  -0.699  -16.580 1.00 154.13 ? 101 HT1 D N4    1 
HETATM 913 C  C17   . HT1 G 6 .  ? 15.166  -0.529  -19.094 1.00 153.05 ? 101 HT1 D C17   1 
HETATM 914 C  C18   . HT1 G 6 .  ? 15.213  0.346   -20.158 1.00 158.83 ? 101 HT1 D C18   1 
HETATM 915 C  C19   . HT1 G 6 .  ? 15.484  1.711   -19.961 1.00 171.91 ? 101 HT1 D C19   1 
HETATM 916 C  C20   . HT1 G 6 .  ? 15.722  2.191   -18.672 1.00 163.45 ? 101 HT1 D C20   1 
HETATM 917 N  N5    . HT1 G 6 .  ? 15.533  2.610   -21.030 1.00 187.88 ? 101 HT1 D N5    1 
HETATM 918 C  C21   . HT1 G 6 .  ? 16.620  3.574   -21.228 1.00 196.53 ? 101 HT1 D C21   1 
HETATM 919 C  C22   . HT1 G 6 .  ? 16.075  4.982   -21.253 1.00 191.74 ? 101 HT1 D C22   1 
HETATM 920 N  N6    . HT1 G 6 .  ? 15.121  5.132   -22.353 1.00 189.89 ? 101 HT1 D N6    1 
HETATM 921 C  C23   . HT1 G 6 .  ? 14.015  4.189   -22.162 1.00 194.13 ? 101 HT1 D C23   1 
HETATM 922 C  C24   . HT1 G 6 .  ? 14.498  2.754   -22.064 1.00 187.20 ? 101 HT1 D C24   1 
HETATM 923 C  C25   . HT1 G 6 .  ? 14.635  6.512   -22.427 1.00 183.29 ? 101 HT1 D C25   1 
HETATM 924 C  C26   . HT1 G 6 .  ? 15.299  3.825   -4.179  1.00 112.59 ? 101 HT1 D C26   1 
HETATM 925 C  C27   . HT1 G 6 .  ? 13.924  4.332   -4.511  1.00 115.72 ? 101 HT1 D C27   1 
HETATM 926 O  O     . HOH H 7 .  ? 3.221   -2.011  0.343   1.00 76.10  ? 201 HOH A O     1 
HETATM 927 O  O     . HOH I 7 .  ? 0.965   -3.205  3.370   1.00 61.81  ? 101 HOH B O     1 
HETATM 928 O  O     . HOH I 7 .  ? -4.819  5.040   -0.717  1.00 58.54  ? 102 HOH B O     1 
HETATM 929 O  O     . HOH J 7 .  ? -6.994  -9.386  2.906   1.00 100.90 ? 101 HOH C O     1 
HETATM 930 O  O     . HOH K 7 .  ? 4.137   5.541   -9.219  1.00 65.05  ? 201 HOH D O     1 
HETATM 931 O  O     . HOH K 7 .  ? 5.108   8.561   -10.391 1.00 83.31  ? 202 HOH D O     1 
# 
loop_
_pdbx_poly_seq_scheme.asym_id 
_pdbx_poly_seq_scheme.entity_id 
_pdbx_poly_seq_scheme.seq_id 
_pdbx_poly_seq_scheme.mon_id 
_pdbx_poly_seq_scheme.ndb_seq_num 
_pdbx_poly_seq_scheme.pdb_seq_num 
_pdbx_poly_seq_scheme.auth_seq_num 
_pdbx_poly_seq_scheme.pdb_mon_id 
_pdbx_poly_seq_scheme.auth_mon_id 
_pdbx_poly_seq_scheme.pdb_strand_id 
_pdbx_poly_seq_scheme.pdb_ins_code 
_pdbx_poly_seq_scheme.hetero 
A 1 1  DG 1  1  1  DG DG A . n 
A 1 2  DA 2  2  2  DA DA A . n 
A 1 3  DG 3  3  3  DG DG A . n 
A 1 4  DA 4  4  4  DA DA A . n 
A 1 5  DA 5  5  5  DA DA A . n 
A 1 6  DT 6  6  6  DT DT A . n 
A 1 7  DT 7  7  7  DT DT A . n 
A 1 8  DC 8  8  8  DC DC A . n 
A 1 9  DC 9  9  9  DC DC A . n 
A 1 10 DT 10 10 10 DT DT A . n 
A 1 11 DG 11 11 11 DG DG A . n 
A 1 12 DA 12 12 12 DA DA A . n 
A 1 13 DC 13 13 13 DC DC A . n 
A 1 14 DG 14 14 14 DG DG A . n 
A 1 15 DA 15 15 15 DA DA A . n 
A 1 16 DC 16 16 16 DC DC A . n 
A 1 17 DA 17 17 17 DA DA A . n 
A 1 18 DA 18 18 18 DA DA A . n 
A 1 19 DT 19 19 19 DT DT A . n 
A 1 20 DT 20 20 20 DT DT A . n 
A 1 21 DA 21 21 21 DA DA A . n 
B 2 1  DC 1  1  1  DC DC B . n 
B 2 2  DG 2  2  2  DG DG B . n 
B 2 3  DT 3  3  3  DT DT B . n 
B 2 4  DC 4  4  4  DC DC B . n 
B 2 5  DG 5  5  5  DG DG B . n 
C 3 1  DT 1  1  1  DT DT C . n 
C 3 2  DC 2  2  2  DC DC C . n 
C 3 3  DT 3  3  3  DT DT C . n 
C 3 4  DA 4  4  4  DA DA C . n 
C 3 5  DA 5  5  5  DA DA C . n 
C 3 6  DT 6  6  6  DT DT C . n 
C 3 7  DT 7  7  7  DT DT C . n 
C 3 8  DG 8  8  8  DG DG C . n 
C 3 9  DT 9  9  9  DT DT C . n 
D 4 1  DG 1  10 10 DG DG D . n 
D 4 2  DG 2  11 11 DG DG D . n 
D 4 3  DA 3  12 12 DA DA D . n 
D 4 4  DA 4  13 13 DA DA D . n 
D 4 5  DT 5  14 14 DT DT D . n 
D 4 6  DT 6  15 15 DT DT D . n 
D 4 7  DC 7  16 16 DC DC D . n 
# 
_pdbx_contact_author.id                 2 
_pdbx_contact_author.email              hao.yan@asu.edu 
_pdbx_contact_author.name_first         Hao 
_pdbx_contact_author.name_last          Yan 
_pdbx_contact_author.name_mi            ? 
_pdbx_contact_author.role               'principal investigator/group leader' 
_pdbx_contact_author.identifier_ORCID   0000-0001-7397-9852 
# 
loop_
_pdbx_nonpoly_scheme.asym_id 
_pdbx_nonpoly_scheme.entity_id 
_pdbx_nonpoly_scheme.mon_id 
_pdbx_nonpoly_scheme.ndb_seq_num 
_pdbx_nonpoly_scheme.pdb_seq_num 
_pdbx_nonpoly_scheme.auth_seq_num 
_pdbx_nonpoly_scheme.pdb_mon_id 
_pdbx_nonpoly_scheme.auth_mon_id 
_pdbx_nonpoly_scheme.pdb_strand_id 
_pdbx_nonpoly_scheme.pdb_ins_code 
E 5 MG  1 101 1   MG  MG  A . 
F 6 HT1 1 102 101 HT1 HT1 A . 
G 6 HT1 1 101 101 HT1 HT1 D . 
H 7 HOH 1 201 7   HOH HOH A . 
I 7 HOH 1 101 6   HOH HOH B . 
I 7 HOH 2 102 8   HOH HOH B . 
J 7 HOH 1 101 5   HOH HOH C . 
K 7 HOH 1 201 2   HOH HOH D . 
K 7 HOH 2 202 1   HOH HOH D . 
# 
_pdbx_struct_assembly.id                   1 
_pdbx_struct_assembly.details              author_and_software_defined_assembly 
_pdbx_struct_assembly.method_details       PISA 
_pdbx_struct_assembly.oligomeric_details   tetrameric 
_pdbx_struct_assembly.oligomeric_count     4 
# 
_pdbx_struct_assembly_gen.assembly_id       1 
_pdbx_struct_assembly_gen.oper_expression   1 
_pdbx_struct_assembly_gen.asym_id_list      A,B,C,D,E,F,G,H,I,J,K 
# 
loop_
_pdbx_struct_assembly_prop.biol_id 
_pdbx_struct_assembly_prop.type 
_pdbx_struct_assembly_prop.value 
_pdbx_struct_assembly_prop.details 
1 'ABSA (A^2)' 2320 ? 
1 MORE         -16  ? 
1 'SSA (A^2)'  9170 ? 
# 
_pdbx_struct_oper_list.id                   1 
_pdbx_struct_oper_list.type                 'identity operation' 
_pdbx_struct_oper_list.name                 1_555 
_pdbx_struct_oper_list.symmetry_operation   x,y,z 
_pdbx_struct_oper_list.matrix[1][1]         1.0000000000 
_pdbx_struct_oper_list.matrix[1][2]         0.0000000000 
_pdbx_struct_oper_list.matrix[1][3]         0.0000000000 
_pdbx_struct_oper_list.vector[1]            0.0000000000 
_pdbx_struct_oper_list.matrix[2][1]         0.0000000000 
_pdbx_struct_oper_list.matrix[2][2]         1.0000000000 
_pdbx_struct_oper_list.matrix[2][3]         0.0000000000 
_pdbx_struct_oper_list.vector[2]            0.0000000000 
_pdbx_struct_oper_list.matrix[3][1]         0.0000000000 
_pdbx_struct_oper_list.matrix[3][2]         0.0000000000 
_pdbx_struct_oper_list.matrix[3][3]         1.0000000000 
_pdbx_struct_oper_list.vector[3]            0.0000000000 
# 
_pdbx_audit_revision_history.ordinal             1 
_pdbx_audit_revision_history.data_content_type   'Structure model' 
_pdbx_audit_revision_history.major_revision      1 
_pdbx_audit_revision_history.minor_revision      0 
_pdbx_audit_revision_history.revision_date       2023-12-20 
# 
_pdbx_audit_revision_details.ordinal             1 
_pdbx_audit_revision_details.revision_ordinal    1 
_pdbx_audit_revision_details.data_content_type   'Structure model' 
_pdbx_audit_revision_details.provider            repository 
_pdbx_audit_revision_details.type                'Initial release' 
_pdbx_audit_revision_details.description         ? 
_pdbx_audit_revision_details.details             ? 
# 
loop_
_software.citation_id 
_software.classification 
_software.compiler_name 
_software.compiler_version 
_software.contact_author 
_software.contact_author_email 
_software.date 
_software.description 
_software.dependencies 
_software.hardware 
_software.language 
_software.location 
_software.mods 
_software.name 
_software.os 
_software.os_version 
_software.type 
_software.version 
_software.pdbx_ordinal 
? refinement       ? ? ? ? ? ? ? ? ? ? ? REFMAC   ? ? ? 5.8.0352 1 
? 'data scaling'   ? ? ? ? ? ? ? ? ? ? ? HKL-2000 ? ? ? .        2 
? 'data reduction' ? ? ? ? ? ? ? ? ? ? ? HKL-2000 ? ? ? .        3 
? phasing          ? ? ? ? ? ? ? ? ? ? ? PHASER   ? ? ? .        4 
# 
_pdbx_entry_details.entry_id                 8T80 
_pdbx_entry_details.has_ligand_of_interest   N 
_pdbx_entry_details.compound_details         ? 
_pdbx_entry_details.source_details           ? 
_pdbx_entry_details.nonpolymer_details       ? 
_pdbx_entry_details.sequence_details         ? 
# 
loop_
_pdbx_validate_symm_contact.id 
_pdbx_validate_symm_contact.PDB_model_num 
_pdbx_validate_symm_contact.auth_atom_id_1 
_pdbx_validate_symm_contact.auth_asym_id_1 
_pdbx_validate_symm_contact.auth_comp_id_1 
_pdbx_validate_symm_contact.auth_seq_id_1 
_pdbx_validate_symm_contact.PDB_ins_code_1 
_pdbx_validate_symm_contact.label_alt_id_1 
_pdbx_validate_symm_contact.site_symmetry_1 
_pdbx_validate_symm_contact.auth_atom_id_2 
_pdbx_validate_symm_contact.auth_asym_id_2 
_pdbx_validate_symm_contact.auth_comp_id_2 
_pdbx_validate_symm_contact.auth_seq_id_2 
_pdbx_validate_symm_contact.PDB_ins_code_2 
_pdbx_validate_symm_contact.label_alt_id_2 
_pdbx_validate_symm_contact.site_symmetry_2 
_pdbx_validate_symm_contact.dist 
1 1 OP1   B DC 1 ? ? 1_555 "O3'" B DG 5  ? ? 3_655 1.90 
2 1 "O3'" C DT 9 ? ? 1_555 OP1   D DG 10 ? ? 3_655 2.04 
3 1 P     B DC 1 ? ? 1_555 "O3'" B DG 5  ? ? 3_655 2.08 
4 1 OP2   B DC 1 ? ? 1_555 "O3'" B DG 5  ? ? 3_655 2.17 
5 1 "O3'" C DT 9 ? ? 1_555 OP2   D DG 10 ? ? 3_655 2.19 
# 
loop_
_pdbx_validate_rmsd_angle.id 
_pdbx_validate_rmsd_angle.PDB_model_num 
_pdbx_validate_rmsd_angle.auth_atom_id_1 
_pdbx_validate_rmsd_angle.auth_asym_id_1 
_pdbx_validate_rmsd_angle.auth_comp_id_1 
_pdbx_validate_rmsd_angle.auth_seq_id_1 
_pdbx_validate_rmsd_angle.PDB_ins_code_1 
_pdbx_validate_rmsd_angle.label_alt_id_1 
_pdbx_validate_rmsd_angle.auth_atom_id_2 
_pdbx_validate_rmsd_angle.auth_asym_id_2 
_pdbx_validate_rmsd_angle.auth_comp_id_2 
_pdbx_validate_rmsd_angle.auth_seq_id_2 
_pdbx_validate_rmsd_angle.PDB_ins_code_2 
_pdbx_validate_rmsd_angle.label_alt_id_2 
_pdbx_validate_rmsd_angle.auth_atom_id_3 
_pdbx_validate_rmsd_angle.auth_asym_id_3 
_pdbx_validate_rmsd_angle.auth_comp_id_3 
_pdbx_validate_rmsd_angle.auth_seq_id_3 
_pdbx_validate_rmsd_angle.PDB_ins_code_3 
_pdbx_validate_rmsd_angle.label_alt_id_3 
_pdbx_validate_rmsd_angle.angle_value 
_pdbx_validate_rmsd_angle.angle_target_value 
_pdbx_validate_rmsd_angle.angle_deviation 
_pdbx_validate_rmsd_angle.angle_standard_deviation 
_pdbx_validate_rmsd_angle.linker_flag 
1  1 "O4'" A DA 2  ? ? "C1'" A DA 2  ? ? N9    A DA 2  ? ? 110.73 108.30 2.43   0.30 N 
2  1 "C3'" A DG 3  ? ? "O3'" A DG 3  ? ? P     A DA 4  ? ? 108.64 119.70 -11.06 1.20 Y 
3  1 "C3'" A DG 11 ? ? "O3'" A DG 11 ? ? P     A DA 12 ? ? 109.34 119.70 -10.36 1.20 Y 
4  1 "C3'" A DA 12 ? ? "O3'" A DA 12 ? ? P     A DC 13 ? ? 110.68 119.70 -9.02  1.20 Y 
5  1 "C3'" A DA 17 ? ? "O3'" A DA 17 ? ? P     A DA 18 ? ? 109.76 119.70 -9.94  1.20 Y 
6  1 "C3'" A DA 18 ? ? "O3'" A DA 18 ? ? P     A DT 19 ? ? 107.59 119.70 -12.11 1.20 Y 
7  1 "C1'" A DT 19 ? ? "O4'" A DT 19 ? ? "C4'" A DT 19 ? ? 103.71 110.10 -6.39  1.00 N 
8  1 "O4'" A DT 19 ? ? "C1'" A DT 19 ? ? N1    A DT 19 ? ? 110.68 108.30 2.38   0.30 N 
9  1 "C3'" B DC 1  ? ? "O3'" B DC 1  ? ? P     B DG 2  ? ? 109.43 119.70 -10.27 1.20 Y 
10 1 "C3'" B DG 2  ? ? "O3'" B DG 2  ? ? P     B DT 3  ? ? 111.23 119.70 -8.47  1.20 Y 
11 1 "O4'" B DC 4  ? ? "C1'" B DC 4  ? ? N1    B DC 4  ? ? 101.44 108.00 -6.56  0.70 N 
12 1 "O4'" B DG 5  ? ? "C1'" B DG 5  ? ? N9    B DG 5  ? ? 110.36 108.30 2.06   0.30 N 
13 1 "O4'" C DC 2  ? ? "C1'" C DC 2  ? ? N1    C DC 2  ? ? 111.31 108.30 3.01   0.30 N 
14 1 "C3'" C DT 3  ? ? "O3'" C DT 3  ? ? P     C DA 4  ? ? 112.40 119.70 -7.30  1.20 Y 
15 1 "C3'" C DT 7  ? ? "O3'" C DT 7  ? ? P     C DG 8  ? ? 110.54 119.70 -9.16  1.20 Y 
16 1 "C3'" C DG 8  ? ? "O3'" C DG 8  ? ? P     C DT 9  ? ? 109.07 119.70 -10.63 1.20 Y 
17 1 "O4'" C DT 9  ? ? "C1'" C DT 9  ? ? N1    C DT 9  ? ? 103.17 108.00 -4.83  0.70 N 
18 1 "O5'" D DG 10 ? ? P     D DG 10 ? ? OP1   D DG 10 ? ? 99.79  105.70 -5.91  0.90 N 
19 1 "C3'" D DA 12 ? ? "O3'" D DA 12 ? ? P     D DA 13 ? ? 109.02 119.70 -10.68 1.20 Y 
20 1 "C1'" D DA 13 ? ? "O4'" D DA 13 ? ? "C4'" D DA 13 ? ? 101.59 110.10 -8.51  1.00 N 
21 1 "C3'" D DA 13 ? ? "O3'" D DA 13 ? ? P     D DT 14 ? ? 111.99 119.70 -7.71  1.20 Y 
# 
loop_
_chem_comp_atom.comp_id 
_chem_comp_atom.atom_id 
_chem_comp_atom.type_symbol 
_chem_comp_atom.pdbx_aromatic_flag 
_chem_comp_atom.pdbx_stereo_config 
_chem_comp_atom.pdbx_ordinal 
DA  OP3    O  N N 1   
DA  P      P  N N 2   
DA  OP1    O  N N 3   
DA  OP2    O  N N 4   
DA  "O5'"  O  N N 5   
DA  "C5'"  C  N N 6   
DA  "C4'"  C  N R 7   
DA  "O4'"  O  N N 8   
DA  "C3'"  C  N S 9   
DA  "O3'"  O  N N 10  
DA  "C2'"  C  N N 11  
DA  "C1'"  C  N R 12  
DA  N9     N  Y N 13  
DA  C8     C  Y N 14  
DA  N7     N  Y N 15  
DA  C5     C  Y N 16  
DA  C6     C  Y N 17  
DA  N6     N  N N 18  
DA  N1     N  Y N 19  
DA  C2     C  Y N 20  
DA  N3     N  Y N 21  
DA  C4     C  Y N 22  
DA  HOP3   H  N N 23  
DA  HOP2   H  N N 24  
DA  "H5'"  H  N N 25  
DA  "H5''" H  N N 26  
DA  "H4'"  H  N N 27  
DA  "H3'"  H  N N 28  
DA  "HO3'" H  N N 29  
DA  "H2'"  H  N N 30  
DA  "H2''" H  N N 31  
DA  "H1'"  H  N N 32  
DA  H8     H  N N 33  
DA  H61    H  N N 34  
DA  H62    H  N N 35  
DA  H2     H  N N 36  
DC  OP3    O  N N 37  
DC  P      P  N N 38  
DC  OP1    O  N N 39  
DC  OP2    O  N N 40  
DC  "O5'"  O  N N 41  
DC  "C5'"  C  N N 42  
DC  "C4'"  C  N R 43  
DC  "O4'"  O  N N 44  
DC  "C3'"  C  N S 45  
DC  "O3'"  O  N N 46  
DC  "C2'"  C  N N 47  
DC  "C1'"  C  N R 48  
DC  N1     N  N N 49  
DC  C2     C  N N 50  
DC  O2     O  N N 51  
DC  N3     N  N N 52  
DC  C4     C  N N 53  
DC  N4     N  N N 54  
DC  C5     C  N N 55  
DC  C6     C  N N 56  
DC  HOP3   H  N N 57  
DC  HOP2   H  N N 58  
DC  "H5'"  H  N N 59  
DC  "H5''" H  N N 60  
DC  "H4'"  H  N N 61  
DC  "H3'"  H  N N 62  
DC  "HO3'" H  N N 63  
DC  "H2'"  H  N N 64  
DC  "H2''" H  N N 65  
DC  "H1'"  H  N N 66  
DC  H41    H  N N 67  
DC  H42    H  N N 68  
DC  H5     H  N N 69  
DC  H6     H  N N 70  
DG  OP3    O  N N 71  
DG  P      P  N N 72  
DG  OP1    O  N N 73  
DG  OP2    O  N N 74  
DG  "O5'"  O  N N 75  
DG  "C5'"  C  N N 76  
DG  "C4'"  C  N R 77  
DG  "O4'"  O  N N 78  
DG  "C3'"  C  N S 79  
DG  "O3'"  O  N N 80  
DG  "C2'"  C  N N 81  
DG  "C1'"  C  N R 82  
DG  N9     N  Y N 83  
DG  C8     C  Y N 84  
DG  N7     N  Y N 85  
DG  C5     C  Y N 86  
DG  C6     C  N N 87  
DG  O6     O  N N 88  
DG  N1     N  N N 89  
DG  C2     C  N N 90  
DG  N2     N  N N 91  
DG  N3     N  N N 92  
DG  C4     C  Y N 93  
DG  HOP3   H  N N 94  
DG  HOP2   H  N N 95  
DG  "H5'"  H  N N 96  
DG  "H5''" H  N N 97  
DG  "H4'"  H  N N 98  
DG  "H3'"  H  N N 99  
DG  "HO3'" H  N N 100 
DG  "H2'"  H  N N 101 
DG  "H2''" H  N N 102 
DG  "H1'"  H  N N 103 
DG  H8     H  N N 104 
DG  H1     H  N N 105 
DG  H21    H  N N 106 
DG  H22    H  N N 107 
DT  OP3    O  N N 108 
DT  P      P  N N 109 
DT  OP1    O  N N 110 
DT  OP2    O  N N 111 
DT  "O5'"  O  N N 112 
DT  "C5'"  C  N N 113 
DT  "C4'"  C  N R 114 
DT  "O4'"  O  N N 115 
DT  "C3'"  C  N S 116 
DT  "O3'"  O  N N 117 
DT  "C2'"  C  N N 118 
DT  "C1'"  C  N R 119 
DT  N1     N  N N 120 
DT  C2     C  N N 121 
DT  O2     O  N N 122 
DT  N3     N  N N 123 
DT  C4     C  N N 124 
DT  O4     O  N N 125 
DT  C5     C  N N 126 
DT  C7     C  N N 127 
DT  C6     C  N N 128 
DT  HOP3   H  N N 129 
DT  HOP2   H  N N 130 
DT  "H5'"  H  N N 131 
DT  "H5''" H  N N 132 
DT  "H4'"  H  N N 133 
DT  "H3'"  H  N N 134 
DT  "HO3'" H  N N 135 
DT  "H2'"  H  N N 136 
DT  "H2''" H  N N 137 
DT  "H1'"  H  N N 138 
DT  H3     H  N N 139 
DT  H71    H  N N 140 
DT  H72    H  N N 141 
DT  H73    H  N N 142 
DT  H6     H  N N 143 
HOH O      O  N N 144 
HOH H1     H  N N 145 
HOH H2     H  N N 146 
HT1 C1     C  Y N 147 
HT1 O1     O  N N 148 
HT1 C2     C  Y N 149 
HT1 C3     C  Y N 150 
HT1 C4     C  Y N 151 
HT1 C5     C  Y N 152 
HT1 C6     C  Y N 153 
HT1 C7     C  Y N 154 
HT1 N1     N  Y N 155 
HT1 C8     C  Y N 156 
HT1 C9     C  Y N 157 
HT1 N2     N  Y N 158 
HT1 C10    C  Y N 159 
HT1 C11    C  Y N 160 
HT1 C12    C  Y N 161 
HT1 C13    C  Y N 162 
HT1 C14    C  Y N 163 
HT1 N3     N  Y N 164 
HT1 C15    C  Y N 165 
HT1 C16    C  Y N 166 
HT1 N4     N  Y N 167 
HT1 C17    C  Y N 168 
HT1 C18    C  Y N 169 
HT1 C19    C  Y N 170 
HT1 C20    C  Y N 171 
HT1 N5     N  N N 172 
HT1 C21    C  N N 173 
HT1 C22    C  N N 174 
HT1 N6     N  N N 175 
HT1 C23    C  N N 176 
HT1 C24    C  N N 177 
HT1 C25    C  N N 178 
HT1 C26    C  N N 179 
HT1 C27    C  N N 180 
HT1 H2     H  N N 181 
HT1 H3     H  N N 182 
HT1 H5     H  N N 183 
HT1 H6     H  N N 184 
HT1 HN1    H  N N 185 
HT1 H10    H  N N 186 
HT1 H11    H  N N 187 
HT1 H13    H  N N 188 
HT1 HN3    H  N N 189 
HT1 H17    H  N N 190 
HT1 H18    H  N N 191 
HT1 H20    H  N N 192 
HT1 H211   H  N N 193 
HT1 H212   H  N N 194 
HT1 H221   H  N N 195 
HT1 H222   H  N N 196 
HT1 H231   H  N N 197 
HT1 H232   H  N N 198 
HT1 H241   H  N N 199 
HT1 H242   H  N N 200 
HT1 H251   H  N N 201 
HT1 H252   H  N N 202 
HT1 H253   H  N N 203 
HT1 H261   H  N N 204 
HT1 H262   H  N N 205 
HT1 H271   H  N N 206 
HT1 H272   H  N N 207 
HT1 H273   H  N N 208 
MG  MG     MG N N 209 
# 
loop_
_chem_comp_bond.comp_id 
_chem_comp_bond.atom_id_1 
_chem_comp_bond.atom_id_2 
_chem_comp_bond.value_order 
_chem_comp_bond.pdbx_aromatic_flag 
_chem_comp_bond.pdbx_stereo_config 
_chem_comp_bond.pdbx_ordinal 
DA  OP3   P      sing N N 1   
DA  OP3   HOP3   sing N N 2   
DA  P     OP1    doub N N 3   
DA  P     OP2    sing N N 4   
DA  P     "O5'"  sing N N 5   
DA  OP2   HOP2   sing N N 6   
DA  "O5'" "C5'"  sing N N 7   
DA  "C5'" "C4'"  sing N N 8   
DA  "C5'" "H5'"  sing N N 9   
DA  "C5'" "H5''" sing N N 10  
DA  "C4'" "O4'"  sing N N 11  
DA  "C4'" "C3'"  sing N N 12  
DA  "C4'" "H4'"  sing N N 13  
DA  "O4'" "C1'"  sing N N 14  
DA  "C3'" "O3'"  sing N N 15  
DA  "C3'" "C2'"  sing N N 16  
DA  "C3'" "H3'"  sing N N 17  
DA  "O3'" "HO3'" sing N N 18  
DA  "C2'" "C1'"  sing N N 19  
DA  "C2'" "H2'"  sing N N 20  
DA  "C2'" "H2''" sing N N 21  
DA  "C1'" N9     sing N N 22  
DA  "C1'" "H1'"  sing N N 23  
DA  N9    C8     sing Y N 24  
DA  N9    C4     sing Y N 25  
DA  C8    N7     doub Y N 26  
DA  C8    H8     sing N N 27  
DA  N7    C5     sing Y N 28  
DA  C5    C6     sing Y N 29  
DA  C5    C4     doub Y N 30  
DA  C6    N6     sing N N 31  
DA  C6    N1     doub Y N 32  
DA  N6    H61    sing N N 33  
DA  N6    H62    sing N N 34  
DA  N1    C2     sing Y N 35  
DA  C2    N3     doub Y N 36  
DA  C2    H2     sing N N 37  
DA  N3    C4     sing Y N 38  
DC  OP3   P      sing N N 39  
DC  OP3   HOP3   sing N N 40  
DC  P     OP1    doub N N 41  
DC  P     OP2    sing N N 42  
DC  P     "O5'"  sing N N 43  
DC  OP2   HOP2   sing N N 44  
DC  "O5'" "C5'"  sing N N 45  
DC  "C5'" "C4'"  sing N N 46  
DC  "C5'" "H5'"  sing N N 47  
DC  "C5'" "H5''" sing N N 48  
DC  "C4'" "O4'"  sing N N 49  
DC  "C4'" "C3'"  sing N N 50  
DC  "C4'" "H4'"  sing N N 51  
DC  "O4'" "C1'"  sing N N 52  
DC  "C3'" "O3'"  sing N N 53  
DC  "C3'" "C2'"  sing N N 54  
DC  "C3'" "H3'"  sing N N 55  
DC  "O3'" "HO3'" sing N N 56  
DC  "C2'" "C1'"  sing N N 57  
DC  "C2'" "H2'"  sing N N 58  
DC  "C2'" "H2''" sing N N 59  
DC  "C1'" N1     sing N N 60  
DC  "C1'" "H1'"  sing N N 61  
DC  N1    C2     sing N N 62  
DC  N1    C6     sing N N 63  
DC  C2    O2     doub N N 64  
DC  C2    N3     sing N N 65  
DC  N3    C4     doub N N 66  
DC  C4    N4     sing N N 67  
DC  C4    C5     sing N N 68  
DC  N4    H41    sing N N 69  
DC  N4    H42    sing N N 70  
DC  C5    C6     doub N N 71  
DC  C5    H5     sing N N 72  
DC  C6    H6     sing N N 73  
DG  OP3   P      sing N N 74  
DG  OP3   HOP3   sing N N 75  
DG  P     OP1    doub N N 76  
DG  P     OP2    sing N N 77  
DG  P     "O5'"  sing N N 78  
DG  OP2   HOP2   sing N N 79  
DG  "O5'" "C5'"  sing N N 80  
DG  "C5'" "C4'"  sing N N 81  
DG  "C5'" "H5'"  sing N N 82  
DG  "C5'" "H5''" sing N N 83  
DG  "C4'" "O4'"  sing N N 84  
DG  "C4'" "C3'"  sing N N 85  
DG  "C4'" "H4'"  sing N N 86  
DG  "O4'" "C1'"  sing N N 87  
DG  "C3'" "O3'"  sing N N 88  
DG  "C3'" "C2'"  sing N N 89  
DG  "C3'" "H3'"  sing N N 90  
DG  "O3'" "HO3'" sing N N 91  
DG  "C2'" "C1'"  sing N N 92  
DG  "C2'" "H2'"  sing N N 93  
DG  "C2'" "H2''" sing N N 94  
DG  "C1'" N9     sing N N 95  
DG  "C1'" "H1'"  sing N N 96  
DG  N9    C8     sing Y N 97  
DG  N9    C4     sing Y N 98  
DG  C8    N7     doub Y N 99  
DG  C8    H8     sing N N 100 
DG  N7    C5     sing Y N 101 
DG  C5    C6     sing N N 102 
DG  C5    C4     doub Y N 103 
DG  C6    O6     doub N N 104 
DG  C6    N1     sing N N 105 
DG  N1    C2     sing N N 106 
DG  N1    H1     sing N N 107 
DG  C2    N2     sing N N 108 
DG  C2    N3     doub N N 109 
DG  N2    H21    sing N N 110 
DG  N2    H22    sing N N 111 
DG  N3    C4     sing N N 112 
DT  OP3   P      sing N N 113 
DT  OP3   HOP3   sing N N 114 
DT  P     OP1    doub N N 115 
DT  P     OP2    sing N N 116 
DT  P     "O5'"  sing N N 117 
DT  OP2   HOP2   sing N N 118 
DT  "O5'" "C5'"  sing N N 119 
DT  "C5'" "C4'"  sing N N 120 
DT  "C5'" "H5'"  sing N N 121 
DT  "C5'" "H5''" sing N N 122 
DT  "C4'" "O4'"  sing N N 123 
DT  "C4'" "C3'"  sing N N 124 
DT  "C4'" "H4'"  sing N N 125 
DT  "O4'" "C1'"  sing N N 126 
DT  "C3'" "O3'"  sing N N 127 
DT  "C3'" "C2'"  sing N N 128 
DT  "C3'" "H3'"  sing N N 129 
DT  "O3'" "HO3'" sing N N 130 
DT  "C2'" "C1'"  sing N N 131 
DT  "C2'" "H2'"  sing N N 132 
DT  "C2'" "H2''" sing N N 133 
DT  "C1'" N1     sing N N 134 
DT  "C1'" "H1'"  sing N N 135 
DT  N1    C2     sing N N 136 
DT  N1    C6     sing N N 137 
DT  C2    O2     doub N N 138 
DT  C2    N3     sing N N 139 
DT  N3    C4     sing N N 140 
DT  N3    H3     sing N N 141 
DT  C4    O4     doub N N 142 
DT  C4    C5     sing N N 143 
DT  C5    C7     sing N N 144 
DT  C5    C6     doub N N 145 
DT  C7    H71    sing N N 146 
DT  C7    H72    sing N N 147 
DT  C7    H73    sing N N 148 
DT  C6    H6     sing N N 149 
HOH O     H1     sing N N 150 
HOH O     H2     sing N N 151 
HT1 C1    O1     sing N N 152 
HT1 C1    C2     doub Y N 153 
HT1 C1    C6     sing Y N 154 
HT1 O1    C26    sing N N 155 
HT1 C2    C3     sing Y N 156 
HT1 C2    H2     sing N N 157 
HT1 C3    C4     doub Y N 158 
HT1 C3    H3     sing N N 159 
HT1 C4    C5     sing Y N 160 
HT1 C4    C7     sing Y N 161 
HT1 C5    C6     doub Y N 162 
HT1 C5    H5     sing N N 163 
HT1 C6    H6     sing N N 164 
HT1 C7    N1     sing Y N 165 
HT1 C7    N2     doub Y N 166 
HT1 N1    C8     sing Y N 167 
HT1 N1    HN1    sing N N 168 
HT1 C8    C9     doub Y N 169 
HT1 C8    C13    sing Y N 170 
HT1 C9    N2     sing Y N 171 
HT1 C9    C10    sing Y N 172 
HT1 C10   C11    doub Y N 173 
HT1 C10   H10    sing N N 174 
HT1 C11   C12    sing Y N 175 
HT1 C11   H11    sing N N 176 
HT1 C12   C13    doub Y N 177 
HT1 C12   C14    sing Y N 178 
HT1 C13   H13    sing N N 179 
HT1 C14   N3     sing Y N 180 
HT1 C14   N4     doub Y N 181 
HT1 N3    C15    sing Y N 182 
HT1 N3    HN3    sing N N 183 
HT1 C15   C16    doub Y N 184 
HT1 C15   C20    sing Y N 185 
HT1 C16   N4     sing Y N 186 
HT1 C16   C17    sing Y N 187 
HT1 C17   C18    doub Y N 188 
HT1 C17   H17    sing N N 189 
HT1 C18   C19    sing Y N 190 
HT1 C18   H18    sing N N 191 
HT1 C19   C20    doub Y N 192 
HT1 C19   N5     sing N N 193 
HT1 C20   H20    sing N N 194 
HT1 N5    C21    sing N N 195 
HT1 N5    C24    sing N N 196 
HT1 C21   C22    sing N N 197 
HT1 C21   H211   sing N N 198 
HT1 C21   H212   sing N N 199 
HT1 C22   N6     sing N N 200 
HT1 C22   H221   sing N N 201 
HT1 C22   H222   sing N N 202 
HT1 N6    C23    sing N N 203 
HT1 N6    C25    sing N N 204 
HT1 C23   C24    sing N N 205 
HT1 C23   H231   sing N N 206 
HT1 C23   H232   sing N N 207 
HT1 C24   H241   sing N N 208 
HT1 C24   H242   sing N N 209 
HT1 C25   H251   sing N N 210 
HT1 C25   H252   sing N N 211 
HT1 C25   H253   sing N N 212 
HT1 C26   C27    sing N N 213 
HT1 C26   H261   sing N N 214 
HT1 C26   H262   sing N N 215 
HT1 C27   H271   sing N N 216 
HT1 C27   H272   sing N N 217 
HT1 C27   H273   sing N N 218 
# 
loop_
_ndb_struct_conf_na.entry_id 
_ndb_struct_conf_na.feature 
8T80 'double helix'        
8T80 'a-form double helix' 
8T80 'b-form double helix' 
# 
loop_
_ndb_struct_na_base_pair.model_number 
_ndb_struct_na_base_pair.i_label_asym_id 
_ndb_struct_na_base_pair.i_label_comp_id 
_ndb_struct_na_base_pair.i_label_seq_id 
_ndb_struct_na_base_pair.i_symmetry 
_ndb_struct_na_base_pair.j_label_asym_id 
_ndb_struct_na_base_pair.j_label_comp_id 
_ndb_struct_na_base_pair.j_label_seq_id 
_ndb_struct_na_base_pair.j_symmetry 
_ndb_struct_na_base_pair.shear 
_ndb_struct_na_base_pair.stretch 
_ndb_struct_na_base_pair.stagger 
_ndb_struct_na_base_pair.buckle 
_ndb_struct_na_base_pair.propeller 
_ndb_struct_na_base_pair.opening 
_ndb_struct_na_base_pair.pair_number 
_ndb_struct_na_base_pair.pair_name 
_ndb_struct_na_base_pair.i_auth_asym_id 
_ndb_struct_na_base_pair.i_auth_seq_id 
_ndb_struct_na_base_pair.i_PDB_ins_code 
_ndb_struct_na_base_pair.j_auth_asym_id 
_ndb_struct_na_base_pair.j_auth_seq_id 
_ndb_struct_na_base_pair.j_PDB_ins_code 
_ndb_struct_na_base_pair.hbond_type_28 
_ndb_struct_na_base_pair.hbond_type_12 
1 A DG 3  1_555 D DC 7 1_555 0.995  -0.003 0.261  10.128  -12.224 -1.547  1  A_DG3:DC16_D A 3  ? D 16 ? 19 1 
1 A DA 4  1_555 D DT 6 1_555 0.582  0.012  0.866  -0.855  -17.752 -6.948  2  A_DA4:DT15_D A 4  ? D 15 ? 20 1 
1 A DA 5  1_555 D DT 5 1_555 -0.580 0.010  0.612  1.602   -13.340 -10.136 3  A_DA5:DT14_D A 5  ? D 14 ? 20 1 
1 A DT 6  1_555 D DA 4 1_555 -0.252 -0.189 0.609  5.003   -21.533 -10.930 4  A_DT6:DA13_D A 6  ? D 13 ? 20 1 
1 A DT 7  1_555 D DA 3 1_555 -0.380 -0.301 0.347  7.933   -18.481 -7.688  5  A_DT7:DA12_D A 7  ? D 12 ? 20 1 
1 A DC 8  1_555 D DG 2 1_555 -0.241 -0.038 0.233  7.097   -6.032  0.991   6  A_DC8:DG11_D A 8  ? D 11 ? 19 1 
1 A DC 9  1_555 D DG 1 1_555 -0.319 -0.284 0.374  -9.966  -10.229 -8.004  7  A_DC9:DG10_D A 9  ? D 10 ? 19 1 
1 A DT 10 1_555 B DG 5 1_555 -1.704 0.228  1.629  -28.142 6.284   1.004   8  A_DT10:DG5_B A 10 ? B 5  ? ?  1 
1 A DG 11 1_555 B DC 4 1_555 0.687  0.004  0.580  10.535  -4.509  3.960   9  A_DG11:DC4_B A 11 ? B 4  ? 19 1 
1 A DA 12 1_555 B DT 3 1_555 -0.195 -0.199 -0.333 -4.584  -16.158 -2.156  10 A_DA12:DT3_B A 12 ? B 3  ? 20 1 
1 A DC 13 1_555 B DG 2 1_555 -0.401 -0.055 0.516  -5.752  -11.373 3.577   11 A_DC13:DG2_B A 13 ? B 2  ? 19 1 
1 A DG 14 1_555 B DC 1 1_555 0.480  -0.098 1.032  8.186   -9.133  4.094   12 A_DG14:DC1_B A 14 ? B 1  ? 19 1 
1 A DA 15 1_555 C DT 9 1_555 -0.561 -0.133 1.040  5.602   -0.018  3.400   13 A_DA15:DT9_C A 15 ? C 9  ? 20 1 
1 A DC 16 1_555 C DG 8 1_555 0.765  -0.153 0.761  13.392  -7.498  -1.104  14 A_DC16:DG8_C A 16 ? C 8  ? 19 1 
1 A DA 17 1_555 C DT 7 1_555 0.355  -0.276 0.389  13.164  -18.724 -6.544  15 A_DA17:DT7_C A 17 ? C 7  ? 20 1 
1 A DA 18 1_555 C DT 6 1_555 -0.188 -0.526 0.047  -4.453  -17.621 0.128   16 A_DA18:DT6_C A 18 ? C 6  ? 20 1 
1 A DT 19 1_555 C DA 5 1_555 -0.815 -0.341 0.749  -11.373 -19.335 -0.999  17 A_DT19:DA5_C A 19 ? C 5  ? 20 1 
1 A DT 20 1_555 C DA 4 1_555 0.066  0.230  0.450  -11.599 -20.671 -3.069  18 A_DT20:DA4_C A 20 ? C 4  ? 20 1 
1 A DA 21 1_555 C DT 3 1_555 1.121  0.121  -0.446 -3.991  -23.690 -2.743  19 A_DA21:DT3_C A 21 ? C 3  ? 20 1 
# 
loop_
_ndb_struct_na_base_pair_step.model_number 
_ndb_struct_na_base_pair_step.i_label_asym_id_1 
_ndb_struct_na_base_pair_step.i_label_comp_id_1 
_ndb_struct_na_base_pair_step.i_label_seq_id_1 
_ndb_struct_na_base_pair_step.i_symmetry_1 
_ndb_struct_na_base_pair_step.j_label_asym_id_1 
_ndb_struct_na_base_pair_step.j_label_comp_id_1 
_ndb_struct_na_base_pair_step.j_label_seq_id_1 
_ndb_struct_na_base_pair_step.j_symmetry_1 
_ndb_struct_na_base_pair_step.i_label_asym_id_2 
_ndb_struct_na_base_pair_step.i_label_comp_id_2 
_ndb_struct_na_base_pair_step.i_label_seq_id_2 
_ndb_struct_na_base_pair_step.i_symmetry_2 
_ndb_struct_na_base_pair_step.j_label_asym_id_2 
_ndb_struct_na_base_pair_step.j_label_comp_id_2 
_ndb_struct_na_base_pair_step.j_label_seq_id_2 
_ndb_struct_na_base_pair_step.j_symmetry_2 
_ndb_struct_na_base_pair_step.shift 
_ndb_struct_na_base_pair_step.slide 
_ndb_struct_na_base_pair_step.rise 
_ndb_struct_na_base_pair_step.tilt 
_ndb_struct_na_base_pair_step.roll 
_ndb_struct_na_base_pair_step.twist 
_ndb_struct_na_base_pair_step.x_displacement 
_ndb_struct_na_base_pair_step.y_displacement 
_ndb_struct_na_base_pair_step.helical_rise 
_ndb_struct_na_base_pair_step.inclination 
_ndb_struct_na_base_pair_step.tip 
_ndb_struct_na_base_pair_step.helical_twist 
_ndb_struct_na_base_pair_step.step_number 
_ndb_struct_na_base_pair_step.step_name 
_ndb_struct_na_base_pair_step.i_auth_asym_id_1 
_ndb_struct_na_base_pair_step.i_auth_seq_id_1 
_ndb_struct_na_base_pair_step.i_PDB_ins_code_1 
_ndb_struct_na_base_pair_step.j_auth_asym_id_1 
_ndb_struct_na_base_pair_step.j_auth_seq_id_1 
_ndb_struct_na_base_pair_step.j_PDB_ins_code_1 
_ndb_struct_na_base_pair_step.i_auth_asym_id_2 
_ndb_struct_na_base_pair_step.i_auth_seq_id_2 
_ndb_struct_na_base_pair_step.i_PDB_ins_code_2 
_ndb_struct_na_base_pair_step.j_auth_asym_id_2 
_ndb_struct_na_base_pair_step.j_auth_seq_id_2 
_ndb_struct_na_base_pair_step.j_PDB_ins_code_2 
1 A DG 3  1_555 D DC 7 1_555 A DA 4  1_555 D DT 6 1_555 -1.048 0.629  3.583 -4.758 2.751  37.383 0.573  0.930  3.719 4.264   7.374 
37.771 1  AA_DG3DA4:DT15DC16_DD A 3  ? D 16 ? A 4  ? D 15 ? 
1 A DA 4  1_555 D DT 6 1_555 A DA 5  1_555 D DT 5 1_555 -0.451 -1.270 3.082 -2.220 -1.440 25.028 -2.510 0.410  3.176 -3.310  5.105 
25.165 2  AA_DA4DA5:DT14DT15_DD A 4  ? D 15 ? A 5  ? D 14 ? 
1 A DA 5  1_555 D DT 5 1_555 A DT 6  1_555 D DA 4 1_555 0.328  -1.158 2.964 0.901  -5.060 40.330 -1.145 -0.379 3.088 -7.303  
-1.301  40.642 3  AA_DA5DT6:DA13DT14_DD A 5  ? D 14 ? A 6  ? D 13 ? 
1 A DT 6  1_555 D DA 4 1_555 A DT 7  1_555 D DA 3 1_555 0.661  -0.596 2.963 3.962  -3.976 32.247 -0.420 -0.538 3.069 -7.091  
-7.065  32.719 4  AA_DT6DT7:DA12DA13_DD A 6  ? D 13 ? A 7  ? D 12 ? 
1 A DT 7  1_555 D DA 3 1_555 A DC 8  1_555 D DG 2 1_555 0.460  -0.641 3.428 -3.214 2.716  36.559 -1.399 -1.181 3.323 4.312   5.103 
36.792 5  AA_DT7DC8:DG11DA12_DD A 7  ? D 12 ? A 8  ? D 11 ? 
1 A DC 8  1_555 D DG 2 1_555 A DC 9  1_555 D DG 1 1_555 -0.645 -1.993 3.661 -4.397 0.391  35.149 -3.341 0.331  3.690 0.645   7.245 
35.416 6  AA_DC8DC9:DG10DG11_DD A 8  ? D 11 ? A 9  ? D 10 ? 
1 A DC 9  1_555 D DG 1 1_555 A DT 10 1_555 B DG 5 1_555 -0.500 -1.744 3.863 -6.286 -0.651 17.020 -5.081 -2.757 3.859 -2.107  
20.350  18.147 7  AA_DC9DT10:DG5DG10_BD A 9  ? D 10 ? A 10 ? B 5  ? 
1 A DT 10 1_555 B DG 5 1_555 A DG 11 1_555 B DC 4 1_555 0.026  1.085  2.546 8.944  -4.515 40.088 1.910  0.698  2.368 -6.465  
-12.807 41.271 8  AA_DT10DG11:DC4DG5_BB A 10 ? B 5  ? A 11 ? B 4  ? 
1 A DG 11 1_555 B DC 4 1_555 A DA 12 1_555 B DT 3 1_555 -0.384 0.347  3.591 7.282  6.793  36.259 -0.434 1.640  3.460 10.669  
-11.437 37.557 9  AA_DG11DA12:DT3DC4_BB A 11 ? B 4  ? A 12 ? B 3  ? 
1 A DA 12 1_555 B DT 3 1_555 A DC 13 1_555 B DG 2 1_555 0.775  -0.845 3.133 -7.510 3.928  34.694 -1.903 -2.266 2.801 6.467   
12.366  35.683 10 AA_DA12DC13:DG2DT3_BB A 12 ? B 3  ? A 13 ? B 2  ? 
1 A DC 13 1_555 B DG 2 1_555 A DG 14 1_555 B DC 1 1_555 -0.210 -0.075 2.843 -6.146 -2.315 41.865 0.103  -0.258 2.845 -3.216  8.537 
42.354 11 AA_DC13DG14:DC1DG2_BB A 13 ? B 2  ? A 14 ? B 1  ? 
1 A DG 14 1_555 B DC 1 1_555 A DA 15 1_555 C DT 9 1_555 -1.149 -0.701 3.225 -2.706 -1.278 24.605 -1.243 1.850  3.362 -2.986  6.320 
24.784 12 AA_DG14DA15:DT9DC1_CB A 14 ? B 1  ? A 15 ? C 9  ? 
1 A DA 15 1_555 C DT 9 1_555 A DC 16 1_555 C DG 8 1_555 0.442  -0.729 3.230 2.694  -0.620 35.239 -1.110 -0.333 3.266 -1.022  
-4.442  35.344 13 AA_DA15DC16:DG8DT9_CC A 15 ? C 9  ? A 16 ? C 8  ? 
1 A DC 16 1_555 C DG 8 1_555 A DA 17 1_555 C DT 7 1_555 -0.106 -0.021 3.156 2.147  3.188  35.601 -0.476 0.470  3.131 5.196   
-3.499  35.802 14 AA_DC16DA17:DT7DG8_CC A 16 ? C 8  ? A 17 ? C 7  ? 
1 A DA 17 1_555 C DT 7 1_555 A DA 18 1_555 C DT 6 1_555 -0.020 -0.790 3.662 -1.720 4.756  32.792 -2.264 -0.284 3.512 8.362   3.025 
33.169 15 AA_DA17DA18:DT6DT7_CC A 17 ? C 7  ? A 18 ? C 6  ? 
1 A DA 18 1_555 C DT 6 1_555 A DT 19 1_555 C DA 5 1_555 0.142  -0.860 3.402 -3.276 -8.339 29.526 0.129  -0.954 3.475 -15.907 6.248 
30.827 16 AA_DA18DT19:DA5DT6_CC A 18 ? C 6  ? A 19 ? C 5  ? 
1 A DT 19 1_555 C DA 5 1_555 A DT 20 1_555 C DA 4 1_555 0.013  -0.220 3.146 4.315  -1.179 43.426 -0.187 0.381  3.138 -1.589  
-5.813  43.645 17 AA_DT19DT20:DA4DA5_CC A 19 ? C 5  ? A 20 ? C 4  ? 
1 A DT 20 1_555 C DA 4 1_555 A DA 21 1_555 C DT 3 1_555 0.075  1.383  3.237 11.137 -0.456 42.211 1.905  0.963  3.144 -0.620  
-15.150 43.592 18 AA_DT20DA21:DT3DA4_CC A 20 ? C 4  ? A 21 ? C 3  ? 
# 
loop_
_pdbx_audit_support.funding_organization 
_pdbx_audit_support.country 
_pdbx_audit_support.grant_number 
_pdbx_audit_support.ordinal 
'National Science Foundation (NSF, United States)'                                         'United States' 1360635     1 
'National Institutes of Health/National Institute of General Medical Sciences (NIH/NIGMS)' 'United States' R01GM104960 2 
'National Science Foundation (NSF, United States)'                                         'United States' NSF2004250  3 
# 
loop_
_pdbx_entity_nonpoly.entity_id 
_pdbx_entity_nonpoly.name 
_pdbx_entity_nonpoly.comp_id 
5 'MAGNESIUM ION'                                                        MG  
6 "2'-(4-ETHOXYPHENYL)-5-(4-METHYL-1-PIPERAZINYL)-2,5'-BI-BENZIMIDAZOLE" HT1 
7 water                                                                  HOH 
# 
_pdbx_initial_refinement_model.id               1 
_pdbx_initial_refinement_model.entity_id_list   ? 
_pdbx_initial_refinement_model.type             'experimental model' 
_pdbx_initial_refinement_model.source_name      PDB 
_pdbx_initial_refinement_model.accession_code   5KEK 
_pdbx_initial_refinement_model.details          ? 
# 
